data_8CS5
# 
_entry.id   8CS5 
# 
_audit_conform.dict_name       mmcif_pdbx.dic 
_audit_conform.dict_version    5.380 
_audit_conform.dict_location   http://mmcif.pdb.org/dictionaries/ascii/mmcif_pdbx.dic 
# 
loop_
_database_2.database_id 
_database_2.database_code 
_database_2.pdbx_database_accession 
_database_2.pdbx_DOI 
PDB   8CS5         pdb_00008cs5 10.2210/pdb8cs5/pdb 
WWPDB D_1000265365 ?            ?                   
# 
_pdbx_database_related.db_name        PDB 
_pdbx_database_related.details        'Different sticky ends' 
_pdbx_database_related.db_id          7R96 
_pdbx_database_related.content_type   unspecified 
# 
_pdbx_database_status.status_code                     REL 
_pdbx_database_status.status_code_sf                  REL 
_pdbx_database_status.status_code_mr                  ? 
_pdbx_database_status.entry_id                        8CS5 
_pdbx_database_status.recvd_initial_deposition_date   2022-05-12 
_pdbx_database_status.SG_entry                        N 
_pdbx_database_status.deposit_site                    RCSB 
_pdbx_database_status.process_site                    RCSB 
_pdbx_database_status.status_code_cs                  ? 
_pdbx_database_status.status_code_nmr_data            ? 
_pdbx_database_status.methods_development_category    ? 
_pdbx_database_status.pdb_format_compatible           N 
# 
loop_
_audit_author.name 
_audit_author.pdbx_ordinal 
_audit_author.identifier_ORCID 
'Lu, B.'        1 0000-0001-6424-2197 
'Vecchioni, S.' 2 0000-0001-8243-650X 
'Ohayon, Y.P.'  3 0000-0001-7500-4282 
'Seeman, N.C.'  4 0000-0002-9680-4649 
'Mao, C.'       5 0000-0001-7516-8666 
'Sha, R.'       6 0000-0002-0807-734X 
# 
_citation.abstract                  ? 
_citation.abstract_id_CAS           ? 
_citation.book_id_ISBN              ? 
_citation.book_publisher            ? 
_citation.book_publisher_city       ? 
_citation.book_title                ? 
_citation.coordinate_linkage        ? 
_citation.country                   GE 
_citation.database_id_Medline       ? 
_citation.details                   ? 
_citation.id                        primary 
_citation.journal_abbrev            Angew.Chem.Int.Ed.Engl. 
_citation.journal_id_ASTM           ACIEAY 
_citation.journal_id_CSD            0179 
_citation.journal_id_ISSN           1521-3773 
_citation.journal_full              ? 
_citation.journal_issue             ? 
_citation.journal_volume            62 
_citation.language                  ? 
_citation.page_first                e202213451 
_citation.page_last                 e202213451 
_citation.title                     'Programmable 3D Hexagonal Geometry of DNA Tensegrity Triangles.' 
_citation.year                      2023 
_citation.database_id_CSD           ? 
_citation.pdbx_database_id_DOI      10.1002/anie.202213451 
_citation.pdbx_database_id_PubMed   36520622 
_citation.pdbx_database_id_patent   ? 
_citation.unpublished_flag          ? 
# 
loop_
_citation_author.citation_id 
_citation_author.name 
_citation_author.ordinal 
_citation_author.identifier_ORCID 
primary 'Lu, B.'        1 ?                   
primary 'Woloszyn, K.'  2 ?                   
primary 'Ohayon, Y.P.'  3 ?                   
primary 'Yang, B.'      4 ?                   
primary 'Zhang, C.'     5 ?                   
primary 'Mao, C.'       6 ?                   
primary 'Seeman, N.C.'  7 ?                   
primary 'Vecchioni, S.' 8 ?                   
primary 'Sha, R.'       9 0000-0002-0807-734X 
# 
_cell.angle_alpha                  90.000 
_cell.angle_alpha_esd              ? 
_cell.angle_beta                   90.000 
_cell.angle_beta_esd               ? 
_cell.angle_gamma                  120.000 
_cell.angle_gamma_esd              ? 
_cell.entry_id                     8CS5 
_cell.details                      ? 
_cell.formula_units_Z              ? 
_cell.length_a                     123.204 
_cell.length_a_esd                 ? 
_cell.length_b                     123.204 
_cell.length_b_esd                 ? 
_cell.length_c                     57.076 
_cell.length_c_esd                 ? 
_cell.volume                       750297.980 
_cell.volume_esd                   ? 
_cell.Z_PDB                        6 
_cell.reciprocal_angle_alpha       ? 
_cell.reciprocal_angle_beta        ? 
_cell.reciprocal_angle_gamma       ? 
_cell.reciprocal_angle_alpha_esd   ? 
_cell.reciprocal_angle_beta_esd    ? 
_cell.reciprocal_angle_gamma_esd   ? 
_cell.reciprocal_length_a          ? 
_cell.reciprocal_length_b          ? 
_cell.reciprocal_length_c          ? 
_cell.reciprocal_length_a_esd      ? 
_cell.reciprocal_length_b_esd      ? 
_cell.reciprocal_length_c_esd      ? 
_cell.pdbx_unique_axis             ? 
_cell.pdbx_esd_method              ? 
# 
_symmetry.entry_id                         8CS5 
_symmetry.cell_setting                     ? 
_symmetry.Int_Tables_number                173 
_symmetry.space_group_name_Hall            'P 6c' 
_symmetry.space_group_name_H-M             'P 63' 
_symmetry.pdbx_full_space_group_name_H-M   ? 
# 
loop_
_entity.id 
_entity.type 
_entity.src_method 
_entity.pdbx_description 
_entity.formula_weight 
_entity.pdbx_number_of_molecules 
_entity.pdbx_ec 
_entity.pdbx_mutation 
_entity.pdbx_fragment 
_entity.details 
1 polymer syn 
;DNA (5'-D(*GP*GP*AP*CP*AP*GP*CP*CP*TP*GP*TP*AP*CP*GP*GP*AP*CP*AP*TP*CP*A)-3')
;
6457.188 1 ? ? ? ? 
2 polymer syn 
;DNA (5'-D(P*CP*CP*GP*TP*AP*CP*A)-3')
;
2082.400 1 ? ? ? ? 
3 polymer syn 
;DNA (5'-D(P*GP*GP*CP*TP*G)-3')
;
1536.035 1 ? ? ? ? 
4 polymer syn 
;DNA (5'-D(*CP*TP*CP*TP*GP*AP*TP*GP*T)-3')
;
2721.796 1 ? ? ? ? 
# 
loop_
_entity_poly.entity_id 
_entity_poly.type 
_entity_poly.nstd_linkage 
_entity_poly.nstd_monomer 
_entity_poly.pdbx_seq_one_letter_code 
_entity_poly.pdbx_seq_one_letter_code_can 
_entity_poly.pdbx_strand_id 
_entity_poly.pdbx_target_identifier 
1 polydeoxyribonucleotide no no 
;(DG)(DG)(DA)(DC)(DA)(DG)(DC)(DC)(DT)(DG)(DT)(DA)(DC)(DG)(DG)(DA)(DC)(DA)(DT)(DC)
(DA)
;
GGACAGCCTGTACGGACATCA A ? 
2 polydeoxyribonucleotide no no '(DC)(DC)(DG)(DT)(DA)(DC)(DA)'                                                          CCGTACA B 
? 
3 polydeoxyribonucleotide no no '(DG)(DG)(DC)(DT)(DG)'                                                                  GGCTG C ? 
4 polydeoxyribonucleotide no no '(DC)(DT)(DC)(DT)(DG)(DA)(DT)(DG)(DT)'                                                  CTCTGATGT 
D ? 
# 
loop_
_entity_poly_seq.entity_id 
_entity_poly_seq.num 
_entity_poly_seq.mon_id 
_entity_poly_seq.hetero 
1 1  DG n 
1 2  DG n 
1 3  DA n 
1 4  DC n 
1 5  DA n 
1 6  DG n 
1 7  DC n 
1 8  DC n 
1 9  DT n 
1 10 DG n 
1 11 DT n 
1 12 DA n 
1 13 DC n 
1 14 DG n 
1 15 DG n 
1 16 DA n 
1 17 DC n 
1 18 DA n 
1 19 DT n 
1 20 DC n 
1 21 DA n 
2 1  DC n 
2 2  DC n 
2 3  DG n 
2 4  DT n 
2 5  DA n 
2 6  DC n 
2 7  DA n 
3 1  DG n 
3 2  DG n 
3 3  DC n 
3 4  DT n 
3 5  DG n 
4 1  DC n 
4 2  DT n 
4 3  DC n 
4 4  DT n 
4 5  DG n 
4 6  DA n 
4 7  DT n 
4 8  DG n 
4 9  DT n 
# 
loop_
_pdbx_entity_src_syn.entity_id 
_pdbx_entity_src_syn.pdbx_src_id 
_pdbx_entity_src_syn.pdbx_alt_source_flag 
_pdbx_entity_src_syn.pdbx_beg_seq_num 
_pdbx_entity_src_syn.pdbx_end_seq_num 
_pdbx_entity_src_syn.organism_scientific 
_pdbx_entity_src_syn.organism_common_name 
_pdbx_entity_src_syn.ncbi_taxonomy_id 
_pdbx_entity_src_syn.details 
1 1 sample 1 21 'synthetic construct' ? 32630 ? 
2 1 sample 1 7  'synthetic construct' ? 32630 ? 
3 1 sample 1 5  'synthetic construct' ? 32630 ? 
4 1 sample 1 9  'synthetic construct' ? 32630 ? 
# 
loop_
_struct_ref.id 
_struct_ref.db_name 
_struct_ref.db_code 
_struct_ref.pdbx_db_accession 
_struct_ref.pdbx_db_isoform 
_struct_ref.entity_id 
_struct_ref.pdbx_seq_one_letter_code 
_struct_ref.pdbx_align_begin 
1 PDB 8CS5 8CS5 ? 1 ? 1 
2 PDB 8CS5 8CS5 ? 2 ? 1 
3 PDB 8CS5 8CS5 ? 3 ? 1 
4 PDB 8CS5 8CS5 ? 4 ? 1 
# 
loop_
_struct_ref_seq.align_id 
_struct_ref_seq.ref_id 
_struct_ref_seq.pdbx_PDB_id_code 
_struct_ref_seq.pdbx_strand_id 
_struct_ref_seq.seq_align_beg 
_struct_ref_seq.pdbx_seq_align_beg_ins_code 
_struct_ref_seq.seq_align_end 
_struct_ref_seq.pdbx_seq_align_end_ins_code 
_struct_ref_seq.pdbx_db_accession 
_struct_ref_seq.db_align_beg 
_struct_ref_seq.pdbx_db_align_beg_ins_code 
_struct_ref_seq.db_align_end 
_struct_ref_seq.pdbx_db_align_end_ins_code 
_struct_ref_seq.pdbx_auth_seq_align_beg 
_struct_ref_seq.pdbx_auth_seq_align_end 
1 1 8CS5 A 1 ? 21 ? 8CS5 101 ? 121 ? 101 121 
2 2 8CS5 B 1 ? 7  ? 8CS5 119 ? 125 ? 119 125 
3 3 8CS5 C 1 ? 5  ? 8CS5 209 ? 213 ? 209 213 
4 4 8CS5 D 1 ? 9  ? 8CS5 200 ? 208 ? 200 208 
# 
loop_
_chem_comp.id 
_chem_comp.type 
_chem_comp.mon_nstd_flag 
_chem_comp.name 
_chem_comp.pdbx_synonyms 
_chem_comp.formula 
_chem_comp.formula_weight 
DA 'DNA linking' y "2'-DEOXYADENOSINE-5'-MONOPHOSPHATE" ? 'C10 H14 N5 O6 P' 331.222 
DC 'DNA linking' y "2'-DEOXYCYTIDINE-5'-MONOPHOSPHATE"  ? 'C9 H14 N3 O7 P'  307.197 
DG 'DNA linking' y "2'-DEOXYGUANOSINE-5'-MONOPHOSPHATE" ? 'C10 H14 N5 O7 P' 347.221 
DT 'DNA linking' y "THYMIDINE-5'-MONOPHOSPHATE"         ? 'C10 H15 N2 O8 P' 322.208 
# 
_exptl.absorpt_coefficient_mu     ? 
_exptl.absorpt_correction_T_max   ? 
_exptl.absorpt_correction_T_min   ? 
_exptl.absorpt_correction_type    ? 
_exptl.absorpt_process_details    ? 
_exptl.entry_id                   8CS5 
_exptl.crystals_number            1 
_exptl.details                    ? 
_exptl.method                     'X-RAY DIFFRACTION' 
_exptl.method_details             ? 
# 
_exptl_crystal.colour                       ? 
_exptl_crystal.density_diffrn               ? 
_exptl_crystal.density_Matthews             ? 
_exptl_crystal.density_method               ? 
_exptl_crystal.density_percent_sol          ? 
_exptl_crystal.description                  ? 
_exptl_crystal.F_000                        ? 
_exptl_crystal.id                           1 
_exptl_crystal.preparation                  ? 
_exptl_crystal.size_max                     ? 
_exptl_crystal.size_mid                     ? 
_exptl_crystal.size_min                     ? 
_exptl_crystal.size_rad                     ? 
_exptl_crystal.colour_lustre                ? 
_exptl_crystal.colour_modifier              ? 
_exptl_crystal.colour_primary               ? 
_exptl_crystal.density_meas                 ? 
_exptl_crystal.density_meas_esd             ? 
_exptl_crystal.density_meas_gt              ? 
_exptl_crystal.density_meas_lt              ? 
_exptl_crystal.density_meas_temp            ? 
_exptl_crystal.density_meas_temp_esd        ? 
_exptl_crystal.density_meas_temp_gt         ? 
_exptl_crystal.density_meas_temp_lt         ? 
_exptl_crystal.pdbx_crystal_image_url       ? 
_exptl_crystal.pdbx_crystal_image_format    ? 
_exptl_crystal.pdbx_mosaicity               ? 
_exptl_crystal.pdbx_mosaicity_esd           ? 
_exptl_crystal.pdbx_mosaic_method           ? 
_exptl_crystal.pdbx_mosaic_block_size       ? 
_exptl_crystal.pdbx_mosaic_block_size_esd   ? 
# 
_exptl_crystal_grow.apparatus       ? 
_exptl_crystal_grow.atmosphere      ? 
_exptl_crystal_grow.crystal_id      1 
_exptl_crystal_grow.details         ? 
_exptl_crystal_grow.method          'VAPOR DIFFUSION, HANGING DROP' 
_exptl_crystal_grow.method_ref      ? 
_exptl_crystal_grow.pH              9.5 
_exptl_crystal_grow.pressure        ? 
_exptl_crystal_grow.pressure_esd    ? 
_exptl_crystal_grow.seeding         ? 
_exptl_crystal_grow.seeding_ref     ? 
_exptl_crystal_grow.temp            293 
_exptl_crystal_grow.temp_details    '338-293 at 0.4/hr' 
_exptl_crystal_grow.temp_esd        ? 
_exptl_crystal_grow.time            ? 
_exptl_crystal_grow.pdbx_details    '1.75 M ammonium sulfate, 120 mM Tris, 120 mM Acetic Acid, 6 mM EDTA' 
_exptl_crystal_grow.pdbx_pH_range   ? 
# 
_diffrn.ambient_environment              ? 
_diffrn.ambient_temp                     100 
_diffrn.ambient_temp_details             ? 
_diffrn.ambient_temp_esd                 ? 
_diffrn.crystal_id                       1 
_diffrn.crystal_support                  ? 
_diffrn.crystal_treatment                ? 
_diffrn.details                          ? 
_diffrn.id                               1 
_diffrn.ambient_pressure                 ? 
_diffrn.ambient_pressure_esd             ? 
_diffrn.ambient_pressure_gt              ? 
_diffrn.ambient_pressure_lt              ? 
_diffrn.ambient_temp_gt                  ? 
_diffrn.ambient_temp_lt                  ? 
_diffrn.pdbx_serial_crystal_experiment   N 
# 
_diffrn_detector.details                      ? 
_diffrn_detector.detector                     PIXEL 
_diffrn_detector.diffrn_id                    1 
_diffrn_detector.type                         'DECTRIS EIGER2 X 9M' 
_diffrn_detector.area_resol_mean              ? 
_diffrn_detector.dtime                        ? 
_diffrn_detector.pdbx_frames_total            ? 
_diffrn_detector.pdbx_collection_time_total   ? 
_diffrn_detector.pdbx_collection_date         2021-02-21 
_diffrn_detector.pdbx_frequency               ? 
# 
_diffrn_radiation.collimation                      ? 
_diffrn_radiation.diffrn_id                        1 
_diffrn_radiation.filter_edge                      ? 
_diffrn_radiation.inhomogeneity                    ? 
_diffrn_radiation.monochromator                    ? 
_diffrn_radiation.polarisn_norm                    ? 
_diffrn_radiation.polarisn_ratio                   ? 
_diffrn_radiation.probe                            ? 
_diffrn_radiation.type                             ? 
_diffrn_radiation.xray_symbol                      ? 
_diffrn_radiation.wavelength_id                    1 
_diffrn_radiation.pdbx_monochromatic_or_laue_m_l   M 
_diffrn_radiation.pdbx_wavelength_list             ? 
_diffrn_radiation.pdbx_wavelength                  ? 
_diffrn_radiation.pdbx_diffrn_protocol             'SINGLE WAVELENGTH' 
_diffrn_radiation.pdbx_analyzer                    ? 
_diffrn_radiation.pdbx_scattering_type             x-ray 
# 
_diffrn_radiation_wavelength.id           1 
_diffrn_radiation_wavelength.wavelength   1.00743 
_diffrn_radiation_wavelength.wt           1.0 
# 
_diffrn_source.current                     ? 
_diffrn_source.details                     ? 
_diffrn_source.diffrn_id                   1 
_diffrn_source.power                       ? 
_diffrn_source.size                        ? 
_diffrn_source.source                      SYNCHROTRON 
_diffrn_source.target                      ? 
_diffrn_source.type                        'APS BEAMLINE 17-ID' 
_diffrn_source.voltage                     ? 
_diffrn_source.take-off_angle              ? 
_diffrn_source.pdbx_wavelength_list        1.00743 
_diffrn_source.pdbx_wavelength             ? 
_diffrn_source.pdbx_synchrotron_beamline   17-ID 
_diffrn_source.pdbx_synchrotron_site       APS 
# 
_reflns.B_iso_Wilson_estimate                          399.72 
_reflns.entry_id                                       8CS5 
_reflns.data_reduction_details                         ? 
_reflns.data_reduction_method                          ? 
_reflns.d_resolution_high                              6.52 
_reflns.d_resolution_low                               53.35 
_reflns.details                                        ? 
_reflns.limit_h_max                                    ? 
_reflns.limit_h_min                                    ? 
_reflns.limit_k_max                                    ? 
_reflns.limit_k_min                                    ? 
_reflns.limit_l_max                                    ? 
_reflns.limit_l_min                                    ? 
_reflns.number_all                                     ? 
_reflns.number_obs                                     928 
_reflns.observed_criterion                             ? 
_reflns.observed_criterion_F_max                       ? 
_reflns.observed_criterion_F_min                       ? 
_reflns.observed_criterion_I_max                       ? 
_reflns.observed_criterion_I_min                       ? 
_reflns.observed_criterion_sigma_F                     ? 
_reflns.observed_criterion_sigma_I                     ? 
_reflns.percent_possible_obs                           90.9 
_reflns.R_free_details                                 ? 
_reflns.Rmerge_F_all                                   ? 
_reflns.Rmerge_F_obs                                   ? 
_reflns.Friedel_coverage                               ? 
_reflns.number_gt                                      ? 
_reflns.threshold_expression                           ? 
_reflns.pdbx_redundancy                                19.3 
_reflns.pdbx_Rmerge_I_obs                              ? 
_reflns.pdbx_Rmerge_I_all                              ? 
_reflns.pdbx_Rsym_value                                ? 
_reflns.pdbx_netI_over_av_sigmaI                       ? 
_reflns.pdbx_netI_over_sigmaI                          12.5 
_reflns.pdbx_res_netI_over_av_sigmaI_2                 ? 
_reflns.pdbx_res_netI_over_sigmaI_2                    ? 
_reflns.pdbx_chi_squared                               ? 
_reflns.pdbx_scaling_rejects                           ? 
_reflns.pdbx_d_res_high_opt                            ? 
_reflns.pdbx_d_res_low_opt                             ? 
_reflns.pdbx_d_res_opt_method                          ? 
_reflns.phase_calculation_details                      ? 
_reflns.pdbx_Rrim_I_all                                ? 
_reflns.pdbx_Rpim_I_all                                ? 
_reflns.pdbx_d_opt                                     ? 
_reflns.pdbx_number_measured_all                       ? 
_reflns.pdbx_diffrn_id                                 1 
_reflns.pdbx_ordinal                                   1 
_reflns.pdbx_CC_half                                   0.999 
_reflns.pdbx_CC_star                                   ? 
_reflns.pdbx_R_split                                   ? 
_reflns.pdbx_aniso_diffraction_limit_axis_1_ortho[1]   ? 
_reflns.pdbx_aniso_diffraction_limit_axis_1_ortho[2]   ? 
_reflns.pdbx_aniso_diffraction_limit_axis_1_ortho[3]   ? 
_reflns.pdbx_aniso_diffraction_limit_axis_2_ortho[1]   ? 
_reflns.pdbx_aniso_diffraction_limit_axis_2_ortho[2]   ? 
_reflns.pdbx_aniso_diffraction_limit_axis_2_ortho[3]   ? 
_reflns.pdbx_aniso_diffraction_limit_axis_3_ortho[1]   ? 
_reflns.pdbx_aniso_diffraction_limit_axis_3_ortho[2]   ? 
_reflns.pdbx_aniso_diffraction_limit_axis_3_ortho[3]   ? 
_reflns.pdbx_aniso_diffraction_limit_1                 ? 
_reflns.pdbx_aniso_diffraction_limit_2                 ? 
_reflns.pdbx_aniso_diffraction_limit_3                 ? 
_reflns.pdbx_aniso_B_tensor_eigenvector_1_ortho[1]     ? 
_reflns.pdbx_aniso_B_tensor_eigenvector_1_ortho[2]     ? 
_reflns.pdbx_aniso_B_tensor_eigenvector_1_ortho[3]     ? 
_reflns.pdbx_aniso_B_tensor_eigenvector_2_ortho[1]     ? 
_reflns.pdbx_aniso_B_tensor_eigenvector_2_ortho[2]     ? 
_reflns.pdbx_aniso_B_tensor_eigenvector_2_ortho[3]     ? 
_reflns.pdbx_aniso_B_tensor_eigenvector_3_ortho[1]     ? 
_reflns.pdbx_aniso_B_tensor_eigenvector_3_ortho[2]     ? 
_reflns.pdbx_aniso_B_tensor_eigenvector_3_ortho[3]     ? 
_reflns.pdbx_aniso_B_tensor_eigenvalue_1               ? 
_reflns.pdbx_aniso_B_tensor_eigenvalue_2               ? 
_reflns.pdbx_aniso_B_tensor_eigenvalue_3               ? 
_reflns.pdbx_orthogonalization_convention              ? 
_reflns.pdbx_percent_possible_ellipsoidal              ? 
_reflns.pdbx_percent_possible_spherical                ? 
_reflns.pdbx_percent_possible_ellipsoidal_anomalous    ? 
_reflns.pdbx_percent_possible_spherical_anomalous      ? 
_reflns.pdbx_redundancy_anomalous                      ? 
_reflns.pdbx_CC_half_anomalous                         ? 
_reflns.pdbx_absDiff_over_sigma_anomalous              ? 
_reflns.pdbx_percent_possible_anomalous                ? 
_reflns.pdbx_observed_signal_threshold                 ? 
_reflns.pdbx_signal_type                               ? 
_reflns.pdbx_signal_details                            ? 
_reflns.pdbx_signal_software_id                        ? 
_reflns.pdbx_CC_split_method                           ? 
# 
_reflns_shell.d_res_high                                    6.52 
_reflns_shell.d_res_low                                     7.28 
_reflns_shell.meanI_over_sigI_all                           ? 
_reflns_shell.meanI_over_sigI_obs                           ? 
_reflns_shell.number_measured_all                           ? 
_reflns_shell.number_measured_obs                           ? 
_reflns_shell.number_possible                               ? 
_reflns_shell.number_unique_all                             ? 
_reflns_shell.number_unique_obs                             182 
_reflns_shell.percent_possible_all                          ? 
_reflns_shell.percent_possible_obs                          ? 
_reflns_shell.Rmerge_F_all                                  ? 
_reflns_shell.Rmerge_F_obs                                  ? 
_reflns_shell.Rmerge_I_all                                  ? 
_reflns_shell.Rmerge_I_obs                                  ? 
_reflns_shell.meanI_over_sigI_gt                            ? 
_reflns_shell.meanI_over_uI_all                             ? 
_reflns_shell.meanI_over_uI_gt                              ? 
_reflns_shell.number_measured_gt                            ? 
_reflns_shell.number_unique_gt                              ? 
_reflns_shell.percent_possible_gt                           ? 
_reflns_shell.Rmerge_F_gt                                   ? 
_reflns_shell.Rmerge_I_gt                                   ? 
_reflns_shell.pdbx_redundancy                               ? 
_reflns_shell.pdbx_Rsym_value                               ? 
_reflns_shell.pdbx_chi_squared                              ? 
_reflns_shell.pdbx_netI_over_sigmaI_all                     ? 
_reflns_shell.pdbx_netI_over_sigmaI_obs                     ? 
_reflns_shell.pdbx_Rrim_I_all                               ? 
_reflns_shell.pdbx_Rpim_I_all                               ? 
_reflns_shell.pdbx_rejects                                  ? 
_reflns_shell.pdbx_ordinal                                  1 
_reflns_shell.pdbx_diffrn_id                                1 
_reflns_shell.pdbx_CC_half                                  0.374 
_reflns_shell.pdbx_CC_star                                  ? 
_reflns_shell.pdbx_R_split                                  ? 
_reflns_shell.pdbx_percent_possible_ellipsoidal             ? 
_reflns_shell.pdbx_percent_possible_spherical               ? 
_reflns_shell.pdbx_percent_possible_ellipsoidal_anomalous   ? 
_reflns_shell.pdbx_percent_possible_spherical_anomalous     ? 
_reflns_shell.pdbx_redundancy_anomalous                     ? 
_reflns_shell.pdbx_CC_half_anomalous                        ? 
_reflns_shell.pdbx_absDiff_over_sigma_anomalous             ? 
_reflns_shell.pdbx_percent_possible_anomalous               ? 
# 
_refine.aniso_B[1][1]                            ? 
_refine.aniso_B[1][2]                            ? 
_refine.aniso_B[1][3]                            ? 
_refine.aniso_B[2][2]                            ? 
_refine.aniso_B[2][3]                            ? 
_refine.aniso_B[3][3]                            ? 
_refine.B_iso_max                                ? 
_refine.B_iso_mean                               432.20 
_refine.B_iso_min                                ? 
_refine.correlation_coeff_Fo_to_Fc               ? 
_refine.correlation_coeff_Fo_to_Fc_free          ? 
_refine.details                                  ? 
_refine.diff_density_max                         ? 
_refine.diff_density_max_esd                     ? 
_refine.diff_density_min                         ? 
_refine.diff_density_min_esd                     ? 
_refine.diff_density_rms                         ? 
_refine.diff_density_rms_esd                     ? 
_refine.entry_id                                 8CS5 
_refine.pdbx_refine_id                           'X-RAY DIFFRACTION' 
_refine.ls_abs_structure_details                 ? 
_refine.ls_abs_structure_Flack                   ? 
_refine.ls_abs_structure_Flack_esd               ? 
_refine.ls_abs_structure_Rogers                  ? 
_refine.ls_abs_structure_Rogers_esd              ? 
_refine.ls_d_res_high                            6.52 
_refine.ls_d_res_low                             40.33 
_refine.ls_extinction_coef                       ? 
_refine.ls_extinction_coef_esd                   ? 
_refine.ls_extinction_expression                 ? 
_refine.ls_extinction_method                     ? 
_refine.ls_goodness_of_fit_all                   ? 
_refine.ls_goodness_of_fit_all_esd               ? 
_refine.ls_goodness_of_fit_obs                   ? 
_refine.ls_goodness_of_fit_obs_esd               ? 
_refine.ls_hydrogen_treatment                    ? 
_refine.ls_matrix_type                           ? 
_refine.ls_number_constraints                    ? 
_refine.ls_number_parameters                     ? 
_refine.ls_number_reflns_all                     ? 
_refine.ls_number_reflns_obs                     918 
_refine.ls_number_reflns_R_free                  48 
_refine.ls_number_reflns_R_work                  870 
_refine.ls_number_restraints                     ? 
_refine.ls_percent_reflns_obs                    90.00 
_refine.ls_percent_reflns_R_free                 5.23 
_refine.ls_R_factor_all                          ? 
_refine.ls_R_factor_obs                          0.2206 
_refine.ls_R_factor_R_free                       0.2500 
_refine.ls_R_factor_R_free_error                 ? 
_refine.ls_R_factor_R_free_error_details         ? 
_refine.ls_R_factor_R_work                       0.2190 
_refine.ls_R_Fsqd_factor_obs                     ? 
_refine.ls_R_I_factor_obs                        ? 
_refine.ls_redundancy_reflns_all                 ? 
_refine.ls_redundancy_reflns_obs                 ? 
_refine.ls_restrained_S_all                      ? 
_refine.ls_restrained_S_obs                      ? 
_refine.ls_shift_over_esd_max                    ? 
_refine.ls_shift_over_esd_mean                   ? 
_refine.ls_structure_factor_coef                 ? 
_refine.ls_weighting_details                     ? 
_refine.ls_weighting_scheme                      ? 
_refine.ls_wR_factor_all                         ? 
_refine.ls_wR_factor_obs                         ? 
_refine.ls_wR_factor_R_free                      ? 
_refine.ls_wR_factor_R_work                      ? 
_refine.occupancy_max                            ? 
_refine.occupancy_min                            ? 
_refine.solvent_model_details                    'FLAT BULK SOLVENT MODEL' 
_refine.solvent_model_param_bsol                 ? 
_refine.solvent_model_param_ksol                 ? 
_refine.pdbx_R_complete                          ? 
_refine.ls_R_factor_gt                           ? 
_refine.ls_goodness_of_fit_gt                    ? 
_refine.ls_goodness_of_fit_ref                   ? 
_refine.ls_shift_over_su_max                     ? 
_refine.ls_shift_over_su_max_lt                  ? 
_refine.ls_shift_over_su_mean                    ? 
_refine.ls_shift_over_su_mean_lt                 ? 
_refine.pdbx_ls_sigma_I                          ? 
_refine.pdbx_ls_sigma_F                          1.35 
_refine.pdbx_ls_sigma_Fsqd                       ? 
_refine.pdbx_data_cutoff_high_absF               ? 
_refine.pdbx_data_cutoff_high_rms_absF           ? 
_refine.pdbx_data_cutoff_low_absF                ? 
_refine.pdbx_isotropic_thermal_model             ? 
_refine.pdbx_ls_cross_valid_method               'FREE R-VALUE' 
_refine.pdbx_method_to_determine_struct          'MOLECULAR REPLACEMENT' 
_refine.pdbx_starting_model                      7R96 
_refine.pdbx_stereochemistry_target_values       'GeoStd + Monomer Library + CDL v1.2' 
_refine.pdbx_R_Free_selection_details            ? 
_refine.pdbx_stereochem_target_val_spec_case     ? 
_refine.pdbx_overall_ESU_R                       ? 
_refine.pdbx_overall_ESU_R_Free                  ? 
_refine.pdbx_solvent_vdw_probe_radii             1.1100 
_refine.pdbx_solvent_ion_probe_radii             ? 
_refine.pdbx_solvent_shrinkage_radii             0.9000 
_refine.pdbx_real_space_R                        ? 
_refine.pdbx_density_correlation                 ? 
_refine.pdbx_pd_number_of_powder_patterns        ? 
_refine.pdbx_pd_number_of_points                 ? 
_refine.pdbx_pd_meas_number_of_points            ? 
_refine.pdbx_pd_proc_ls_prof_R_factor            ? 
_refine.pdbx_pd_proc_ls_prof_wR_factor           ? 
_refine.pdbx_pd_Marquardt_correlation_coeff      ? 
_refine.pdbx_pd_Fsqrd_R_factor                   ? 
_refine.pdbx_pd_ls_matrix_band_width             ? 
_refine.pdbx_overall_phase_error                 34.6605 
_refine.pdbx_overall_SU_R_free_Cruickshank_DPI   ? 
_refine.pdbx_overall_SU_R_free_Blow_DPI          ? 
_refine.pdbx_overall_SU_R_Blow_DPI               ? 
_refine.pdbx_TLS_residual_ADP_flag               ? 
_refine.pdbx_diffrn_id                           1 
_refine.overall_SU_B                             ? 
_refine.overall_SU_ML                            0.2477 
_refine.overall_SU_R_Cruickshank_DPI             ? 
_refine.overall_SU_R_free                        ? 
_refine.overall_FOM_free_R_set                   ? 
_refine.overall_FOM_work_R_set                   ? 
_refine.pdbx_average_fsc_overall                 ? 
_refine.pdbx_average_fsc_work                    ? 
_refine.pdbx_average_fsc_free                    ? 
# 
_refine_hist.pdbx_refine_id                   'X-RAY DIFFRACTION' 
_refine_hist.cycle_id                         LAST 
_refine_hist.details                          ? 
_refine_hist.d_res_high                       6.52 
_refine_hist.d_res_low                        40.33 
_refine_hist.number_atoms_solvent             0 
_refine_hist.number_atoms_total               855 
_refine_hist.number_reflns_all                ? 
_refine_hist.number_reflns_obs                ? 
_refine_hist.number_reflns_R_free             ? 
_refine_hist.number_reflns_R_work             ? 
_refine_hist.R_factor_all                     ? 
_refine_hist.R_factor_obs                     ? 
_refine_hist.R_factor_R_free                  ? 
_refine_hist.R_factor_R_work                  ? 
_refine_hist.pdbx_number_residues_total       ? 
_refine_hist.pdbx_B_iso_mean_ligand           ? 
_refine_hist.pdbx_B_iso_mean_solvent          ? 
_refine_hist.pdbx_number_atoms_protein        0 
_refine_hist.pdbx_number_atoms_nucleic_acid   855 
_refine_hist.pdbx_number_atoms_ligand         0 
_refine_hist.pdbx_number_atoms_lipid          ? 
_refine_hist.pdbx_number_atoms_carb           ? 
_refine_hist.pdbx_pseudo_atom_details         ? 
# 
loop_
_refine_ls_restr.pdbx_refine_id 
_refine_ls_restr.criterion 
_refine_ls_restr.dev_ideal 
_refine_ls_restr.dev_ideal_target 
_refine_ls_restr.number 
_refine_ls_restr.rejects 
_refine_ls_restr.type 
_refine_ls_restr.weight 
_refine_ls_restr.pdbx_restraint_function 
'X-RAY DIFFRACTION' ? 0.0080  ? 956  ? f_bond_d           ? ? 
'X-RAY DIFFRACTION' ? 1.0655  ? 1467 ? f_angle_d          ? ? 
'X-RAY DIFFRACTION' ? 0.0568  ? 166  ? f_chiral_restr     ? ? 
'X-RAY DIFFRACTION' ? 0.0075  ? 42   ? f_plane_restr      ? ? 
'X-RAY DIFFRACTION' ? 39.5778 ? 406  ? f_dihedral_angle_d ? ? 
# 
_refine_ls_shell.pdbx_refine_id                   'X-RAY DIFFRACTION' 
_refine_ls_shell.d_res_high                       6.52 
_refine_ls_shell.d_res_low                        40.33 
_refine_ls_shell.number_reflns_all                ? 
_refine_ls_shell.number_reflns_obs                ? 
_refine_ls_shell.number_reflns_R_free             48 
_refine_ls_shell.number_reflns_R_work             870 
_refine_ls_shell.percent_reflns_obs               90.00 
_refine_ls_shell.percent_reflns_R_free            ? 
_refine_ls_shell.R_factor_all                     ? 
_refine_ls_shell.R_factor_obs                     ? 
_refine_ls_shell.R_factor_R_free                  0.2500 
_refine_ls_shell.R_factor_R_free_error            ? 
_refine_ls_shell.R_factor_R_work                  0.2190 
_refine_ls_shell.redundancy_reflns_all            ? 
_refine_ls_shell.redundancy_reflns_obs            ? 
_refine_ls_shell.wR_factor_all                    ? 
_refine_ls_shell.wR_factor_obs                    ? 
_refine_ls_shell.wR_factor_R_free                 ? 
_refine_ls_shell.wR_factor_R_work                 ? 
_refine_ls_shell.pdbx_R_complete                  ? 
_refine_ls_shell.pdbx_total_number_of_bins_used   ? 
_refine_ls_shell.pdbx_phase_error                 ? 
_refine_ls_shell.pdbx_fsc_work                    ? 
_refine_ls_shell.pdbx_fsc_free                    ? 
# 
_struct.entry_id                     8CS5 
_struct.title                        '[GGA/CTC] Self-Assembled 3D DNA Hexagonal Tensegrity Triangle' 
_struct.pdbx_model_details           ? 
_struct.pdbx_formula_weight          ? 
_struct.pdbx_formula_weight_method   ? 
_struct.pdbx_model_type_details      ? 
_struct.pdbx_CASP_flag               N 
# 
_struct_keywords.entry_id        8CS5 
_struct_keywords.text            'tensegrity triangle, synthetic construct, self-assembly, DNA' 
_struct_keywords.pdbx_keywords   DNA 
# 
loop_
_struct_asym.id 
_struct_asym.pdbx_blank_PDB_chainid_flag 
_struct_asym.pdbx_modified 
_struct_asym.entity_id 
_struct_asym.details 
A N N 1 ? 
B N N 2 ? 
C N N 3 ? 
D N N 4 ? 
# 
loop_
_struct_conn.id 
_struct_conn.conn_type_id 
_struct_conn.pdbx_leaving_atom_flag 
_struct_conn.pdbx_PDB_id 
_struct_conn.ptnr1_label_asym_id 
_struct_conn.ptnr1_label_comp_id 
_struct_conn.ptnr1_label_seq_id 
_struct_conn.ptnr1_label_atom_id 
_struct_conn.pdbx_ptnr1_label_alt_id 
_struct_conn.pdbx_ptnr1_PDB_ins_code 
_struct_conn.pdbx_ptnr1_standard_comp_id 
_struct_conn.ptnr1_symmetry 
_struct_conn.ptnr2_label_asym_id 
_struct_conn.ptnr2_label_comp_id 
_struct_conn.ptnr2_label_seq_id 
_struct_conn.ptnr2_label_atom_id 
_struct_conn.pdbx_ptnr2_label_alt_id 
_struct_conn.pdbx_ptnr2_PDB_ins_code 
_struct_conn.ptnr1_auth_asym_id 
_struct_conn.ptnr1_auth_comp_id 
_struct_conn.ptnr1_auth_seq_id 
_struct_conn.ptnr2_auth_asym_id 
_struct_conn.ptnr2_auth_comp_id 
_struct_conn.ptnr2_auth_seq_id 
_struct_conn.ptnr2_symmetry 
_struct_conn.pdbx_ptnr3_label_atom_id 
_struct_conn.pdbx_ptnr3_label_seq_id 
_struct_conn.pdbx_ptnr3_label_comp_id 
_struct_conn.pdbx_ptnr3_label_asym_id 
_struct_conn.pdbx_ptnr3_label_alt_id 
_struct_conn.pdbx_ptnr3_PDB_ins_code 
_struct_conn.details 
_struct_conn.pdbx_dist_value 
_struct_conn.pdbx_value_order 
_struct_conn.pdbx_role 
hydrog1  hydrog ? ? A DC 4  N3 ? ? ? 1_555 C DG 5 N1 ? ? A DC 104 C DG 213 1_555 ? ? ? ? ? ? WATSON-CRICK ? ? ? 
hydrog2  hydrog ? ? A DC 4  N4 ? ? ? 1_555 C DG 5 O6 ? ? A DC 104 C DG 213 1_555 ? ? ? ? ? ? WATSON-CRICK ? ? ? 
hydrog3  hydrog ? ? A DC 4  O2 ? ? ? 1_555 C DG 5 N2 ? ? A DC 104 C DG 213 1_555 ? ? ? ? ? ? WATSON-CRICK ? ? ? 
hydrog4  hydrog ? ? A DA 5  N1 ? ? ? 1_555 C DT 4 N3 ? ? A DA 105 C DT 212 1_555 ? ? ? ? ? ? WATSON-CRICK ? ? ? 
hydrog5  hydrog ? ? A DA 5  N6 ? ? ? 1_555 C DT 4 O4 ? ? A DA 105 C DT 212 1_555 ? ? ? ? ? ? WATSON-CRICK ? ? ? 
hydrog6  hydrog ? ? A DG 6  N1 ? ? ? 1_555 C DC 3 N3 ? ? A DG 106 C DC 211 1_555 ? ? ? ? ? ? WATSON-CRICK ? ? ? 
hydrog7  hydrog ? ? A DG 6  N2 ? ? ? 1_555 C DC 3 O2 ? ? A DG 106 C DC 211 1_555 ? ? ? ? ? ? WATSON-CRICK ? ? ? 
hydrog8  hydrog ? ? A DG 6  O6 ? ? ? 1_555 C DC 3 N4 ? ? A DG 106 C DC 211 1_555 ? ? ? ? ? ? WATSON-CRICK ? ? ? 
hydrog9  hydrog ? ? A DC 7  O2 ? ? ? 1_555 C DG 2 N2 ? ? A DC 107 C DG 210 1_555 ? ? ? ? ? ? 'DC-DG PAIR' ? ? ? 
hydrog10 hydrog ? ? A DC 8  N3 ? ? ? 1_555 C DG 1 N1 ? ? A DC 108 C DG 209 1_555 ? ? ? ? ? ? WATSON-CRICK ? ? ? 
hydrog11 hydrog ? ? A DC 8  N4 ? ? ? 1_555 C DG 1 O6 ? ? A DC 108 C DG 209 1_555 ? ? ? ? ? ? WATSON-CRICK ? ? ? 
hydrog12 hydrog ? ? A DC 8  O2 ? ? ? 1_555 C DG 1 N2 ? ? A DC 108 C DG 209 1_555 ? ? ? ? ? ? WATSON-CRICK ? ? ? 
hydrog13 hydrog ? ? A DT 9  N3 ? ? ? 1_555 B DA 7 N1 ? ? A DT 109 B DA 125 1_555 ? ? ? ? ? ? WATSON-CRICK ? ? ? 
hydrog14 hydrog ? ? A DT 9  O4 ? ? ? 1_555 B DA 7 N6 ? ? A DT 109 B DA 125 1_555 ? ? ? ? ? ? WATSON-CRICK ? ? ? 
hydrog15 hydrog ? ? A DG 10 N1 ? ? ? 1_555 B DC 6 N3 ? ? A DG 110 B DC 124 1_555 ? ? ? ? ? ? WATSON-CRICK ? ? ? 
hydrog16 hydrog ? ? A DG 10 N2 ? ? ? 1_555 B DC 6 O2 ? ? A DG 110 B DC 124 1_555 ? ? ? ? ? ? WATSON-CRICK ? ? ? 
hydrog17 hydrog ? ? A DG 10 O6 ? ? ? 1_555 B DC 6 N4 ? ? A DG 110 B DC 124 1_555 ? ? ? ? ? ? WATSON-CRICK ? ? ? 
hydrog18 hydrog ? ? A DT 11 N3 ? ? ? 1_555 B DA 5 N1 ? ? A DT 111 B DA 123 1_555 ? ? ? ? ? ? WATSON-CRICK ? ? ? 
hydrog19 hydrog ? ? A DT 11 O4 ? ? ? 1_555 B DA 5 N6 ? ? A DT 111 B DA 123 1_555 ? ? ? ? ? ? WATSON-CRICK ? ? ? 
hydrog20 hydrog ? ? A DA 12 N1 ? ? ? 1_555 B DT 4 N3 ? ? A DA 112 B DT 122 1_555 ? ? ? ? ? ? WATSON-CRICK ? ? ? 
hydrog21 hydrog ? ? A DA 12 N6 ? ? ? 1_555 B DT 4 O4 ? ? A DA 112 B DT 122 1_555 ? ? ? ? ? ? WATSON-CRICK ? ? ? 
hydrog22 hydrog ? ? A DC 13 N3 ? ? ? 1_555 B DG 3 N1 ? ? A DC 113 B DG 121 1_555 ? ? ? ? ? ? WATSON-CRICK ? ? ? 
hydrog23 hydrog ? ? A DC 13 N4 ? ? ? 1_555 B DG 3 O6 ? ? A DC 113 B DG 121 1_555 ? ? ? ? ? ? WATSON-CRICK ? ? ? 
hydrog24 hydrog ? ? A DC 13 O2 ? ? ? 1_555 B DG 3 N2 ? ? A DC 113 B DG 121 1_555 ? ? ? ? ? ? WATSON-CRICK ? ? ? 
hydrog25 hydrog ? ? A DG 14 N1 ? ? ? 1_555 B DC 2 N3 ? ? A DG 114 B DC 120 1_555 ? ? ? ? ? ? WATSON-CRICK ? ? ? 
hydrog26 hydrog ? ? A DG 14 N2 ? ? ? 1_555 B DC 2 O2 ? ? A DG 114 B DC 120 1_555 ? ? ? ? ? ? WATSON-CRICK ? ? ? 
hydrog27 hydrog ? ? A DG 14 O6 ? ? ? 1_555 B DC 2 N4 ? ? A DG 114 B DC 120 1_555 ? ? ? ? ? ? WATSON-CRICK ? ? ? 
hydrog28 hydrog ? ? A DG 15 N1 ? ? ? 1_555 B DC 1 N3 ? ? A DG 115 B DC 119 1_555 ? ? ? ? ? ? WATSON-CRICK ? ? ? 
hydrog29 hydrog ? ? A DG 15 N2 ? ? ? 1_555 B DC 1 O2 ? ? A DG 115 B DC 119 1_555 ? ? ? ? ? ? WATSON-CRICK ? ? ? 
hydrog30 hydrog ? ? A DG 15 O6 ? ? ? 1_555 B DC 1 N4 ? ? A DG 115 B DC 119 1_555 ? ? ? ? ? ? WATSON-CRICK ? ? ? 
hydrog31 hydrog ? ? A DA 16 N1 ? ? ? 1_555 D DT 9 N3 ? ? A DA 116 D DT 208 1_555 ? ? ? ? ? ? WATSON-CRICK ? ? ? 
hydrog32 hydrog ? ? A DA 16 N6 ? ? ? 1_555 D DT 9 O4 ? ? A DA 116 D DT 208 1_555 ? ? ? ? ? ? WATSON-CRICK ? ? ? 
hydrog33 hydrog ? ? A DC 17 N3 ? ? ? 1_555 D DG 8 N1 ? ? A DC 117 D DG 207 1_555 ? ? ? ? ? ? WATSON-CRICK ? ? ? 
hydrog34 hydrog ? ? A DC 17 N4 ? ? ? 1_555 D DG 8 O6 ? ? A DC 117 D DG 207 1_555 ? ? ? ? ? ? WATSON-CRICK ? ? ? 
hydrog35 hydrog ? ? A DC 17 O2 ? ? ? 1_555 D DG 8 N2 ? ? A DC 117 D DG 207 1_555 ? ? ? ? ? ? WATSON-CRICK ? ? ? 
hydrog36 hydrog ? ? A DA 18 N1 ? ? ? 1_555 D DT 7 N3 ? ? A DA 118 D DT 206 1_555 ? ? ? ? ? ? WATSON-CRICK ? ? ? 
hydrog37 hydrog ? ? A DA 18 N6 ? ? ? 1_555 D DT 7 O4 ? ? A DA 118 D DT 206 1_555 ? ? ? ? ? ? WATSON-CRICK ? ? ? 
hydrog38 hydrog ? ? A DT 19 N3 ? ? ? 1_555 D DA 6 N1 ? ? A DT 119 D DA 205 1_555 ? ? ? ? ? ? WATSON-CRICK ? ? ? 
hydrog39 hydrog ? ? A DT 19 O4 ? ? ? 1_555 D DA 6 N6 ? ? A DT 119 D DA 205 1_555 ? ? ? ? ? ? WATSON-CRICK ? ? ? 
hydrog40 hydrog ? ? A DC 20 N3 ? ? ? 1_555 D DG 5 N1 ? ? A DC 120 D DG 204 1_555 ? ? ? ? ? ? WATSON-CRICK ? ? ? 
hydrog41 hydrog ? ? A DC 20 N4 ? ? ? 1_555 D DG 5 O6 ? ? A DC 120 D DG 204 1_555 ? ? ? ? ? ? WATSON-CRICK ? ? ? 
hydrog42 hydrog ? ? A DC 20 O2 ? ? ? 1_555 D DG 5 N2 ? ? A DC 120 D DG 204 1_555 ? ? ? ? ? ? WATSON-CRICK ? ? ? 
hydrog43 hydrog ? ? A DA 21 N1 ? ? ? 1_555 D DT 4 N3 ? ? A DA 121 D DT 203 1_555 ? ? ? ? ? ? WATSON-CRICK ? ? ? 
hydrog44 hydrog ? ? A DA 21 N6 ? ? ? 1_555 D DT 4 O4 ? ? A DA 121 D DT 203 1_555 ? ? ? ? ? ? WATSON-CRICK ? ? ? 
# 
_struct_conn_type.id          hydrog 
_struct_conn_type.criteria    ? 
_struct_conn_type.reference   ? 
# 
_atom_sites.entry_id                    8CS5 
_atom_sites.Cartn_transf_matrix[1][1]   ? 
_atom_sites.Cartn_transf_matrix[1][2]   ? 
_atom_sites.Cartn_transf_matrix[1][3]   ? 
_atom_sites.Cartn_transf_matrix[2][1]   ? 
_atom_sites.Cartn_transf_matrix[2][2]   ? 
_atom_sites.Cartn_transf_matrix[2][3]   ? 
_atom_sites.Cartn_transf_matrix[3][1]   ? 
_atom_sites.Cartn_transf_matrix[3][2]   ? 
_atom_sites.Cartn_transf_matrix[3][3]   ? 
_atom_sites.Cartn_transf_vector[1]      ? 
_atom_sites.Cartn_transf_vector[2]      ? 
_atom_sites.Cartn_transf_vector[3]      ? 
_atom_sites.fract_transf_matrix[1][1]   0.00927988 
_atom_sites.fract_transf_matrix[1][2]   0.00108448 
_atom_sites.fract_transf_matrix[1][3]   -0.00074302 
_atom_sites.fract_transf_matrix[2][1]   0.00461214 
_atom_sites.fract_transf_matrix[2][2]   0.00528723 
_atom_sites.fract_transf_matrix[2][3]   0.00621351 
_atom_sites.fract_transf_matrix[3][1]   0.00245667 
_atom_sites.fract_transf_matrix[3][2]   -0.01406886 
_atom_sites.fract_transf_matrix[3][3]   0.01014802 
_atom_sites.fract_transf_vector[1]      0.252187 
_atom_sites.fract_transf_vector[2]      -0.268516 
_atom_sites.fract_transf_vector[3]      -0.223618 
_atom_sites.solution_primary            ? 
_atom_sites.solution_secondary          ? 
_atom_sites.solution_hydrogens          ? 
_atom_sites.special_details             ? 
# 
loop_
_atom_type.symbol 
_atom_type.scat_dispersion_real 
_atom_type.scat_dispersion_imag 
_atom_type.scat_Cromer_Mann_a1 
_atom_type.scat_Cromer_Mann_a2 
_atom_type.scat_Cromer_Mann_a3 
_atom_type.scat_Cromer_Mann_a4 
_atom_type.scat_Cromer_Mann_b1 
_atom_type.scat_Cromer_Mann_b2 
_atom_type.scat_Cromer_Mann_b3 
_atom_type.scat_Cromer_Mann_b4 
_atom_type.scat_Cromer_Mann_c 
_atom_type.scat_source 
_atom_type.scat_dispersion_source 
C ? ? 5.96793  ? ? ? 14.89577 ? ? ? 0.0 
;1-Gaussian fit: Grosse-Kunstleve RW, Sauter NK, Adams PD: Newsletter of the IUCr Commission on Crystallographic Computing 2004, 3, 22-31.
;
? 
N ? ? 6.96715  ? ? ? 11.43723 ? ? ? 0.0 
;1-Gaussian fit: Grosse-Kunstleve RW, Sauter NK, Adams PD: Newsletter of the IUCr Commission on Crystallographic Computing 2004, 3, 22-31.
;
? 
O ? ? 7.96527  ? ? ? 9.05267  ? ? ? 0.0 
;1-Gaussian fit: Grosse-Kunstleve RW, Sauter NK, Adams PD: Newsletter of the IUCr Commission on Crystallographic Computing 2004, 3, 22-31.
;
? 
P ? ? 14.90797 ? ? ? 11.91318 ? ? ? 0.0 
;1-Gaussian fit: Grosse-Kunstleve RW, Sauter NK, Adams PD: Newsletter of the IUCr Commission on Crystallographic Computing 2004, 3, 22-31.
;
? 
# 
loop_
_atom_site.group_PDB 
_atom_site.id 
_atom_site.type_symbol 
_atom_site.label_atom_id 
_atom_site.label_alt_id 
_atom_site.label_comp_id 
_atom_site.label_asym_id 
_atom_site.label_entity_id 
_atom_site.label_seq_id 
_atom_site.pdbx_PDB_ins_code 
_atom_site.Cartn_x 
_atom_site.Cartn_y 
_atom_site.Cartn_z 
_atom_site.occupancy 
_atom_site.B_iso_or_equiv 
_atom_site.pdbx_formal_charge 
_atom_site.auth_seq_id 
_atom_site.auth_comp_id 
_atom_site.auth_asym_id 
_atom_site.auth_atom_id 
_atom_site.pdbx_PDB_model_num 
ATOM 1   O "O5'" . DG A 1 1  ? 23.22136  24.81774  -0.41704  1.000 983.40382  ? 101 DG A "O5'" 1 
ATOM 2   C "C5'" . DG A 1 1  ? 24.56650  24.65122  -0.86103  1.000 985.78162  ? 101 DG A "C5'" 1 
ATOM 3   C "C4'" . DG A 1 1  ? 25.53793  25.39423  0.04299   1.000 993.90144  ? 101 DG A "C4'" 1 
ATOM 4   O "O4'" . DG A 1 1  ? 24.88557  26.53663  0.63209   1.000 999.92607  ? 101 DG A "O4'" 1 
ATOM 5   C "C3'" . DG A 1 1  ? 26.05349  24.60130  1.22572   1.000 991.17464  ? 101 DG A "C3'" 1 
ATOM 6   O "O3'" . DG A 1 1  ? 27.20340  23.83569  0.82145   1.000 989.53144  ? 101 DG A "O3'" 1 
ATOM 7   C "C2'" . DG A 1 1  ? 26.40830  25.70384  2.25215   1.000 1000.32996 ? 101 DG A "C2'" 1 
ATOM 8   C "C1'" . DG A 1 1  ? 25.60814  26.94376  1.78264   1.000 1005.67616 ? 101 DG A "C1'" 1 
ATOM 9   N N9    . DG A 1 1  ? 24.62752  27.51173  2.75297   1.000 367.03330  ? 101 DG A N9    1 
ATOM 10  C C8    . DG A 1 1  ? 23.65966  28.45175  2.46033   1.000 370.40866  ? 101 DG A C8    1 
ATOM 11  N N7    . DG A 1 1  ? 22.89592  28.77005  3.46908   1.000 371.41974  ? 101 DG A N7    1 
ATOM 12  C C5    . DG A 1 1  ? 23.36936  27.99921  4.51521   1.000 368.59874  ? 101 DG A C5    1 
ATOM 13  C C6    . DG A 1 1  ? 22.92408  27.92447  5.85883   1.000 368.55509  ? 101 DG A C6    1 
ATOM 14  O O6    . DG A 1 1  ? 21.99479  28.54510  6.41143   1.000 370.96629  ? 101 DG A O6    1 
ATOM 15  N N1    . DG A 1 1  ? 23.67385  27.02102  6.59325   1.000 365.73078  ? 101 DG A N1    1 
ATOM 16  C C2    . DG A 1 1  ? 24.72006  26.27538  6.11292   1.000 363.20768  ? 101 DG A C2    1 
ATOM 17  N N2    . DG A 1 1  ? 25.30809  25.45773  7.00574   1.000 361.13062  ? 101 DG A N2    1 
ATOM 18  N N3    . DG A 1 1  ? 25.15936  26.32574  4.85627   1.000 363.10206  ? 101 DG A N3    1 
ATOM 19  C C4    . DG A 1 1  ? 24.43944  27.20681  4.10416   1.000 365.86085  ? 101 DG A C4    1 
ATOM 20  P P     . DG A 1 2  ? 27.91667  22.77446  1.80428   1.000 598.38061  ? 102 DG A P     1 
ATOM 21  O OP1   . DG A 1 2  ? 29.29170  23.26081  2.03571   1.000 606.22440  ? 102 DG A OP1   1 
ATOM 22  O OP2   . DG A 1 2  ? 27.69253  21.41940  1.25670   1.000 588.92198  ? 102 DG A OP2   1 
ATOM 23  O "O5'" . DG A 1 2  ? 27.14776  22.88428  3.20289   1.000 598.11231  ? 102 DG A "O5'" 1 
ATOM 24  C "C5'" . DG A 1 2  ? 27.91573  22.89580  4.42771   1.000 602.26306  ? 102 DG A "C5'" 1 
ATOM 25  C "C4'" . DG A 1 2  ? 27.41172  21.88540  5.46262   1.000 596.05233  ? 102 DG A "C4'" 1 
ATOM 26  O "O4'" . DG A 1 2  ? 26.20508  22.37791  6.08198   1.000 596.10237  ? 102 DG A "O4'" 1 
ATOM 27  C "C3'" . DG A 1 2  ? 27.05574  20.49579  4.95316   1.000 586.02420  ? 102 DG A "C3'" 1 
ATOM 28  O "O3'" . DG A 1 2  ? 27.20985  19.54618  6.02759   1.000 582.87018  ? 102 DG A "O3'" 1 
ATOM 29  C "C2'" . DG A 1 2  ? 25.59080  20.66516  4.54005   1.000 581.86177  ? 102 DG A "C2'" 1 
ATOM 30  C "C1'" . DG A 1 2  ? 25.07686  21.73535  5.51837   1.000 587.96882  ? 102 DG A "C1'" 1 
ATOM 31  N N9    . DG A 1 2  ? 24.21952  22.75764  4.89660   1.000 287.79293  ? 102 DG A N9    1 
ATOM 32  C C8    . DG A 1 2  ? 24.32311  23.27175  3.62760   1.000 286.20096  ? 102 DG A C8    1 
ATOM 33  N N7    . DG A 1 2  ? 23.42346  24.17935  3.35074   1.000 290.49938  ? 102 DG A N7    1 
ATOM 34  C C5    . DG A 1 2  ? 22.66911  24.27445  4.51249   1.000 294.99004  ? 102 DG A C5    1 
ATOM 35  C C6    . DG A 1 2  ? 21.54663  25.09186  4.81457   1.000 300.97558  ? 102 DG A C6    1 
ATOM 36  O O6    . DG A 1 2  ? 20.97928  25.92301  4.08772   1.000 303.48469  ? 102 DG A O6    1 
ATOM 37  N N1    . DG A 1 2  ? 21.08634  24.87123  6.11177   1.000 304.39107  ? 102 DG A N1    1 
ATOM 38  C C2    . DG A 1 2  ? 21.64456  23.98189  7.00187   1.000 302.63188  ? 102 DG A C2    1 
ATOM 39  N N2    . DG A 1 2  ? 21.06426  23.89955  8.20470   1.000 307.24119  ? 102 DG A N2    1 
ATOM 40  N N3    . DG A 1 2  ? 22.69072  23.21451  6.73032   1.000 297.24731  ? 102 DG A N3    1 
ATOM 41  C C4    . DG A 1 2  ? 23.15180  23.41175  5.47566   1.000 293.59872  ? 102 DG A C4    1 
ATOM 42  P P     . DA A 1 3  ? 26.68190  18.02862  5.91335   1.000 479.78589  ? 103 DA A P     1 
ATOM 43  O OP1   . DA A 1 3  ? 27.60986  17.22359  6.73757   1.000 479.96231  ? 103 DA A OP1   1 
ATOM 44  O OP2   . DA A 1 3  ? 26.43723  17.66227  4.49817   1.000 474.82555  ? 103 DA A OP2   1 
ATOM 45  O "O5'" . DA A 1 3  ? 25.28179  18.05117  6.68926   1.000 476.97820  ? 103 DA A "O5'" 1 
ATOM 46  C "C5'" . DA A 1 3  ? 25.25668  18.27730  8.10394   1.000 480.76338  ? 103 DA A "C5'" 1 
ATOM 47  C "C4'" . DA A 1 3  ? 23.82943  18.33114  8.63117   1.000 477.92398  ? 103 DA A "C4'" 1 
ATOM 48  O "O4'" . DA A 1 3  ? 23.16931  19.51992  8.12943   1.000 481.46545  ? 103 DA A "O4'" 1 
ATOM 49  C "C3'" . DA A 1 3  ? 22.93011  17.15068  8.21192   1.000 468.45348  ? 103 DA A "C3'" 1 
ATOM 50  O "O3'" . DA A 1 3  ? 22.45185  16.38103  9.37025   1.000 465.67871  ? 103 DA A "O3'" 1 
ATOM 51  C "C2'" . DA A 1 3  ? 21.79971  17.80370  7.41449   1.000 467.32966  ? 103 DA A "C2'" 1 
ATOM 52  C "C1'" . DA A 1 3  ? 21.81171  19.20806  7.97716   1.000 475.83803  ? 103 DA A "C1'" 1 
ATOM 53  N N9    . DA A 1 3  ? 21.16387  20.19076  7.12376   1.000 213.54618  ? 103 DA A N9    1 
ATOM 54  C C8    . DA A 1 3  ? 21.55498  20.59727  5.88382   1.000 214.82093  ? 103 DA A C8    1 
ATOM 55  N N7    . DA A 1 3  ? 20.76015  21.49669  5.34990   1.000 217.20449  ? 103 DA A N7    1 
ATOM 56  C C5    . DA A 1 3  ? 19.77707  21.68339  6.30422   1.000 217.31382  ? 103 DA A C5    1 
ATOM 57  C C6    . DA A 1 3  ? 18.63756  22.51734  6.34769   1.000 219.63413  ? 103 DA A C6    1 
ATOM 58  N N6    . DA A 1 3  ? 18.29204  23.34714  5.35771   1.000 222.44337  ? 103 DA A N6    1 
ATOM 59  N N1    . DA A 1 3  ? 17.86496  22.45917  7.44814   1.000 219.30319  ? 103 DA A N1    1 
ATOM 60  C C2    . DA A 1 3  ? 18.21703  21.62809  8.43588   1.000 216.96353  ? 103 DA A C2    1 
ATOM 61  N N3    . DA A 1 3  ? 19.26353  20.80498  8.51016   1.000 214.82646  ? 103 DA A N3    1 
ATOM 62  C C4    . DA A 1 3  ? 20.00939  20.88335  7.40295   1.000 215.06270  ? 103 DA A C4    1 
ATOM 63  P P     . DC A 1 4  ? 21.23896  16.85568  10.33294  1.000 448.11770  ? 104 DC A P     1 
ATOM 64  O OP1   . DC A 1 4  ? 21.53693  18.18983  10.89793  1.000 490.57230  ? 104 DC A OP1   1 
ATOM 65  O OP2   . DC A 1 4  ? 21.04096  15.72828  11.26480  1.000 441.25997  ? 104 DC A OP2   1 
ATOM 66  O "O5'" . DC A 1 4  ? 19.91736  16.90967  9.41217   1.000 417.97849  ? 104 DC A "O5'" 1 
ATOM 67  C "C5'" . DC A 1 4  ? 18.88135  17.86270  9.71664   1.000 426.22551  ? 104 DC A "C5'" 1 
ATOM 68  C "C4'" . DC A 1 4  ? 17.62402  17.63299  8.88401   1.000 393.80601  ? 104 DC A "C4'" 1 
ATOM 69  O "O4'" . DC A 1 4  ? 17.69074  18.39794  7.66112   1.000 394.17546  ? 104 DC A "O4'" 1 
ATOM 70  C "C3'" . DC A 1 4  ? 17.38087  16.18218  8.45706   1.000 356.46862  ? 104 DC A "C3'" 1 
ATOM 71  O "O3'" . DC A 1 4  ? 16.24987  15.55081  9.16768   1.000 341.98139  ? 104 DC A "O3'" 1 
ATOM 72  C "C2'" . DC A 1 4  ? 17.12648  16.27112  6.93274   1.000 334.98420  ? 104 DC A "C2'" 1 
ATOM 73  C "C1'" . DC A 1 4  ? 16.87271  17.76036  6.72527   1.000 361.60705  ? 104 DC A "C1'" 1 
ATOM 74  N N1    . DC A 1 4  ? 17.19471  18.27612  5.33709   1.000 358.54513  ? 104 DC A N1    1 
ATOM 75  C C2    . DC A 1 4  ? 16.36982  19.25032  4.76051   1.000 364.41173  ? 104 DC A C2    1 
ATOM 76  O O2    . DC A 1 4  ? 15.40354  19.66945  5.40658   1.000 374.16259  ? 104 DC A O2    1 
ATOM 77  N N3    . DC A 1 4  ? 16.65853  19.71058  3.51673   1.000 363.94896  ? 104 DC A N3    1 
ATOM 78  C C4    . DC A 1 4  ? 17.71517  19.23290  2.85655   1.000 354.74425  ? 104 DC A C4    1 
ATOM 79  N N4    . DC A 1 4  ? 17.95769  19.71721  1.63173   1.000 356.64458  ? 104 DC A N4    1 
ATOM 80  C C5    . DC A 1 4  ? 18.56881  18.23672  3.42366   1.000 350.45496  ? 104 DC A C5    1 
ATOM 81  C C6    . DC A 1 4  ? 18.27367  17.79089  4.65412   1.000 353.40793  ? 104 DC A C6    1 
ATOM 82  P P     . DA A 1 5  ? 15.45765  16.21157  10.41673  1.000 359.01623  ? 105 DA A P     1 
ATOM 83  O OP1   . DA A 1 5  ? 16.30989  16.97166  11.35687  1.000 394.76120  ? 105 DA A OP1   1 
ATOM 84  O OP2   . DA A 1 5  ? 14.68862  15.08870  10.99508  1.000 333.98025  ? 105 DA A OP2   1 
ATOM 85  O "O5'" . DA A 1 5  ? 14.38145  17.17555  9.72942   1.000 355.66550  ? 105 DA A "O5'" 1 
ATOM 86  C "C5'" . DA A 1 5  ? 13.66121  18.11552  10.52036  1.000 371.80688  ? 105 DA A "C5'" 1 
ATOM 87  C "C4'" . DA A 1 5  ? 12.24134  18.31304  10.00136  1.000 351.02331  ? 105 DA A "C4'" 1 
ATOM 88  O "O4'" . DA A 1 5  ? 12.26762  18.71339  8.60665   1.000 342.47429  ? 105 DA A "O4'" 1 
ATOM 89  C "C3'" . DA A 1 5  ? 11.33264  17.09177  10.07413  1.000 318.74140  ? 105 DA A "C3'" 1 
ATOM 90  O "O3'" . DA A 1 5  ? 10.00628  17.50929  10.40992  1.000 316.80028  ? 105 DA A "O3'" 1 
ATOM 91  C "C2'" . DA A 1 5  ? 11.41960  16.50954  8.66385   1.000 292.64472  ? 105 DA A "C2'" 1 
ATOM 92  C "C1'" . DA A 1 5  ? 11.61737  17.74885  7.79963   1.000 308.03562  ? 105 DA A "C1'" 1 
ATOM 93  N N9    . DA A 1 5  ? 12.46499  17.50156  6.63954   1.000 298.20164  ? 105 DA A N9    1 
ATOM 94  C C8    . DA A 1 5  ? 13.60662  16.75425  6.61342   1.000 296.44968  ? 105 DA A C8    1 
ATOM 95  N N7    . DA A 1 5  ? 14.18156  16.70631  5.43929   1.000 287.13228  ? 105 DA A N7    1 
ATOM 96  C C5    . DA A 1 5  ? 13.36757  17.48228  4.63798   1.000 283.17109  ? 105 DA A C5    1 
ATOM 97  C C6    . DA A 1 5  ? 13.44110  17.82641  3.28203   1.000 274.35752  ? 105 DA A C6    1 
ATOM 98  N N6    . DA A 1 5  ? 14.41747  17.40563  2.47788   1.000 266.08630  ? 105 DA A N6    1 
ATOM 99  N N1    . DA A 1 5  ? 12.46920  18.61287  2.78146   1.000 273.92222  ? 105 DA A N1    1 
ATOM 100 C C2    . DA A 1 5  ? 11.48889  19.03010  3.59275   1.000 281.45336  ? 105 DA A C2    1 
ATOM 101 N N3    . DA A 1 5  ? 11.31578  18.77364  4.89231   1.000 289.27768  ? 105 DA A N3    1 
ATOM 102 C C4    . DA A 1 5  ? 12.30402  17.98822  5.35834   1.000 290.07417  ? 105 DA A C4    1 
ATOM 103 P P     . DG A 1 6  ? 8.72915   16.56907  10.13622  1.000 599.17968  ? 106 DG A P     1 
ATOM 104 O OP1   . DG A 1 6  ? 7.71279   16.96402  11.13608  1.000 608.67250  ? 106 DG A OP1   1 
ATOM 105 O OP2   . DG A 1 6  ? 9.13932   15.14670  10.06746  1.000 580.88728  ? 106 DG A OP2   1 
ATOM 106 O "O5'" . DG A 1 6  ? 8.21354   17.05221  8.69949   1.000 580.09051  ? 106 DG A "O5'" 1 
ATOM 107 C "C5'" . DG A 1 6  ? 7.90654   18.43397  8.49264   1.000 593.60972  ? 106 DG A "C5'" 1 
ATOM 108 C "C4'" . DG A 1 6  ? 7.29807   18.68719  7.11761   1.000 575.65163  ? 106 DG A "C4'" 1 
ATOM 109 O "O4'" . DG A 1 6  ? 8.29286   18.46237  6.08230   1.000 573.02884  ? 106 DG A "O4'" 1 
ATOM 110 C "C3'" . DG A 1 6  ? 6.11961   17.79802  6.74171   1.000 543.37952  ? 106 DG A "C3'" 1 
ATOM 111 O "O3'" . DG A 1 6  ? 5.25737   18.50531  5.85908   1.000 537.54089  ? 106 DG A "O3'" 1 
ATOM 112 C "C2'" . DG A 1 6  ? 6.81521   16.65224  6.02177   1.000 524.63243  ? 106 DG A "C2'" 1 
ATOM 113 C "C1'" . DG A 1 6  ? 7.85443   17.42392  5.22268   1.000 541.68391  ? 106 DG A "C1'" 1 
ATOM 114 N N9    . DG A 1 6  ? 9.02766   16.64430  4.82648   1.000 536.79640  ? 106 DG A N9    1 
ATOM 115 C C8    . DG A 1 6  ? 9.85645   15.93537  5.65699   1.000 544.23682  ? 106 DG A C8    1 
ATOM 116 N N7    . DG A 1 6  ? 10.84754  15.35793  5.03764   1.000 538.65527  ? 106 DG A N7    1 
ATOM 117 C C5    . DG A 1 6  ? 10.67702  15.71702  3.70616   1.000 526.64769  ? 106 DG A C5    1 
ATOM 118 C C6    . DG A 1 6  ? 11.45115  15.38494  2.56710   1.000 516.24179  ? 106 DG A C6    1 
ATOM 119 O O6    . DG A 1 6  ? 12.47122  14.69293  2.51215   1.000 514.87404  ? 106 DG A O6    1 
ATOM 120 N N1    . DG A 1 6  ? 10.94074  15.95429  1.40316   1.000 507.05690  ? 106 DG A N1    1 
ATOM 121 C C2    . DG A 1 6  ? 9.81753   16.74028  1.34216   1.000 507.97925  ? 106 DG A C2    1 
ATOM 122 N N2    . DG A 1 6  ? 9.47857   17.19554  0.12091   1.000 499.07133  ? 106 DG A N2    1 
ATOM 123 N N3    . DG A 1 6  ? 9.07793   17.06281  2.40618   1.000 517.56138  ? 106 DG A N3    1 
ATOM 124 C C4    . DG A 1 6  ? 9.56369   16.51061  3.55266   1.000 525.89303  ? 106 DG A C4    1 
ATOM 125 P P     . DC A 1 7  ? 3.88030   17.84264  5.36430   1.000 573.99799  ? 107 DC A P     1 
ATOM 126 O OP1   . DC A 1 7  ? 3.01806   18.92888  4.84880   1.000 578.65683  ? 107 DC A OP1   1 
ATOM 127 O OP2   . DC A 1 7  ? 3.39317   16.96305  6.44720   1.000 564.75209  ? 107 DC A OP2   1 
ATOM 128 O "O5'" . DC A 1 7  ? 4.31741   16.90161  4.14870   1.000 551.71305  ? 107 DC A "O5'" 1 
ATOM 129 C "C5'" . DC A 1 7  ? 4.96195   17.46054  3.01740   1.000 558.11276  ? 107 DC A "C5'" 1 
ATOM 130 C "C4'" . DC A 1 7  ? 5.58771   16.37386  2.16538   1.000 533.64337  ? 107 DC A "C4'" 1 
ATOM 131 O "O4'" . DC A 1 7  ? 6.69223   15.76003  2.86788   1.000 539.10214  ? 107 DC A "O4'" 1 
ATOM 132 C "C3'" . DC A 1 7  ? 4.64751   15.22065  1.78232   1.000 502.96763  ? 107 DC A "C3'" 1 
ATOM 133 O "O3'" . DC A 1 7  ? 4.58951   15.11113  0.35362   1.000 485.70826  ? 107 DC A "O3'" 1 
ATOM 134 C "C2'" . DC A 1 7  ? 5.31225   13.98161  2.43142   1.000 493.79301  ? 107 DC A "C2'" 1 
ATOM 135 C "C1'" . DC A 1 7  ? 6.75863   14.43250  2.44571   1.000 512.49079  ? 107 DC A "C1'" 1 
ATOM 136 N N1    . DC A 1 7  ? 7.72373   13.66207  3.32913   1.000 518.81263  ? 107 DC A N1    1 
ATOM 137 C C2    . DC A 1 7  ? 8.77119   12.97712  2.72053   1.000 512.53001  ? 107 DC A C2    1 
ATOM 138 O O2    . DC A 1 7  ? 8.76716   12.91353  1.50489   1.000 499.99882  ? 107 DC A O2    1 
ATOM 139 N N3    . DC A 1 7  ? 9.64171   12.27675  3.48000   1.000 518.87315  ? 107 DC A N3    1 
ATOM 140 C C4    . DC A 1 7  ? 9.54097   12.31988  4.80594   1.000 532.22058  ? 107 DC A C4    1 
ATOM 141 N N4    . DC A 1 7  ? 10.44419  11.64500  5.52191   1.000 539.43498  ? 107 DC A N4    1 
ATOM 142 C C5    . DC A 1 7  ? 8.50405   13.05486  5.45761   1.000 539.36452  ? 107 DC A C5    1 
ATOM 143 C C6    . DC A 1 7  ? 7.62736   13.71140  4.68519   1.000 531.95405  ? 107 DC A C6    1 
ATOM 144 P P     . DC A 1 8  ? 3.57107   16.01901  -0.50492  1.000 542.82894  ? 108 DC A P     1 
ATOM 145 O OP1   . DC A 1 8  ? 3.54294   17.39230  0.03812   1.000 570.90533  ? 108 DC A OP1   1 
ATOM 146 O OP2   . DC A 1 8  ? 2.30618   15.26737  -0.59383  1.000 519.24043  ? 108 DC A OP2   1 
ATOM 147 O "O5'" . DC A 1 8  ? 4.22263   16.06778  -1.96933  1.000 537.95630  ? 108 DC A "O5'" 1 
ATOM 148 C "C5'" . DC A 1 8  ? 3.75035   15.19298  -2.99840  1.000 511.79168  ? 108 DC A "C5'" 1 
ATOM 149 C "C4'" . DC A 1 8  ? 4.74539   15.11968  -4.14567  1.000 508.36401  ? 108 DC A "C4'" 1 
ATOM 150 O "O4'" . DC A 1 8  ? 6.07333   15.45751  -3.65371  1.000 528.75463  ? 108 DC A "O4'" 1 
ATOM 151 C "C3'" . DC A 1 8  ? 4.88230   13.74075  -4.78203  1.000 480.41920  ? 108 DC A "C3'" 1 
ATOM 152 O "O3'" . DC A 1 8  ? 4.02051   13.63039  -5.89872  1.000 462.93463  ? 108 DC A "O3'" 1 
ATOM 153 C "C2'" . DC A 1 8  ? 6.34541   13.71721  -5.19773  1.000 487.29300  ? 108 DC A "C2'" 1 
ATOM 154 C "C1'" . DC A 1 8  ? 6.99498   14.45847  -4.03834  1.000 516.10162  ? 108 DC A "C1'" 1 
ATOM 155 N N1    . DC A 1 8  ? 7.26898   13.59584  -2.84566  1.000 514.74789  ? 108 DC A N1    1 
ATOM 156 C C2    . DC A 1 8  ? 8.24835   12.58577  -2.91328  1.000 506.00155  ? 108 DC A C2    1 
ATOM 157 O O2    . DC A 1 8  ? 8.87465   12.42254  -3.95800  1.000 498.51963  ? 108 DC A O2    1 
ATOM 158 N N3    . DC A 1 8  ? 8.47676   11.81281  -1.81828  1.000 506.88490  ? 108 DC A N3    1 
ATOM 159 C C4    . DC A 1 8  ? 7.76720   12.00988  -0.71584  1.000 514.26736  ? 108 DC A C4    1 
ATOM 160 N N4    . DC A 1 8  ? 8.02861   11.23390  0.34751   1.000 515.69726  ? 108 DC A N4    1 
ATOM 161 C C5    . DC A 1 8  ? 6.77428   13.04027  -0.62795  1.000 522.71001  ? 108 DC A C5    1 
ATOM 162 C C6    . DC A 1 8  ? 6.56197   13.79656  -1.70037  1.000 522.84776  ? 108 DC A C6    1 
ATOM 163 P P     . DT A 1 9  ? 3.33080   12.22096  -6.24289  1.000 371.24008  ? 109 DT A P     1 
ATOM 164 O OP1   . DT A 1 9  ? 2.24026   12.47632  -7.21317  1.000 358.76346  ? 109 DT A OP1   1 
ATOM 165 O OP2   . DT A 1 9  ? 3.02101   11.55028  -4.95816  1.000 369.89860  ? 109 DT A OP2   1 
ATOM 166 O "O5'" . DT A 1 9  ? 4.50109   11.39496  -6.95648  1.000 363.09101  ? 109 DT A "O5'" 1 
ATOM 167 C "C5'" . DT A 1 9  ? 5.24749   11.98850  -8.01566  1.000 365.40523  ? 109 DT A "C5'" 1 
ATOM 168 C "C4'" . DT A 1 9  ? 6.56627   11.26775  -8.20336  1.000 364.55984  ? 109 DT A "C4'" 1 
ATOM 169 O "O4'" . DT A 1 9  ? 7.25569   11.23908  -6.94476  1.000 380.07331  ? 109 DT A "O4'" 1 
ATOM 170 C "C3'" . DT A 1 9  ? 6.41789   9.82484   -8.64865  1.000 339.83049  ? 109 DT A "C3'" 1 
ATOM 171 O "O3'" . DT A 1 9  ? 6.71651   9.71471   -10.03327 1.000 328.05448  ? 109 DT A "O3'" 1 
ATOM 172 C "C2'" . DT A 1 9  ? 7.41190   9.02302   -7.79990  1.000 344.09285  ? 109 DT A "C2'" 1 
ATOM 173 C "C1'" . DT A 1 9  ? 7.88990   9.99902   -6.74210  1.000 371.73591  ? 109 DT A "C1'" 1 
ATOM 174 N N1    . DT A 1 9  ? 7.63297   9.57599   -5.33686  1.000 377.20845  ? 109 DT A N1    1 
ATOM 175 C C2    . DT A 1 9  ? 8.37414   8.56079   -4.78965  1.000 373.72265  ? 109 DT A C2    1 
ATOM 176 O O2    . DT A 1 9  ? 9.22404   7.94397   -5.40649  1.000 364.78472  ? 109 DT A O2    1 
ATOM 177 N N3    . DT A 1 9  ? 8.08703   8.28529   -3.48122  1.000 380.81455  ? 109 DT A N3    1 
ATOM 178 C C4    . DT A 1 9  ? 7.16019   8.91009   -2.67542  1.000 389.65512  ? 109 DT A C4    1 
ATOM 179 O O4    . DT A 1 9  ? 6.98088   8.57747   -1.50448  1.000 395.17046  ? 109 DT A O4    1 
ATOM 180 C C5    . DT A 1 9  ? 6.41620   9.97169   -3.31007  1.000 391.33925  ? 109 DT A C5    1 
ATOM 181 C C7    . DT A 1 9  ? 5.36745   10.72027  -2.54774  1.000 398.92046  ? 109 DT A C7    1 
ATOM 182 C C6    . DT A 1 9  ? 6.69227   10.25452  -4.59293  1.000 385.63786  ? 109 DT A C6    1 
ATOM 183 P P     . DG A 1 10 ? 5.53718   9.81664   -11.11971 1.000 327.12858  ? 110 DG A P     1 
ATOM 184 O OP1   . DG A 1 10 ? 6.01816   9.19104   -12.37541 1.000 311.80113  ? 110 DG A OP1   1 
ATOM 185 O OP2   . DG A 1 10 ? 5.11234   11.23788  -11.16180 1.000 342.90449  ? 110 DG A OP2   1 
ATOM 186 O "O5'" . DG A 1 10 ? 4.35325   8.93227   -10.47976 1.000 311.64604  ? 110 DG A "O5'" 1 
ATOM 187 C "C5'" . DG A 1 10 ? 4.13766   7.55820   -10.90230 1.000 287.96904  ? 110 DG A "C5'" 1 
ATOM 188 C "C4'" . DG A 1 10 ? 5.34701   6.68569   -10.59354 1.000 283.32576  ? 110 DG A "C4'" 1 
ATOM 189 O "O4'" . DG A 1 10 ? 5.82295   6.98260   -9.26178  1.000 300.68455  ? 110 DG A "O4'" 1 
ATOM 190 C "C3'" . DG A 1 10 ? 5.09824   5.18068   -10.59232 1.000 266.35042  ? 110 DG A "C3'" 1 
ATOM 191 O "O3'" . DG A 1 10 ? 6.30627   4.51343   -10.93284 1.000 259.09592  ? 110 DG A "O3'" 1 
ATOM 192 C "C2'" . DG A 1 10 ? 4.74076   4.93533   -9.13032  1.000 274.09770  ? 110 DG A "C2'" 1 
ATOM 193 C "C1'" . DG A 1 10 ? 5.77642   5.82175   -8.46766  1.000 293.98326  ? 110 DG A "C1'" 1 
ATOM 194 N N9    . DG A 1 10 ? 5.48879   6.23229   -7.09385  1.000 310.85611  ? 110 DG A N9    1 
ATOM 195 C C8    . DG A 1 10 ? 4.79416   7.34706   -6.69785  1.000 323.98790  ? 110 DG A C8    1 
ATOM 196 N N7    . DG A 1 10 ? 4.74165   7.49188   -5.40413  1.000 338.29064  ? 110 DG A N7    1 
ATOM 197 C C5    . DG A 1 10 ? 5.46034   6.40906   -4.91029  1.000 335.14762  ? 110 DG A C5    1 
ATOM 198 C C6    . DG A 1 10 ? 5.74489   6.02824   -3.57895  1.000 346.53304  ? 110 DG A C6    1 
ATOM 199 O O6    . DG A 1 10 ? 5.40854   6.58612   -2.53047  1.000 361.85749  ? 110 DG A O6    1 
ATOM 200 N N1    . DG A 1 10 ? 6.50421   4.86576   -3.52523  1.000 338.07371  ? 110 DG A N1    1 
ATOM 201 C C2    . DG A 1 10 ? 6.93548   4.15813   -4.62114  1.000 320.34349  ? 110 DG A C2    1 
ATOM 202 N N2    . DG A 1 10 ? 7.64902   3.05172   -4.37665  1.000 316.14603  ? 110 DG A N2    1 
ATOM 203 N N3    . DG A 1 10 ? 6.67189   4.50184   -5.86745  1.000 309.45630  ? 110 DG A N3    1 
ATOM 204 C C4    . DG A 1 10 ? 5.93508   5.63284   -5.93988  1.000 317.82411  ? 110 DG A C4    1 
ATOM 205 P P     . DT A 1 11 ? 6.30346   3.24000   -11.91215 1.000 230.44541  ? 111 DT A P     1 
ATOM 206 O OP1   . DT A 1 11 ? 7.64857   3.20541   -12.52928 1.000 233.01477  ? 111 DT A OP1   1 
ATOM 207 O OP2   . DT A 1 11 ? 5.09812   3.32461   -12.76890 1.000 227.03914  ? 111 DT A OP2   1 
ATOM 208 O "O5'" . DT A 1 11 ? 6.14620   1.97725   -10.92905 1.000 218.10337  ? 111 DT A "O5'" 1 
ATOM 209 C "C5'" . DT A 1 11 ? 6.96972   1.87098   -9.76557  1.000 223.18859  ? 111 DT A "C5'" 1 
ATOM 210 C "C4'" . DT A 1 11 ? 6.80040   0.52404   -9.07068  1.000 219.68945  ? 111 DT A "C4'" 1 
ATOM 211 O "O4'" . DT A 1 11 ? 6.55914   0.74085   -7.65181  1.000 234.42856  ? 111 DT A "O4'" 1 
ATOM 212 C "C3'" . DT A 1 11 ? 5.62476   -0.32228  -9.53596  1.000 208.32618  ? 111 DT A "C3'" 1 
ATOM 213 O "O3'" . DT A 1 11 ? 5.87924   -1.69282  -9.20923  1.000 204.38784  ? 111 DT A "O3'" 1 
ATOM 214 C "C2'" . DT A 1 11 ? 4.50438   0.23998   -8.66646  1.000 217.02829  ? 111 DT A "C2'" 1 
ATOM 215 C "C1'" . DT A 1 11 ? 5.23271   0.35016   -7.33295  1.000 233.21727  ? 111 DT A "C1'" 1 
ATOM 216 N N1    . DT A 1 11 ? 4.65808   1.35493   -6.37011  1.000 248.20538  ? 111 DT A N1    1 
ATOM 217 C C2    . DT A 1 11 ? 4.91164   1.19598   -5.03030  1.000 260.14478  ? 111 DT A C2    1 
ATOM 218 O O2    . DT A 1 11 ? 5.56886   0.27458   -4.58419  1.000 258.74047  ? 111 DT A O2    1 
ATOM 219 N N3    . DT A 1 11 ? 4.36699   2.15533   -4.22230  1.000 273.48278  ? 111 DT A N3    1 
ATOM 220 C C4    . DT A 1 11 ? 3.60819   3.23904   -4.60335  1.000 277.79581  ? 111 DT A C4    1 
ATOM 221 O O4    . DT A 1 11 ? 3.16281   4.04502   -3.79150  1.000 291.97210  ? 111 DT A O4    1 
ATOM 222 C C5    . DT A 1 11 ? 3.37406   3.35934   -6.02131  1.000 264.45837  ? 111 DT A C5    1 
ATOM 223 C C7    . DT A 1 11 ? 2.55669   4.50358   -6.54448  1.000 268.02006  ? 111 DT A C7    1 
ATOM 224 C C6    . DT A 1 11 ? 3.90654   2.42149   -6.83504  1.000 249.80799  ? 111 DT A C6    1 
ATOM 225 P P     . DA A 1 12 ? 5.96619   -2.82839  -10.34340 1.000 304.58690  ? 112 DA A P     1 
ATOM 226 O OP1   . DA A 1 12 ? 7.24250   -2.64894  -11.07155 1.000 299.25473  ? 112 DA A OP1   1 
ATOM 227 O OP2   . DA A 1 12 ? 4.67949   -2.84310  -11.07590 1.000 296.60594  ? 112 DA A OP2   1 
ATOM 228 O "O5'" . DA A 1 12 ? 6.05165   -4.18593  -9.50116  1.000 312.95476  ? 112 DA A "O5'" 1 
ATOM 229 C "C5'" . DA A 1 12 ? 7.00412   -4.31603  -8.45241  1.000 320.77608  ? 112 DA A "C5'" 1 
ATOM 230 C "C4'" . DA A 1 12 ? 6.40131   -5.07367  -7.28195  1.000 323.21912  ? 112 DA A "C4'" 1 
ATOM 231 O "O4'" . DA A 1 12 ? 5.80113   -4.13252  -6.36133  1.000 332.60255  ? 112 DA A "O4'" 1 
ATOM 232 C "C3'" . DA A 1 12 ? 5.32172   -6.07535  -7.67726  1.000 313.43177  ? 112 DA A "C3'" 1 
ATOM 233 O "O3'" . DA A 1 12 ? 5.72474   -7.46011  -7.40905  1.000 310.64521  ? 112 DA A "O3'" 1 
ATOM 234 C "C2'" . DA A 1 12 ? 4.05273   -5.65195  -6.92213  1.000 320.06207  ? 112 DA A "C2'" 1 
ATOM 235 C "C1'" . DA A 1 12 ? 4.51085   -4.54490  -5.96515  1.000 332.96409  ? 112 DA A "C1'" 1 
ATOM 236 N N9    . DA A 1 12 ? 3.65021   -3.35419  -5.97244  1.000 337.92040  ? 112 DA A N9    1 
ATOM 237 C C8    . DA A 1 12 ? 3.11826   -2.73386  -7.06907  1.000 327.46646  ? 112 DA A C8    1 
ATOM 238 N N7    . DA A 1 12 ? 2.40712   -1.66726  -6.78543  1.000 334.43923  ? 112 DA A N7    1 
ATOM 239 C C5    . DA A 1 12 ? 2.48389   -1.57031  -5.40586  1.000 350.42941  ? 112 DA A C5    1 
ATOM 240 C C6    . DA A 1 12 ? 1.93993   -0.64755  -4.48709  1.000 363.03823  ? 112 DA A C6    1 
ATOM 241 N N6    . DA A 1 12 ? 1.18095   0.39106   -4.85149  1.000 362.13135  ? 112 DA A N6    1 
ATOM 242 N N1    . DA A 1 12 ? 2.20664   -0.83508  -3.17851  1.000 377.78145  ? 112 DA A N1    1 
ATOM 243 C C2    . DA A 1 12 ? 2.96269   -1.88182  -2.81886  1.000 380.35719  ? 112 DA A C2    1 
ATOM 244 N N3    . DA A 1 12 ? 3.53436   -2.81006  -3.58772  1.000 368.90320  ? 112 DA A N3    1 
ATOM 245 C C4    . DA A 1 12 ? 3.25160   -2.59736  -4.88408  1.000 353.70943  ? 112 DA A C4    1 
ATOM 246 P P     . DC A 1 13 ? 6.45915   -7.92667  -6.04899  1.000 299.92373  ? 113 DC A P     1 
ATOM 247 O OP1   . DC A 1 13 ? 7.82235   -7.35574  -5.95803  1.000 306.55847  ? 113 DC A OP1   1 
ATOM 248 O OP2   . DC A 1 13 ? 6.32221   -9.39999  -6.05013  1.000 297.22376  ? 113 DC A OP2   1 
ATOM 249 O "O5'" . DC A 1 13 ? 5.53603   -7.36763  -4.86598  1.000 310.08542  ? 113 DC A "O5'" 1 
ATOM 250 C "C5'" . DC A 1 13 ? 6.09763   -7.10841  -3.58132  1.000 324.17265  ? 113 DC A "C5'" 1 
ATOM 251 C "C4'" . DC A 1 13 ? 5.25278   -7.72783  -2.48070  1.000 337.45765  ? 113 DC A "C4'" 1 
ATOM 252 O "O4'" . DC A 1 13 ? 4.17999   -6.82071  -2.12257  1.000 346.63094  ? 113 DC A "O4'" 1 
ATOM 253 C "C3'" . DC A 1 13 ? 4.58803   -9.04926  -2.84157  1.000 331.90224  ? 113 DC A "C3'" 1 
ATOM 254 O "O3'" . DC A 1 13 ? 4.57589   -9.91783  -1.71472  1.000 345.91754  ? 113 DC A "O3'" 1 
ATOM 255 C "C2'" . DC A 1 13 ? 3.17742   -8.63317  -3.24886  1.000 328.78590  ? 113 DC A "C2'" 1 
ATOM 256 C "C1'" . DC A 1 13 ? 2.91801   -7.41614  -2.36728  1.000 343.12938  ? 113 DC A "C1'" 1 
ATOM 257 N N1    . DC A 1 13 ? 2.06390   -6.39961  -3.03697  1.000 337.01009  ? 113 DC A N1    1 
ATOM 258 C C2    . DC A 1 13 ? 1.34203   -5.45550  -2.28379  1.000 348.65351  ? 113 DC A C2    1 
ATOM 259 O O2    . DC A 1 13 ? 1.39953   -5.48008  -1.04523  1.000 364.26711  ? 113 DC A O2    1 
ATOM 260 N N3    . DC A 1 13 ? 0.58944   -4.53981  -2.94598  1.000 342.13010  ? 113 DC A N3    1 
ATOM 261 C C4    . DC A 1 13 ? 0.55305   -4.54482  -4.28083  1.000 325.89786  ? 113 DC A C4    1 
ATOM 262 N N4    . DC A 1 13 ? -0.19562  -3.63330  -4.89553  1.000 320.75821  ? 113 DC A N4    1 
ATOM 263 C C5    . DC A 1 13 ? 1.27561   -5.49045  -5.04835  1.000 314.08440  ? 113 DC A C5    1 
ATOM 264 C C6    . DC A 1 13 ? 2.00841   -6.38656  -4.39449  1.000 319.52679  ? 113 DC A C6    1 
ATOM 265 P P     . DG A 1 14 ? 4.54246   -11.50980 -1.93260  1.000 327.73115  ? 114 DG A P     1 
ATOM 266 O OP1   . DG A 1 14 ? 5.78046   -11.88575 -2.64999  1.000 316.50586  ? 114 DG A OP1   1 
ATOM 267 O OP2   . DG A 1 14 ? 3.22735   -11.84894 -2.51735  1.000 324.63057  ? 114 DG A OP2   1 
ATOM 268 O "O5'" . DG A 1 14 ? 4.59276   -12.11269 -0.44956  1.000 345.67971  ? 114 DG A "O5'" 1 
ATOM 269 C "C5'" . DG A 1 14 ? 3.38180   -12.42295 0.23964   1.000 353.16849  ? 114 DG A "C5'" 1 
ATOM 270 C "C4'" . DG A 1 14 ? 3.22246   -11.56428 1.48469   1.000 373.99780  ? 114 DG A "C4'" 1 
ATOM 271 O "O4'" . DG A 1 14 ? 2.82418   -10.21832 1.11189   1.000 373.84904  ? 114 DG A "O4'" 1 
ATOM 272 C "C3'" . DG A 1 14 ? 2.14616   -12.03179 2.43853   1.000 390.33695  ? 114 DG A "C3'" 1 
ATOM 273 O "O3'" . DG A 1 14 ? 2.43683   -11.57610 3.75849   1.000 408.61477  ? 114 DG A "O3'" 1 
ATOM 274 C "C2'" . DG A 1 14 ? 0.89655   -11.37645 1.85575   1.000 388.68324  ? 114 DG A "C2'" 1 
ATOM 275 C "C1'" . DG A 1 14 ? 1.42006   -10.05723 1.27389   1.000 380.24914  ? 114 DG A "C1'" 1 
ATOM 276 N N9    . DG A 1 14 ? 0.86513   -9.72632  -0.04582  1.000 365.94501  ? 114 DG A N9    1 
ATOM 277 C C8    . DG A 1 14 ? 1.12055   -10.40363 -1.20452  1.000 351.62239  ? 114 DG A C8    1 
ATOM 278 N N7    . DG A 1 14 ? 0.53350   -9.90855  -2.24827  1.000 342.28967  ? 114 DG A N7    1 
ATOM 279 C C5    . DG A 1 14 ? -0.15780  -8.81289  -1.76962  1.000 349.30768  ? 114 DG A C5    1 
ATOM 280 C C6    . DG A 1 14 ? -0.97114  -7.89783  -2.46796  1.000 343.40517  ? 114 DG A C6    1 
ATOM 281 O O6    . DG A 1 14 ? -1.23854  -7.89507  -3.67421  1.000 331.74535  ? 114 DG A O6    1 
ATOM 282 N N1    . DG A 1 14 ? -1.50695  -6.92974  -1.63093  1.000 352.06074  ? 114 DG A N1    1 
ATOM 283 C C2    . DG A 1 14 ? -1.27664  -6.84229  -0.27750  1.000 365.66772  ? 114 DG A C2    1 
ATOM 284 N N2    . DG A 1 14 ? -1.89955  -5.82814  0.35660   1.000 371.27571  ? 114 DG A N2    1 
ATOM 285 N N3    . DG A 1 14 ? -0.50381  -7.70721  0.40696   1.000 372.87712  ? 114 DG A N3    1 
ATOM 286 C C4    . DG A 1 14 ? 0.02603   -8.66667  -0.40987  1.000 363.70671  ? 114 DG A C4    1 
ATOM 287 P P     . DG A 1 15 ? 1.27201   -11.39177 4.85047   1.000 468.64203  ? 115 DG A P     1 
ATOM 288 O OP1   . DG A 1 15 ? 1.95607   -11.32174 6.16206   1.000 479.54823  ? 115 DG A OP1   1 
ATOM 289 O OP2   . DG A 1 15 ? 0.22061   -12.41589 4.63559   1.000 470.81988  ? 115 DG A OP2   1 
ATOM 290 O "O5'" . DG A 1 15 ? 0.66354   -9.95492  4.49638   1.000 464.47175  ? 115 DG A "O5'" 1 
ATOM 291 C "C5'" . DG A 1 15 ? -0.26923  -9.34573  5.35302   1.000 475.18539  ? 115 DG A "C5'" 1 
ATOM 292 C "C4'" . DG A 1 15 ? -1.57975  -9.07397  4.63295   1.000 471.10637  ? 115 DG A "C4'" 1 
ATOM 293 O "O4'" . DG A 1 15 ? -1.39182  -9.08895  3.20531   1.000 452.76864  ? 115 DG A "O4'" 1 
ATOM 294 C "C3'" . DG A 1 15 ? -2.66117  -10.11639 4.85660   1.000 485.11367  ? 115 DG A "C3'" 1 
ATOM 295 O "O3'" . DG A 1 15 ? -3.44121  -9.85095  6.04861   1.000 500.54782  ? 115 DG A "O3'" 1 
ATOM 296 C "C2'" . DG A 1 15 ? -3.51157  -10.03624 3.58293   1.000 472.19813  ? 115 DG A "C2'" 1 
ATOM 297 C "C1'" . DG A 1 15 ? -2.67721  -9.16587  2.63532   1.000 453.05662  ? 115 DG A "C1'" 1 
ATOM 298 N N9    . DG A 1 15 ? -2.59856  -9.72612  1.29258   1.000 437.58930  ? 115 DG A N9    1 
ATOM 299 C C8    . DG A 1 15 ? -1.95038  -10.86306 0.91173   1.000 434.38238  ? 115 DG A C8    1 
ATOM 300 N N7    . DG A 1 15 ? -2.06892  -11.13625 -0.35279  1.000 418.47030  ? 115 DG A N7    1 
ATOM 301 C C5    . DG A 1 15 ? -2.88408  -10.13294 -0.83426  1.000 412.01944  ? 115 DG A C5    1 
ATOM 302 C C6    . DG A 1 15 ? -3.37476  -9.90599  -2.13514  1.000 396.34805  ? 115 DG A C6    1 
ATOM 303 O O6    . DG A 1 15 ? -3.16844  -10.57363 -3.15467  1.000 384.42269  ? 115 DG A O6    1 
ATOM 304 N N1    . DG A 1 15 ? -4.16737  -8.76962  -2.19400  1.000 395.02938  ? 115 DG A N1    1 
ATOM 305 C C2    . DG A 1 15 ? -4.44905  -7.95030  -1.12855  1.000 406.42643  ? 115 DG A C2    1 
ATOM 306 N N2    . DG A 1 15 ? -5.24224  -6.89942  -1.36468  1.000 402.58198  ? 115 DG A N2    1 
ATOM 307 N N3    . DG A 1 15 ? -3.99573  -8.15347  0.09379   1.000 420.79490  ? 115 DG A N3    1 
ATOM 308 C C4    . DG A 1 15 ? -3.22944  -9.25786  0.16629   1.000 423.22016  ? 115 DG A C4    1 
ATOM 309 P P     . DA A 1 16 ? -3.86462  -8.36473  6.51186   1.000 651.38067  ? 116 DA A P     1 
ATOM 310 O OP1   . DA A 1 16 ? -2.66502  -7.62713  6.96537   1.000 648.51305  ? 116 DA A OP1   1 
ATOM 311 O OP2   . DA A 1 16 ? -4.96585  -8.56012  7.47697   1.000 670.89998  ? 116 DA A OP2   1 
ATOM 312 O "O5'" . DA A 1 16 ? -4.51428  -7.67583  5.21659   1.000 634.56480  ? 116 DA A "O5'" 1 
ATOM 313 C "C5'" . DA A 1 16 ? -4.51481  -6.25058  5.09938   1.000 628.42461  ? 116 DA A "C5'" 1 
ATOM 314 C "C4'" . DA A 1 16 ? -5.86853  -5.70940  4.64737   1.000 624.46183  ? 116 DA A "C4'" 1 
ATOM 315 O "O4'" . DA A 1 16 ? -6.10805  -6.03502  3.25443   1.000 607.76401  ? 116 DA A "O4'" 1 
ATOM 316 C "C3'" . DA A 1 16 ? -7.08459  -6.21797  5.40616   1.000 642.76647  ? 116 DA A "C3'" 1 
ATOM 317 O "O3'" . DA A 1 16 ? -8.03559  -5.16440  5.49376   1.000 644.92567  ? 116 DA A "O3'" 1 
ATOM 318 C "C2'" . DA A 1 16 ? -7.58216  -7.35868  4.51661   1.000 639.53634  ? 116 DA A "C2'" 1 
ATOM 319 C "C1'" . DA A 1 16 ? -7.28774  -6.81257  3.12628   1.000 616.81310  ? 116 DA A "C1'" 1 
ATOM 320 N N9    . DA A 1 16 ? -7.00411  -7.84159  2.13813   1.000 609.54871  ? 116 DA A N9    1 
ATOM 321 C C8    . DA A 1 16 ? -6.09700  -8.84325  2.26434   1.000 612.48356  ? 116 DA A C8    1 
ATOM 322 N N7    . DA A 1 16 ? -6.00956  -9.62132  1.22046   1.000 604.39549  ? 116 DA A N7    1 
ATOM 323 C C5    . DA A 1 16 ? -6.91295  -9.08265  0.32960   1.000 595.42509  ? 116 DA A C5    1 
ATOM 324 C C6    . DA A 1 16 ? -7.27752  -9.45533  -0.97102  1.000 584.24220  ? 116 DA A C6    1 
ATOM 325 N N6    . DA A 1 16 ? -6.74280  -10.50161 -1.60421  1.000 579.38478  ? 116 DA A N6    1 
ATOM 326 N N1    . DA A 1 16 ? -8.21353  -8.71597  -1.59533  1.000 578.33698  ? 116 DA A N1    1 
ATOM 327 C C2    . DA A 1 16 ? -8.74167  -7.66415  -0.95324  1.000 583.12397  ? 116 DA A C2    1 
ATOM 328 N N3    . DA A 1 16 ? -8.47338  -7.21294  0.27841   1.000 593.03336  ? 116 DA A N3    1 
ATOM 329 C C4    . DA A 1 16 ? -7.53597  -7.97530  0.86962   1.000 598.74855  ? 116 DA A C4    1 
ATOM 330 P P     . DC A 1 17 ? -9.44330  -5.37633  6.23694   1.000 648.99268  ? 117 DC A P     1 
ATOM 331 O OP1   . DC A 1 17 ? -9.90580  -4.03531  6.66671   1.000 649.58174  ? 117 DC A OP1   1 
ATOM 332 O OP2   . DC A 1 17 ? -9.28030  -6.44682  7.24259   1.000 651.88150  ? 117 DC A OP2   1 
ATOM 333 O "O5'" . DC A 1 17 ? -10.40570 -5.91113  5.07419   1.000 647.99327  ? 117 DC A "O5'" 1 
ATOM 334 C "C5'" . DC A 1 17 ? -10.54384 -5.14605  3.88596   1.000 645.21666  ? 117 DC A "C5'" 1 
ATOM 335 C "C4'" . DC A 1 17 ? -11.45009 -5.82349  2.86878   1.000 644.87576  ? 117 DC A "C4'" 1 
ATOM 336 O "O4'" . DC A 1 17 ? -10.74910 -6.89015  2.17867   1.000 636.96572  ? 117 DC A "O4'" 1 
ATOM 337 C "C3'" . DC A 1 17 ? -12.73185 -6.45941  3.41834   1.000 648.15851  ? 117 DC A "C3'" 1 
ATOM 338 O "O3'" . DC A 1 17 ? -13.79615 -6.22279  2.49651   1.000 648.58347  ? 117 DC A "O3'" 1 
ATOM 339 C "C2'" . DC A 1 17 ? -12.36456 -7.94460  3.41920   1.000 649.04049  ? 117 DC A "C2'" 1 
ATOM 340 C "C1'" . DC A 1 17 ? -11.62334 -7.98468  2.10170   1.000 645.71978  ? 117 DC A "C1'" 1 
ATOM 341 N N1    . DC A 1 17 ? -10.83495 -9.20791  1.82308   1.000 645.75762  ? 117 DC A N1    1 
ATOM 342 C C2    . DC A 1 17 ? -10.89012 -9.75455  0.54115   1.000 638.66942  ? 117 DC A C2    1 
ATOM 343 O O2    . DC A 1 17 ? -11.61778 -9.21565  -0.30393  1.000 633.15892  ? 117 DC A O2    1 
ATOM 344 N N3    . DC A 1 17 ? -10.15504 -10.85283 0.26285   1.000 634.94069  ? 117 DC A N3    1 
ATOM 345 C C4    . DC A 1 17 ? -9.38372  -11.39255 1.20882   1.000 642.15372  ? 117 DC A C4    1 
ATOM 346 N N4    . DC A 1 17 ? -8.67617  -12.47593 0.88508   1.000 638.53502  ? 117 DC A N4    1 
ATOM 347 C C5    . DC A 1 17 ? -9.30359  -10.84208 2.52420   1.000 647.64739  ? 117 DC A C5    1 
ATOM 348 C C6    . DC A 1 17 ? -10.03610 -9.75356  2.78355   1.000 647.28321  ? 117 DC A C6    1 
ATOM 349 P P     . DA A 1 18 ? -14.46235 -4.76753  2.31496   1.000 343.27626  ? 118 DA A P     1 
ATOM 350 O OP1   . DA A 1 18 ? -13.42494 -3.75385  2.02364   1.000 322.87562  ? 118 DA A OP1   1 
ATOM 351 O OP2   . DA A 1 18 ? -15.37935 -4.55229  3.45012   1.000 369.43884  ? 118 DA A OP2   1 
ATOM 352 O "O5'" . DA A 1 18 ? -15.34562 -4.93435  0.99175   1.000 344.71233  ? 118 DA A "O5'" 1 
ATOM 353 C "C5'" . DA A 1 18 ? -14.72014 -4.85056  -0.27862  1.000 322.78339  ? 118 DA A "C5'" 1 
ATOM 354 C "C4'" . DA A 1 18 ? -15.30114 -5.85617  -1.26343  1.000 317.40194  ? 118 DA A "C4'" 1 
ATOM 355 O "O4'" . DA A 1 18 ? -14.63592 -7.13695  -1.14619  1.000 313.43734  ? 118 DA A "O4'" 1 
ATOM 356 C "C3'" . DA A 1 18 ? -16.78938 -6.14931  -1.14030  1.000 340.57607  ? 118 DA A "C3'" 1 
ATOM 357 O "O3'" . DA A 1 18 ? -17.31144 -6.22412  -2.46006  1.000 328.99986  ? 118 DA A "O3'" 1 
ATOM 358 C "C2'" . DA A 1 18 ? -16.81484 -7.51178  -0.42002  1.000 354.49998  ? 118 DA A "C2'" 1 
ATOM 359 C "C1'" . DA A 1 18 ? -15.59980 -8.17088  -1.03781  1.000 329.61492  ? 118 DA A "C1'" 1 
ATOM 360 N N9    . DA A 1 18 ? -14.96743 -9.23308  -0.26209  1.000 337.88238  ? 118 DA A N9    1 
ATOM 361 C C8    . DA A 1 18 ? -14.56566 -9.18473  1.04346   1.000 350.58273  ? 118 DA A C8    1 
ATOM 362 N N7    . DA A 1 18 ? -13.93830 -10.26814 1.44491   1.000 357.28250  ? 118 DA A N7    1 
ATOM 363 C C5    . DA A 1 18 ? -13.90367 -11.06685 0.31588   1.000 347.78240  ? 118 DA A C5    1 
ATOM 364 C C6    . DA A 1 18 ? -13.37549 -12.34972 0.07323   1.000 348.60437  ? 118 DA A C6    1 
ATOM 365 N N6    . DA A 1 18 ? -12.75245 -13.07789 1.00370   1.000 360.11664  ? 118 DA A N6    1 
ATOM 366 N N1    . DA A 1 18 ? -13.50944 -12.85560 -1.16986  1.000 337.24068  ? 118 DA A N1    1 
ATOM 367 C C2    . DA A 1 18 ? -14.14366 -12.13112 -2.09461  1.000 326.19200  ? 118 DA A C2    1 
ATOM 368 N N3    . DA A 1 18 ? -14.66392 -10.91118 -1.99161  1.000 324.16099  ? 118 DA A N3    1 
ATOM 369 C C4    . DA A 1 18 ? -14.51577 -10.43469 -0.74843  1.000 335.50671  ? 118 DA A C4    1 
ATOM 370 P P     . DT A 1 19 ? -18.76094 -6.83686  -2.76270  1.000 318.39582  ? 119 DT A P     1 
ATOM 371 O OP1   . DT A 1 19 ? -19.15122 -6.32839  -4.09637  1.000 305.94177  ? 119 DT A OP1   1 
ATOM 372 O OP2   . DT A 1 19 ? -19.63114 -6.59301  -1.59216  1.000 353.28303  ? 119 DT A OP2   1 
ATOM 373 O "O5'" . DT A 1 19 ? -18.49472 -8.40546  -2.91290  1.000 306.82460  ? 119 DT A "O5'" 1 
ATOM 374 C "C5'" . DT A 1 19 ? -18.26337 -8.96202  -4.19889  1.000 299.06465  ? 119 DT A "C5'" 1 
ATOM 375 C "C4'" . DT A 1 19 ? -18.63009 -10.43116 -4.21340  1.000 320.04340  ? 119 DT A "C4'" 1 
ATOM 376 O "O4'" . DT A 1 19 ? -17.68881 -11.16253 -3.40955  1.000 324.26637  ? 119 DT A "O4'" 1 
ATOM 377 C "C3'" . DT A 1 19 ? -19.99725 -10.75057 -3.61816  1.000 353.41374  ? 119 DT A "C3'" 1 
ATOM 378 O "O3'" . DT A 1 19 ? -20.98890 -10.88943 -4.64781  1.000 357.58225  ? 119 DT A "O3'" 1 
ATOM 379 C "C2'" . DT A 1 19 ? -19.79750 -12.05337 -2.83862  1.000 374.98851  ? 119 DT A "C2'" 1 
ATOM 380 C "C1'" . DT A 1 19 ? -18.30023 -12.33669 -2.93405  1.000 352.97304  ? 119 DT A "C1'" 1 
ATOM 381 N N1    . DT A 1 19 ? -17.70073 -12.68569 -1.61181  1.000 367.91360  ? 119 DT A N1    1 
ATOM 382 C C2    . DT A 1 19 ? -16.87013 -13.77388 -1.50732  1.000 368.80390  ? 119 DT A C2    1 
ATOM 383 O O2    . DT A 1 19 ? -16.56812 -14.47712 -2.45380  1.000 358.42159  ? 119 DT A O2    1 
ATOM 384 N N3    . DT A 1 19 ? -16.38621 -14.00409 -0.24503  1.000 382.81744  ? 119 DT A N3    1 
ATOM 385 C C4    . DT A 1 19 ? -16.65234 -13.28262 0.89884   1.000 395.51891  ? 119 DT A C4    1 
ATOM 386 O O4    . DT A 1 19 ? -16.16136 -13.57963 1.98673   1.000 408.01886  ? 119 DT A O4    1 
ATOM 387 C C5    . DT A 1 19 ? -17.54424 -12.15825 0.72064   1.000 394.12873  ? 119 DT A C5    1 
ATOM 388 C C7    . DT A 1 19 ? -17.91543 -11.29068 1.88484   1.000 408.27183  ? 119 DT A C7    1 
ATOM 389 C C6    . DT A 1 19 ? -18.02021 -11.92224 -0.51023  1.000 380.48088  ? 119 DT A C6    1 
ATOM 390 P P     . DC A 1 20 ? -21.00093 -12.13892 -5.66856  1.000 333.21730  ? 120 DC A P     1 
ATOM 391 O OP1   . DC A 1 20 ? -19.62519 -12.60690 -5.94069  1.000 312.73691  ? 120 DC A OP1   1 
ATOM 392 O OP2   . DC A 1 20 ? -21.85089 -11.69441 -6.78772  1.000 327.17020  ? 120 DC A OP2   1 
ATOM 393 O "O5'" . DC A 1 20 ? -21.84081 -13.28267 -4.91891  1.000 371.92409  ? 120 DC A "O5'" 1 
ATOM 394 C "C5'" . DC A 1 20 ? -22.08129 -14.55712 -5.55951  1.000 385.81652  ? 120 DC A "C5'" 1 
ATOM 395 C "C4'" . DC A 1 20 ? -20.82181 -15.41202 -5.56200  1.000 372.83344  ? 120 DC A "C4'" 1 
ATOM 396 O "O4'" . DC A 1 20 ? -20.05323 -15.13561 -4.36248  1.000 367.87571  ? 120 DC A "O4'" 1 
ATOM 397 C "C3'" . DC A 1 20 ? -21.04079 -16.93573 -5.58039  1.000 401.34739  ? 120 DC A "C3'" 1 
ATOM 398 O "O3'" . DC A 1 20 ? -20.05548 -17.56157 -6.42242  1.000 382.38560  ? 120 DC A "O3'" 1 
ATOM 399 C "C2'" . DC A 1 20 ? -20.83632 -17.31310 -4.11363  1.000 422.43056  ? 120 DC A "C2'" 1 
ATOM 400 C "C1'" . DC A 1 20 ? -19.71340 -16.35696 -3.75998  1.000 389.86220  ? 120 DC A "C1'" 1 
ATOM 401 N N1    . DC A 1 20 ? -19.46686 -16.14689 -2.29771  1.000 400.01095  ? 120 DC A N1    1 
ATOM 402 C C2    . DC A 1 20 ? -18.62912 -17.02917 -1.64488  1.000 402.16704  ? 120 DC A C2    1 
ATOM 403 O O2    . DC A 1 20 ? -18.16415 -17.96969 -2.29275  1.000 395.00617  ? 120 DC A O2    1 
ATOM 404 N N3    . DC A 1 20 ? -18.36580 -16.84849 -0.33120  1.000 412.79383  ? 120 DC A N3    1 
ATOM 405 C C4    . DC A 1 20 ? -18.90191 -15.81287 0.31910   1.000 420.44568  ? 120 DC A C4    1 
ATOM 406 N N4    . DC A 1 20 ? -18.60317 -15.67295 1.61561   1.000 431.14017  ? 120 DC A N4    1 
ATOM 407 C C5    . DC A 1 20 ? -19.75456 -14.87656 -0.33799  1.000 417.60189  ? 120 DC A C5    1 
ATOM 408 C C6    . DC A 1 20 ? -20.00698 -15.08225 -1.63870  1.000 407.16720  ? 120 DC A C6    1 
ATOM 409 P P     . DA A 1 21 ? -20.45443 -18.79002 -7.38366  1.000 737.61870  ? 121 DA A P     1 
ATOM 410 O OP1   . DA A 1 21 ? -19.44116 -18.86878 -8.45770  1.000 734.45275  ? 121 DA A OP1   1 
ATOM 411 O OP2   . DA A 1 21 ? -21.87191 -18.61039 -7.76670  1.000 740.42572  ? 121 DA A OP2   1 
ATOM 412 O "O5'" . DA A 1 21 ? -20.33117 -20.09073 -6.44620  1.000 741.44771  ? 121 DA A "O5'" 1 
ATOM 413 C "C5'" . DA A 1 21 ? -19.14099 -20.32080 -5.68114  1.000 740.14722  ? 121 DA A "C5'" 1 
ATOM 414 C "C4'" . DA A 1 21 ? -18.80947 -21.80847 -5.59086  1.000 743.43509  ? 121 DA A "C4'" 1 
ATOM 415 O "O4'" . DA A 1 21 ? -18.15534 -22.08738 -4.33234  1.000 744.33856  ? 121 DA A "O4'" 1 
ATOM 416 C "C3'" . DA A 1 21 ? -19.99929 -22.75181 -5.63009  1.000 748.67875  ? 121 DA A "C3'" 1 
ATOM 417 O "O3'" . DA A 1 21 ? -19.61528 -24.00451 -6.20006  1.000 750.76974  ? 121 DA A "O3'" 1 
ATOM 418 C "C2'" . DA A 1 21 ? -20.39068 -22.89673 -4.15252  1.000 751.86527  ? 121 DA A "C2'" 1 
ATOM 419 C "C1'" . DA A 1 21 ? -19.09708 -22.57361 -3.38970  1.000 748.96223  ? 121 DA A "C1'" 1 
ATOM 420 N N9    . DA A 1 21 ? -19.26763 -21.54435 -2.36827  1.000 747.95829  ? 121 DA A N9    1 
ATOM 421 C C8    . DA A 1 21 ? -20.01178 -20.40767 -2.48181  1.000 746.53583  ? 121 DA A C8    1 
ATOM 422 N N7    . DA A 1 21 ? -19.98451 -19.64784 -1.42137  1.000 746.16154  ? 121 DA A N7    1 
ATOM 423 C C5    . DA A 1 21 ? -19.14739 -20.31559 -0.55106  1.000 747.27494  ? 121 DA A C5    1 
ATOM 424 C C6    . DA A 1 21 ? -18.71504 -20.01237 0.74790   1.000 747.73344  ? 121 DA A C6    1 
ATOM 425 N N6    . DA A 1 21 ? -19.08131 -18.90326 1.39174   1.000 746.98425  ? 121 DA A N6    1 
ATOM 426 N N1    . DA A 1 21 ? -17.89057 -20.89029 1.35864   1.000 749.29934  ? 121 DA A N1    1 
ATOM 427 C C2    . DA A 1 21 ? -17.53233 -22.00204 0.69742   1.000 750.38080  ? 121 DA A C2    1 
ATOM 428 N N3    . DA A 1 21 ? -17.87488 -22.39311 -0.53565  1.000 750.09983  ? 121 DA A N3    1 
ATOM 429 C C4    . DA A 1 21 ? -18.69464 -21.49379 -1.10990  1.000 748.45973  ? 121 DA A C4    1 
ATOM 430 P P     . DC B 2 1  ? -5.01739  -4.34962  -9.61125  1.000 331.29515  ? 119 DC B P     1 
ATOM 431 O OP1   . DC B 2 1  ? -5.54542  -4.78467  -10.92139 1.000 329.68516  ? 119 DC B OP1   1 
ATOM 432 O OP2   . DC B 2 1  ? -4.56660  -2.95535  -9.41392  1.000 331.26954  ? 119 DC B OP2   1 
ATOM 433 O "O5'" . DC B 2 1  ? -6.11845  -4.69595  -8.51396  1.000 336.13798  ? 119 DC B "O5'" 1 
ATOM 434 C "C5'" . DC B 2 1  ? -7.42987  -5.02320  -8.92035  1.000 338.40164  ? 119 DC B "C5'" 1 
ATOM 435 C "C4'" . DC B 2 1  ? -8.40997  -4.76468  -7.79619  1.000 343.29925  ? 119 DC B "C4'" 1 
ATOM 436 O "O4'" . DC B 2 1  ? -8.53553  -5.95032  -6.97872  1.000 344.71562  ? 119 DC B "O4'" 1 
ATOM 437 C "C3'" . DC B 2 1  ? -8.00672  -3.64336  -6.85275  1.000 344.80635  ? 119 DC B "C3'" 1 
ATOM 438 O "O3'" . DC B 2 1  ? -9.15530  -2.93784  -6.39297  1.000 348.97557  ? 119 DC B "O3'" 1 
ATOM 439 C "C2'" . DC B 2 1  ? -7.28566  -4.36226  -5.71035  1.000 345.01807  ? 119 DC B "C2'" 1 
ATOM 440 C "C1'" . DC B 2 1  ? -7.76869  -5.81685  -5.80300  1.000 345.30792  ? 119 DC B "C1'" 1 
ATOM 441 N N1    . DC B 2 1  ? -6.64423  -6.82435  -5.82661  1.000 341.96231  ? 119 DC B N1    1 
ATOM 442 C C2    . DC B 2 1  ? -5.82309  -6.94610  -4.70944  1.000 342.17501  ? 119 DC B C2    1 
ATOM 443 O O2    . DC B 2 1  ? -6.04370  -6.23230  -3.72834  1.000 345.10937  ? 119 DC B O2    1 
ATOM 444 N N3    . DC B 2 1  ? -4.81490  -7.84370  -4.72631  1.000 339.19287  ? 119 DC B N3    1 
ATOM 445 C C4    . DC B 2 1  ? -4.60557  -8.59427  -5.80764  1.000 336.06448  ? 119 DC B C4    1 
ATOM 446 N N4    . DC B 2 1  ? -3.60100  -9.47091  -5.76739  1.000 333.22566  ? 119 DC B N4    1 
ATOM 447 C C5    . DC B 2 1  ? -5.42838  -8.48852  -6.96314  1.000 335.76677  ? 119 DC B C5    1 
ATOM 448 C C6    . DC B 2 1  ? -6.42894  -7.59946  -6.93119  1.000 338.75672  ? 119 DC B C6    1 
ATOM 449 P P     . DC B 2 2  ? -9.04934  -1.37321  -6.03606  1.000 396.53847  ? 120 DC B P     1 
ATOM 450 O OP1   . DC B 2 2  ? -10.39009 -0.90393  -5.62330  1.000 397.40784  ? 120 DC B OP1   1 
ATOM 451 O OP2   . DC B 2 2  ? -8.33755  -0.69739  -7.14024  1.000 387.98418  ? 120 DC B OP2   1 
ATOM 452 O "O5'" . DC B 2 2  ? -8.09048  -1.33036  -4.75929  1.000 412.58182  ? 120 DC B "O5'" 1 
ATOM 453 C "C5'" . DC B 2 2  ? -8.65389  -1.24009  -3.45953  1.000 424.61779  ? 120 DC B "C5'" 1 
ATOM 454 C "C4'" . DC B 2 2  ? -7.57030  -1.16106  -2.39459  1.000 438.53123  ? 120 DC B "C4'" 1 
ATOM 455 O "O4'" . DC B 2 2  ? -6.73639  -2.35253  -2.44140  1.000 440.63860  ? 120 DC B "O4'" 1 
ATOM 456 C "C3'" . DC B 2 2  ? -6.61803  0.02952   -2.51871  1.000 441.47257  ? 120 DC B "C3'" 1 
ATOM 457 O "O3'" . DC B 2 2  ? -6.43822  0.64086   -1.24365  1.000 458.61518  ? 120 DC B "O3'" 1 
ATOM 458 C "C2'" . DC B 2 2  ? -5.32339  -0.60813  -3.02140  1.000 439.64929  ? 120 DC B "C2'" 1 
ATOM 459 C "C1'" . DC B 2 2  ? -5.37844  -1.97636  -2.36515  1.000 448.45711  ? 120 DC B "C1'" 1 
ATOM 460 N N1    . DC B 2 2  ? -4.56901  -2.99999  -3.08850  1.000 443.93125  ? 120 DC B N1    1 
ATOM 461 C C2    . DC B 2 2  ? -3.85628  -3.99889  -2.38245  1.000 450.15746  ? 120 DC B C2    1 
ATOM 462 O O2    . DC B 2 2  ? -3.88630  -4.03084  -1.14173  1.000 459.15146  ? 120 DC B O2    1 
ATOM 463 N N3    . DC B 2 2  ? -3.13892  -4.90699  -3.09519  1.000 445.89648  ? 120 DC B N3    1 
ATOM 464 C C4    . DC B 2 2  ? -3.12221  -4.84607  -4.42903  1.000 436.43837  ? 120 DC B C4    1 
ATOM 465 N N4    . DC B 2 2  ? -2.40660  -5.75353  -5.09131  1.000 432.67028  ? 120 DC B N4    1 
ATOM 466 C C5    . DC B 2 2  ? -3.83502  -3.84790  -5.14949  1.000 430.22047  ? 120 DC B C5    1 
ATOM 467 C C6    . DC B 2 2  ? -4.53183  -2.95689  -4.44884  1.000 434.00898  ? 120 DC B C6    1 
ATOM 468 P P     . DG B 2 3  ? -6.34187  2.24079   -1.11488  1.000 379.93588  ? 121 DG B P     1 
ATOM 469 O OP1   . DG B 2 3  ? -7.71505  2.75689   -0.91516  1.000 382.26421  ? 121 DG B OP1   1 
ATOM 470 O OP2   . DG B 2 3  ? -5.56090  2.72610   -2.27727  1.000 372.43599  ? 121 DG B OP2   1 
ATOM 471 O "O5'" . DG B 2 3  ? -5.48821  2.47073   0.23029   1.000 390.34952  ? 121 DG B "O5'" 1 
ATOM 472 C "C5'" . DG B 2 3  ? -6.11273  2.34951   1.50990   1.000 399.47698  ? 121 DG B "C5'" 1 
ATOM 473 C "C4'" . DG B 2 3  ? -5.23817  1.60158   2.52439   1.000 405.12391  ? 121 DG B "C4'" 1 
ATOM 474 O "O4'" . DG B 2 3  ? -4.54996  0.48085   1.90931   1.000 403.66738  ? 121 DG B "O4'" 1 
ATOM 475 C "C3'" . DG B 2 3  ? -4.13064  2.39213   3.18182   1.000 415.59841  ? 121 DG B "C3'" 1 
ATOM 476 O "O3'" . DG B 2 3  ? -3.80267  1.72419   4.39149   1.000 430.86045  ? 121 DG B "O3'" 1 
ATOM 477 C "C2'" . DG B 2 3  ? -3.01339  2.24194   2.15310   1.000 411.67400  ? 121 DG B "C2'" 1 
ATOM 478 C "C1'" . DG B 2 3  ? -3.15655  0.76250   1.80452   1.000 411.14102  ? 121 DG B "C1'" 1 
ATOM 479 N N9    . DG B 2 3  ? -2.79100  0.42374   0.44040   1.000 402.46681  ? 121 DG B N9    1 
ATOM 480 C C8    . DG B 2 3  ? -3.18203  1.09579   -0.68533  1.000 389.74961  ? 121 DG B C8    1 
ATOM 481 N N7    . DG B 2 3  ? -2.76941  0.55559   -1.78573  1.000 384.68723  ? 121 DG B N7    1 
ATOM 482 C C5    . DG B 2 3  ? -2.08890  -0.57591  -1.37867  1.000 394.67349  ? 121 DG B C5    1 
ATOM 483 C C6    . DG B 2 3  ? -1.42800  -1.54424  -2.15493  1.000 395.19699  ? 121 DG B C6    1 
ATOM 484 O O6    . DG B 2 3  ? -1.33229  -1.57834  -3.38621  1.000 386.87727  ? 121 DG B O6    1 
ATOM 485 N N1    . DG B 2 3  ? -0.84400  -2.53075  -1.37298  1.000 406.28007  ? 121 DG B N1    1 
ATOM 486 C C2    . DG B 2 3  ? -0.89315  -2.58045  0.00217   1.000 416.30339  ? 121 DG B C2    1 
ATOM 487 N N2    . DG B 2 3  ? -0.25848  -3.61629  0.57620   1.000 425.09892  ? 121 DG B N2    1 
ATOM 488 N N3    . DG B 2 3  ? -1.51478  -1.66366  0.75845   1.000 416.70322  ? 121 DG B N3    1 
ATOM 489 C C4    . DG B 2 3  ? -2.09011  -0.69070  -0.00613  1.000 405.45920  ? 121 DG B C4    1 
ATOM 490 P P     . DT B 2 4  ? -2.75284  2.34012   5.43729   1.000 363.06917  ? 122 DT B P     1 
ATOM 491 O OP1   . DT B 2 4  ? -3.05280  1.72546   6.75256   1.000 374.40940  ? 122 DT B OP1   1 
ATOM 492 O OP2   . DT B 2 4  ? -2.79447  3.81068   5.31770   1.000 361.09650  ? 122 DT B OP2   1 
ATOM 493 O "O5'" . DT B 2 4  ? -1.33079  1.81489   4.90978   1.000 368.28934  ? 122 DT B "O5'" 1 
ATOM 494 C "C5'" . DT B 2 4  ? -1.03068  0.41538   4.94954   1.000 369.98116  ? 122 DT B "C5'" 1 
ATOM 495 C "C4'" . DT B 2 4  ? 0.39892   0.12055   4.50563   1.000 376.18648  ? 122 DT B "C4'" 1 
ATOM 496 O "O4'" . DT B 2 4  ? 0.42604   -0.12758  3.07437   1.000 369.03061  ? 122 DT B "O4'" 1 
ATOM 497 C "C3'" . DT B 2 4  ? 1.42394   1.23668   4.73750   1.000 378.98986  ? 122 DT B "C3'" 1 
ATOM 498 O "O3'" . DT B 2 4  ? 2.71630   0.66733   4.88610   1.000 383.78632  ? 122 DT B "O3'" 1 
ATOM 499 C "C2'" . DT B 2 4  ? 1.35690   1.97407   3.41251   1.000 370.91409  ? 122 DT B "C2'" 1 
ATOM 500 C "C1'" . DT B 2 4  ? 1.34311   0.77154   2.48784   1.000 368.27519  ? 122 DT B "C1'" 1 
ATOM 501 N N1    . DT B 2 4  ? 0.93073   1.06175   1.09427   1.000 357.62084  ? 122 DT B N1    1 
ATOM 502 C C2    . DT B 2 4  ? 1.11976   0.09975   0.14108   1.000 356.31689  ? 122 DT B C2    1 
ATOM 503 O O2    . DT B 2 4  ? 1.59971   -0.99179  0.38357   1.000 364.06966  ? 122 DT B O2    1 
ATOM 504 N N3    . DT B 2 4  ? 0.73075   0.45599   -1.11662  1.000 344.59081  ? 122 DT B N3    1 
ATOM 505 C C4    . DT B 2 4  ? 0.17417   1.65972   -1.50830  1.000 338.42849  ? 122 DT B C4    1 
ATOM 506 O O4    . DT B 2 4  ? -0.15043  1.88322   -2.66711  1.000 336.94507  ? 122 DT B O4    1 
ATOM 507 C C5    . DT B 2 4  ? 0.00564   2.63127   -0.45878  1.000 341.50827  ? 122 DT B C5    1 
ATOM 508 C C7    . DT B 2 4  ? -0.58371  3.97627   -0.76299  1.000 343.01729  ? 122 DT B C7    1 
ATOM 509 C C6    . DT B 2 4  ? 0.39233   2.29112   0.77894   1.000 348.47591  ? 122 DT B C6    1 
ATOM 510 P P     . DA B 2 5  ? 3.17981   -0.04292  6.24920   1.000 463.18361  ? 123 DA B P     1 
ATOM 511 O OP1   . DA B 2 5  ? 2.52974   -1.37284  6.33199   1.000 462.58883  ? 123 DA B OP1   1 
ATOM 512 O OP2   . DA B 2 5  ? 3.05116   0.93556   7.35075   1.000 469.12498  ? 123 DA B OP2   1 
ATOM 513 O "O5'" . DA B 2 5  ? 4.74027   -0.28731  6.01328   1.000 465.40481  ? 123 DA B "O5'" 1 
ATOM 514 C "C5'" . DA B 2 5  ? 5.23971   -1.61135  5.95637   1.000 468.34223  ? 123 DA B "C5'" 1 
ATOM 515 C "C4'" . DA B 2 5  ? 5.74346   -1.94931  4.56507   1.000 466.40964  ? 123 DA B "C4'" 1 
ATOM 516 O "O4'" . DA B 2 5  ? 5.02731   -1.16512  3.57139   1.000 460.81392  ? 123 DA B "O4'" 1 
ATOM 517 C "C3'" . DA B 2 5  ? 7.22654   -1.65151  4.32701   1.000 467.14571  ? 123 DA B "C3'" 1 
ATOM 518 O "O3'" . DA B 2 5  ? 7.79675   -2.67489  3.52007   1.000 465.67805  ? 123 DA B "O3'" 1 
ATOM 519 C "C2'" . DA B 2 5  ? 7.17520   -0.32633  3.57698   1.000 462.34020  ? 123 DA B "C2'" 1 
ATOM 520 C "C1'" . DA B 2 5  ? 5.97452   -0.58480  2.70313   1.000 457.86926  ? 123 DA B "C1'" 1 
ATOM 521 N N9    . DA B 2 5  ? 5.39264   0.60195   2.10041   1.000 451.19083  ? 123 DA B N9    1 
ATOM 522 C C8    . DA B 2 5  ? 5.06367   1.77617   2.71437   1.000 449.58841  ? 123 DA B C8    1 
ATOM 523 N N7    . DA B 2 5  ? 4.53023   2.66162   1.90512   1.000 441.72959  ? 123 DA B N7    1 
ATOM 524 C C5    . DA B 2 5  ? 4.50467   2.01502   0.68345   1.000 438.01909  ? 123 DA B C5    1 
ATOM 525 C C6    . DA B 2 5  ? 4.05664   2.40704   -0.59001  1.000 428.84424  ? 123 DA B C6    1 
ATOM 526 N N6    . DA B 2 5  ? 3.52682   3.60628   -0.84887  1.000 421.11825  ? 123 DA B N6    1 
ATOM 527 N N1    . DA B 2 5  ? 4.18035   1.51495   -1.59196  1.000 426.58935  ? 123 DA B N1    1 
ATOM 528 C C2    . DA B 2 5  ? 4.71167   0.32042   -1.32727  1.000 433.88161  ? 123 DA B C2    1 
ATOM 529 N N3    . DA B 2 5  ? 5.16278   -0.16024  -0.17958  1.000 442.62686  ? 123 DA B N3    1 
ATOM 530 C C4    . DA B 2 5  ? 5.02938   0.74494   0.79238   1.000 444.12781  ? 123 DA B C4    1 
ATOM 531 P P     . DC B 2 6  ? 9.38206   -2.93801  3.54409   1.000 323.43436  ? 124 DC B P     1 
ATOM 532 O OP1   . DC B 2 6  ? 9.71907   -3.74877  2.35263   1.000 319.73350  ? 124 DC B OP1   1 
ATOM 533 O OP2   . DC B 2 6  ? 9.72707   -3.41557  4.90326   1.000 325.17823  ? 124 DC B OP2   1 
ATOM 534 O "O5'" . DC B 2 6  ? 10.02037  -1.47932  3.36690   1.000 322.17210  ? 124 DC B "O5'" 1 
ATOM 535 C "C5'" . DC B 2 6  ? 10.87328  -1.18548  2.25613   1.000 317.87944  ? 124 DC B "C5'" 1 
ATOM 536 C "C4'" . DC B 2 6  ? 10.07651  -0.92958  0.98345   1.000 317.33884  ? 124 DC B "C4'" 1 
ATOM 537 O "O4'" . DC B 2 6  ? 9.11155   0.11778   1.19957   1.000 320.69204  ? 124 DC B "O4'" 1 
ATOM 538 C "C3'" . DC B 2 6  ? 10.90721  -0.43420  -0.19579  1.000 313.05687  ? 124 DC B "C3'" 1 
ATOM 539 O "O3'" . DC B 2 6  ? 11.32968  -1.53648  -1.01598  1.000 309.77714  ? 124 DC B "O3'" 1 
ATOM 540 C "C2'" . DC B 2 6  ? 9.95392   0.51052   -0.95878  1.000 314.29803  ? 124 DC B "C2'" 1 
ATOM 541 C "C1'" . DC B 2 6  ? 8.70946   0.57340   -0.06517  1.000 319.28492  ? 124 DC B "C1'" 1 
ATOM 542 N N1    . DC B 2 6  ? 8.09821   1.95058   0.04227   1.000 321.69608  ? 124 DC B N1    1 
ATOM 543 C C2    . DC B 2 6  ? 7.39887   2.45837   -1.04850  1.000 321.42138  ? 124 DC B C2    1 
ATOM 544 O O2    . DC B 2 6  ? 7.32456   1.79176   -2.07765  1.000 319.14722  ? 124 DC B O2    1 
ATOM 545 N N3    . DC B 2 6  ? 6.85688   3.68918   -0.97590  1.000 323.52351  ? 124 DC B N3    1 
ATOM 546 C C4    . DC B 2 6  ? 6.96252   4.40175   0.13820   1.000 325.92070  ? 124 DC B C4    1 
ATOM 547 N N4    . DC B 2 6  ? 6.39166   5.61124   0.14980   1.000 327.96290  ? 124 DC B N4    1 
ATOM 548 C C5    . DC B 2 6  ? 7.66227   3.90669   1.28167   1.000 326.30747  ? 124 DC B C5    1 
ATOM 549 C C6    . DC B 2 6  ? 8.21040   2.68241   1.19098   1.000 324.15682  ? 124 DC B C6    1 
ATOM 550 P P     . DA B 2 7  ? 12.85377  -2.05830  -0.97130  1.000 305.83163  ? 125 DA B P     1 
ATOM 551 O OP1   . DA B 2 7  ? 12.85881  -3.50532  -1.27569  1.000 304.50470  ? 125 DA B OP1   1 
ATOM 552 O OP2   . DA B 2 7  ? 13.46451  -1.57550  0.28527   1.000 307.15123  ? 125 DA B OP2   1 
ATOM 553 O "O5'" . DA B 2 7  ? 13.58344  -1.30999  -2.18469  1.000 301.85046  ? 125 DA B "O5'" 1 
ATOM 554 C "C5'" . DA B 2 7  ? 12.86942  -0.42279  -3.02386  1.000 302.30538  ? 125 DA B "C5'" 1 
ATOM 555 C "C4'" . DA B 2 7  ? 13.55849  0.92384   -3.06819  1.000 301.13723  ? 125 DA B "C4'" 1 
ATOM 556 O "O4'" . DA B 2 7  ? 12.60975  1.95196   -2.74245  1.000 304.66712  ? 125 DA B "O4'" 1 
ATOM 557 C "C3'" . DA B 2 7  ? 14.71849  1.08998   -2.07636  1.000 300.38574  ? 125 DA B "C3'" 1 
ATOM 558 O "O3'" . DA B 2 7  ? 15.93388  1.24952   -2.78117  1.000 295.97142  ? 125 DA B "O3'" 1 
ATOM 559 C "C2'" . DA B 2 7  ? 14.36727  2.35293   -1.27524  1.000 303.52387  ? 125 DA B "C2'" 1 
ATOM 560 C "C1'" . DA B 2 7  ? 13.29803  3.00507   -2.13653  1.000 304.71231  ? 125 DA B "C1'" 1 
ATOM 561 N N9    . DA B 2 7  ? 12.33783  3.79239   -1.38264  1.000 309.04964  ? 125 DA B N9    1 
ATOM 562 C C8    . DA B 2 7  ? 11.99781  3.65042   -0.06824  1.000 312.55923  ? 125 DA B C8    1 
ATOM 563 N N7    . DA B 2 7  ? 11.09052  4.50766   0.33663   1.000 316.07722  ? 125 DA B N7    1 
ATOM 564 C C5    . DA B 2 7  ? 10.81753  5.25618   -0.79433  1.000 314.77192  ? 125 DA B C5    1 
ATOM 565 C C6    . DA B 2 7  ? 9.94244   6.33089   -1.03731  1.000 316.97542  ? 125 DA B C6    1 
ATOM 566 N N6    . DA B 2 7  ? 9.14085   6.86056   -0.10507  1.000 321.17289  ? 125 DA B N6    1 
ATOM 567 N N1    . DA B 2 7  ? 9.92045   6.84131   -2.28497  1.000 314.68958  ? 125 DA B N1    1 
ATOM 568 C C2    . DA B 2 7  ? 10.72023  6.31167   -3.21234  1.000 310.50880  ? 125 DA B C2    1 
ATOM 569 N N3    . DA B 2 7  ? 11.57736  5.31002   -3.10519  1.000 308.10433  ? 125 DA B N3    1 
ATOM 570 C C4    . DA B 2 7  ? 11.57820  4.82205   -1.86138  1.000 310.44751  ? 125 DA B C4    1 
ATOM 571 P P     . DG C 3 1  ? 18.12635  8.08207   -0.15762  1.000 467.73056  ? 209 DG C P     1 
ATOM 572 O OP1   . DG C 3 1  ? 16.77189  8.34094   0.37316   1.000 461.94812  ? 209 DG C OP1   1 
ATOM 573 O OP2   . DG C 3 1  ? 18.90379  9.17329   -0.79029  1.000 467.17348  ? 209 DG C OP2   1 
ATOM 574 O "O5'" . DG C 3 1  ? 18.04297  6.87873   -1.20474  1.000 473.40012  ? 209 DG C "O5'" 1 
ATOM 575 C "C5'" . DG C 3 1  ? 18.35534  7.11691   -2.56926  1.000 475.65205  ? 209 DG C "C5'" 1 
ATOM 576 C "C4'" . DG C 3 1  ? 17.09565  7.24347   -3.40288  1.000 472.78420  ? 209 DG C "C4'" 1 
ATOM 577 O "O4'" . DG C 3 1  ? 15.97074  6.69441   -2.68320  1.000 470.23922  ? 209 DG C "O4'" 1 
ATOM 578 C "C3'" . DG C 3 1  ? 16.65020  8.65586   -3.69618  1.000 466.90563  ? 209 DG C "C3'" 1 
ATOM 579 O "O3'" . DG C 3 1  ? 17.43362  9.22291   -4.73126  1.000 468.91665  ? 209 DG C "O3'" 1 
ATOM 580 C "C2'" . DG C 3 1  ? 15.21613  8.41091   -4.14226  1.000 464.25856  ? 209 DG C "C2'" 1 
ATOM 581 C "C1'" . DG C 3 1  ? 14.78100  7.29490   -3.18432  1.000 465.38596  ? 209 DG C "C1'" 1 
ATOM 582 N N9    . DG C 3 1  ? 13.96031  7.77269   -2.06781  1.000 459.46812  ? 209 DG C N9    1 
ATOM 583 C C8    . DG C 3 1  ? 14.13038  7.50325   -0.73685  1.000 458.82021  ? 209 DG C C8    1 
ATOM 584 N N7    . DG C 3 1  ? 13.23568  8.07566   0.02509   1.000 452.96668  ? 209 DG C N7    1 
ATOM 585 C C5    . DG C 3 1  ? 12.41605  8.76240   -0.86633  1.000 449.52317  ? 209 DG C C5    1 
ATOM 586 C C6    . DG C 3 1  ? 11.27240  9.56661   -0.63750  1.000 442.98631  ? 209 DG C C6    1 
ATOM 587 O O6    . DG C 3 1  ? 10.73556  9.84231   0.43586   1.000 438.78609  ? 209 DG C O6    1 
ATOM 588 N N1    . DG C 3 1  ? 10.74511  10.07467  -1.82875  1.000 441.54386  ? 209 DG C N1    1 
ATOM 589 C C2    . DG C 3 1  ? 11.26740  9.82901   -3.07129  1.000 445.92205  ? 209 DG C C2    1 
ATOM 590 N N2    . DG C 3 1  ? 10.64766  10.39074  -4.12140  1.000 443.85576  ? 209 DG C N2    1 
ATOM 591 N N3    . DG C 3 1  ? 12.32589  9.08244   -3.28555  1.000 451.99213  ? 209 DG C N3    1 
ATOM 592 C C4    . DG C 3 1  ? 12.85168  8.58524   -2.14979  1.000 453.46004  ? 209 DG C C4    1 
ATOM 593 P P     . DG C 3 2  ? 18.07918  10.67946  -4.53082  1.000 465.35607  ? 210 DG C P     1 
ATOM 594 O OP1   . DG C 3 2  ? 19.20798  10.81734  -5.47296  1.000 469.79578  ? 210 DG C OP1   1 
ATOM 595 O OP2   . DG C 3 2  ? 18.28784  10.87023  -3.07955  1.000 462.95344  ? 210 DG C OP2   1 
ATOM 596 O "O5'" . DG C 3 2  ? 16.91710  11.68294  -4.95893  1.000 459.06568  ? 210 DG C "O5'" 1 
ATOM 597 C "C5'" . DG C 3 2  ? 16.27814  11.54588  -6.21110  1.000 459.73560  ? 210 DG C "C5'" 1 
ATOM 598 C "C4'" . DG C 3 2  ? 14.97957  12.32382  -6.21149  1.000 453.17051  ? 210 DG C "C4'" 1 
ATOM 599 O "O4'" . DG C 3 2  ? 14.02551  11.63955  -5.36121  1.000 451.35237  ? 210 DG C "O4'" 1 
ATOM 600 C "C3'" . DG C 3 2  ? 15.09881  13.74302  -5.66538  1.000 447.64333  ? 210 DG C "C3'" 1 
ATOM 601 O "O3'" . DG C 3 2  ? 15.21090  14.67045  -6.74306  1.000 446.54208  ? 210 DG C "O3'" 1 
ATOM 602 C "C2'" . DG C 3 2  ? 13.79469  13.94297  -4.89803  1.000 441.84936  ? 210 DG C "C2'" 1 
ATOM 603 C "C1'" . DG C 3 2  ? 13.44626  12.53892  -4.43773  1.000 444.97644  ? 210 DG C "C1'" 1 
ATOM 604 N N9    . DG C 3 2  ? 13.90443  12.19428  -3.08612  1.000 445.33088  ? 210 DG C N9    1 
ATOM 605 C C8    . DG C 3 2  ? 15.06580  11.54935  -2.74284  1.000 450.45842  ? 210 DG C C8    1 
ATOM 606 N N7    . DG C 3 2  ? 15.19349  11.35039  -1.46006  1.000 449.49863  ? 210 DG C N7    1 
ATOM 607 C C5    . DG C 3 2  ? 14.03481  11.88735  -0.91669  1.000 443.35056  ? 210 DG C C5    1 
ATOM 608 C C6    . DG C 3 2  ? 13.60705  11.96456  0.43143   1.000 439.73949  ? 210 DG C C6    1 
ATOM 609 O O6    . DG C 3 2  ? 14.18826  11.55922  1.44435   1.000 441.32789  ? 210 DG C O6    1 
ATOM 610 N N1    . DG C 3 2  ? 12.36809  12.58748  0.54443   1.000 433.76222  ? 210 DG C N1    1 
ATOM 611 C C2    . DG C 3 2  ? 11.63825  13.06615  -0.51299  1.000 431.59503  ? 210 DG C C2    1 
ATOM 612 N N2    . DG C 3 2  ? 10.48129  13.65971  -0.22009  1.000 425.71741  ? 210 DG C N2    1 
ATOM 613 N N3    . DG C 3 2  ? 12.03006  13.00503  -1.77565  1.000 434.92714  ? 210 DG C N3    1 
ATOM 614 C C4    . DG C 3 2  ? 13.22972  12.40360  -1.90400  1.000 440.73404  ? 210 DG C C4    1 
ATOM 615 P P     . DC C 3 3  ? 16.55175  15.53597  -6.93925  1.000 456.33031  ? 211 DC C P     1 
ATOM 616 O OP1   . DC C 3 3  ? 17.41191  14.83066  -7.91452  1.000 462.98064  ? 211 DC C OP1   1 
ATOM 617 O OP2   . DC C 3 3  ? 17.08879  15.85893  -5.60133  1.000 454.57189  ? 211 DC C OP2   1 
ATOM 618 O "O5'" . DC C 3 3  ? 16.03602  16.90131  -7.59640  1.000 452.72276  ? 211 DC C "O5'" 1 
ATOM 619 C "C5'" . DC C 3 3  ? 15.73932  18.03098  -6.77268  1.000 448.73999  ? 211 DC C "C5'" 1 
ATOM 620 C "C4'" . DC C 3 3  ? 14.29616  17.99575  -6.29930  1.000 441.04386  ? 211 DC C "C4'" 1 
ATOM 621 O "O4'" . DC C 3 3  ? 14.15257  16.98786  -5.29304  1.000 441.51168  ? 211 DC C "O4'" 1 
ATOM 622 C "C3'" . DC C 3 3  ? 13.79551  19.28651  -5.66767  1.000 458.54264  ? 211 DC C "C3'" 1 
ATOM 623 O "O3'" . DC C 3 3  ? 13.12361  20.04630  -6.67944  1.000 450.85905  ? 211 DC C "O3'" 1 
ATOM 624 C "C2'" . DC C 3 3  ? 12.84283  18.82103  -4.54298  1.000 468.07300  ? 211 DC C "C2'" 1 
ATOM 625 C "C1'" . DC C 3 3  ? 13.08882  17.31371  -4.42796  1.000 453.56924  ? 211 DC C "C1'" 1 
ATOM 626 N N1    . DC C 3 3  ? 13.46019  16.77508  -3.04918  1.000 462.15494  ? 211 DC C N1    1 
ATOM 627 C C2    . DC C 3 3  ? 12.49567  16.61985  -2.02343  1.000 476.19572  ? 211 DC C C2    1 
ATOM 628 O O2    . DC C 3 3  ? 11.32869  16.99224  -2.20497  1.000 483.87854  ? 211 DC C O2    1 
ATOM 629 N N3    . DC C 3 3  ? 12.89299  16.08297  -0.83098  1.000 479.06030  ? 211 DC C N3    1 
ATOM 630 C C4    . DC C 3 3  ? 14.15924  15.69198  -0.65848  1.000 470.16223  ? 211 DC C C4    1 
ATOM 631 N N4    . DC C 3 3  ? 14.50842  15.16826  0.52339   1.000 471.89747  ? 211 DC C N4    1 
ATOM 632 C C5    . DC C 3 3  ? 15.12926  15.81901  -1.68941  1.000 457.71200  ? 211 DC C C5    1 
ATOM 633 C C6    . DC C 3 3  ? 14.74156  16.35135  -2.84871  1.000 453.50329  ? 211 DC C C6    1 
ATOM 634 P P     . DT C 3 4  ? 12.31315  21.39873  -6.35683  1.000 417.45007  ? 212 DT C P     1 
ATOM 635 O OP1   . DT C 3 4  ? 10.90761  21.00197  -6.11858  1.000 416.68342  ? 212 DT C OP1   1 
ATOM 636 O OP2   . DT C 3 4  ? 12.62542  22.33681  -7.45757  1.000 418.57624  ? 212 DT C OP2   1 
ATOM 637 O "O5'" . DT C 3 4  ? 12.98020  21.99295  -5.02356  1.000 432.05040  ? 212 DT C "O5'" 1 
ATOM 638 C "C5'" . DT C 3 4  ? 12.53474  23.26330  -4.48865  1.000 461.16134  ? 212 DT C "C5'" 1 
ATOM 639 C "C4'" . DT C 3 4  ? 11.11995  23.15324  -3.93792  1.000 473.89166  ? 212 DT C "C4'" 1 
ATOM 640 O "O4'" . DT C 3 4  ? 10.89460  21.79850  -3.49734  1.000 461.23816  ? 212 DT C "O4'" 1 
ATOM 641 C "C3'" . DT C 3 4  ? 10.79135  24.07743  -2.76469  1.000 492.25105  ? 212 DT C "C3'" 1 
ATOM 642 O "O3'" . DT C 3 4  ? 9.62805   24.86692  -3.05876  1.000 499.68316  ? 212 DT C "O3'" 1 
ATOM 643 C "C2'" . DT C 3 4  ? 10.54940  23.15043  -1.56553  1.000 487.46548  ? 212 DT C "C2'" 1 
ATOM 644 C "C1'" . DT C 3 4  ? 10.68964  21.73684  -2.10594  1.000 471.74595  ? 212 DT C "C1'" 1 
ATOM 645 N N1    . DT C 3 4  ? 11.80153  20.94329  -1.48188  1.000 459.60734  ? 212 DT C N1    1 
ATOM 646 C C2    . DT C 3 4  ? 11.57411  20.28832  -0.29597  1.000 454.88354  ? 212 DT C C2    1 
ATOM 647 O O2    . DT C 3 4  ? 10.51337  20.33420  0.29963   1.000 458.13122  ? 212 DT C O2    1 
ATOM 648 N N3    . DT C 3 4  ? 12.64339  19.57354  0.17411   1.000 443.24371  ? 212 DT C N3    1 
ATOM 649 C C4    . DT C 3 4  ? 13.88990  19.44788  -0.41223  1.000 435.31138  ? 212 DT C C4    1 
ATOM 650 O O4    . DT C 3 4  ? 14.78974  18.78376  0.08566   1.000 426.22347  ? 212 DT C O4    1 
ATOM 651 C C5    . DT C 3 4  ? 14.05980  20.15525  -1.65124  1.000 438.47072  ? 212 DT C C5    1 
ATOM 652 C C7    . DT C 3 4  ? 15.37106  20.09284  -2.37784  1.000 429.68311  ? 212 DT C C7    1 
ATOM 653 C C6    . DT C 3 4  ? 13.02308  20.86737  -2.11572  1.000 450.34496  ? 212 DT C C6    1 
ATOM 654 P P     . DG C 3 5  ? 9.66018   26.46281  -2.85804  1.000 422.75177  ? 213 DG C P     1 
ATOM 655 O OP1   . DG C 3 5  ? 8.35956   26.88818  -2.28983  1.000 422.99197  ? 213 DG C OP1   1 
ATOM 656 O OP2   . DG C 3 5  ? 10.13828  27.05704  -4.12782  1.000 423.44387  ? 213 DG C OP2   1 
ATOM 657 O "O5'" . DG C 3 5  ? 10.80240  26.68219  -1.75779  1.000 423.49160  ? 213 DG C "O5'" 1 
ATOM 658 C "C5'" . DG C 3 5  ? 10.54283  27.46881  -0.58752  1.000 424.55968  ? 213 DG C "C5'" 1 
ATOM 659 C "C4'" . DG C 3 5  ? 9.79300   26.66414  0.46874   1.000 423.80637  ? 213 DG C "C4'" 1 
ATOM 660 O "O4'" . DG C 3 5  ? 10.22305  25.28338  0.42531   1.000 422.53077  ? 213 DG C "O4'" 1 
ATOM 661 C "C3'" . DG C 3 5  ? 10.02930  27.10271  1.90313   1.000 424.91338  ? 213 DG C "C3'" 1 
ATOM 662 O "O3'" . DG C 3 5  ? 8.92857   26.71868  2.71968   1.000 424.49109  ? 213 DG C "O3'" 1 
ATOM 663 C "C2'" . DG C 3 5  ? 11.28541  26.32153  2.26307   1.000 424.82344  ? 213 DG C "C2'" 1 
ATOM 664 C "C1'" . DG C 3 5  ? 11.05944  24.99662  1.52943   1.000 423.08167  ? 213 DG C "C1'" 1 
ATOM 665 N N9    . DG C 3 5  ? 12.29489  24.37978  1.03200   1.000 422.76881  ? 213 DG C N9    1 
ATOM 666 C C8    . DG C 3 5  ? 12.97444  24.69295  -0.12109  1.000 422.78197  ? 213 DG C C8    1 
ATOM 667 N N7    . DG C 3 5  ? 14.04763  23.97240  -0.30738  1.000 422.46684  ? 213 DG C N7    1 
ATOM 668 C C5    . DG C 3 5  ? 14.09038  23.13294  0.79812   1.000 422.34148  ? 213 DG C C5    1 
ATOM 669 C C6    . DG C 3 5  ? 15.03203  22.12933  1.15346   1.000 422.21140  ? 213 DG C C6    1 
ATOM 670 O O6    . DG C 3 5  ? 16.05038  21.77337  0.54052   1.000 422.05680  ? 213 DG C O6    1 
ATOM 671 N N1    . DG C 3 5  ? 14.69628  21.51270  2.35696   1.000 422.42682  ? 213 DG C N1    1 
ATOM 672 C C2    . DG C 3 5  ? 13.59266  21.82461  3.11778   1.000 422.62348  ? 213 DG C C2    1 
ATOM 673 N N2    . DG C 3 5  ? 13.43684  21.13887  4.25627   1.000 422.97524  ? 213 DG C N2    1 
ATOM 674 N N3    . DG C 3 5  ? 12.70994  22.76236  2.79757   1.000 422.64304  ? 213 DG C N3    1 
ATOM 675 C C4    . DG C 3 5  ? 13.01844  23.37026  1.63055   1.000 422.53677  ? 213 DG C C4    1 
ATOM 676 O "O5'" . DC D 4 1  ? -30.36356 -11.86832 10.17304  1.000 385.25338  ? 200 DC D "O5'" 1 
ATOM 677 C "C5'" . DC D 4 1  ? -30.33764 -12.83790 11.21947  1.000 385.25338  ? 200 DC D "C5'" 1 
ATOM 678 C "C4'" . DC D 4 1  ? -29.07777 -13.68744 11.14098  1.000 385.25338  ? 200 DC D "C4'" 1 
ATOM 679 O "O4'" . DC D 4 1  ? -29.33486 -14.88997 10.37970  1.000 385.25338  ? 200 DC D "O4'" 1 
ATOM 680 C "C3'" . DC D 4 1  ? -27.88284 -13.01617 10.46415  1.000 385.25338  ? 200 DC D "C3'" 1 
ATOM 681 O "O3'" . DC D 4 1  ? -26.79205 -12.98374 11.35739  1.000 385.25338  ? 200 DC D "O3'" 1 
ATOM 682 C "C2'" . DC D 4 1  ? -27.58819 -13.90881 9.25155   1.000 385.25338  ? 200 DC D "C2'" 1 
ATOM 683 C "C1'" . DC D 4 1  ? -28.17149 -15.23272 9.66986   1.000 385.25338  ? 200 DC D "C1'" 1 
ATOM 684 N N1    . DC D 4 1  ? -28.57304 -16.06417 8.51573   1.000 1.62338    ? 200 DC D N1    1 
ATOM 685 C C2    . DC D 4 1  ? -28.32002 -17.43016 8.51833   1.000 1.62338    ? 200 DC D C2    1 
ATOM 686 O O2    . DC D 4 1  ? -27.74840 -17.94333 9.48748   1.000 1.62338    ? 200 DC D O2    1 
ATOM 687 N N3    . DC D 4 1  ? -28.71461 -18.15873 7.45396   1.000 1.62338    ? 200 DC D N3    1 
ATOM 688 C C4    . DC D 4 1  ? -29.32236 -17.57327 6.42396   1.000 1.62338    ? 200 DC D C4    1 
ATOM 689 N N4    . DC D 4 1  ? -29.68483 -18.34184 5.40220   1.000 1.62338    ? 200 DC D N4    1 
ATOM 690 C C5    . DC D 4 1  ? -29.58983 -16.18622 6.39991   1.000 1.62338    ? 200 DC D C5    1 
ATOM 691 C C6    . DC D 4 1  ? -29.20091 -15.47807 7.45750   1.000 1.62338    ? 200 DC D C6    1 
ATOM 692 P P     . DT D 4 2  ? -25.45564 -12.17683 10.98249  1.000 704.46647  ? 201 DT D P     1 
ATOM 693 O OP1   . DT D 4 2  ? -25.20008 -11.24973 12.10806  1.000 703.20864  ? 201 DT D OP1   1 
ATOM 694 O OP2   . DT D 4 2  ? -25.59265 -11.63566 9.61121   1.000 703.07107  ? 201 DT D OP2   1 
ATOM 695 O "O5'" . DT D 4 2  ? -24.32708 -13.31661 10.92747  1.000 700.35519  ? 201 DT D "O5'" 1 
ATOM 696 C "C5'" . DT D 4 2  ? -24.00432 -14.08064 12.10248  1.000 701.01861  ? 201 DT D "C5'" 1 
ATOM 697 C "C4'" . DT D 4 2  ? -23.44552 -15.45727 11.74141  1.000 699.78370  ? 201 DT D "C4'" 1 
ATOM 698 O "O4'" . DT D 4 2  ? -24.21741 -16.02122 10.64502  1.000 703.25603  ? 201 DT D "O4'" 1 
ATOM 699 C "C3'" . DT D 4 2  ? -21.99228 -15.47558 11.26020  1.000 692.47088  ? 201 DT D "C3'" 1 
ATOM 700 O "O3'" . DT D 4 2  ? -21.38238 -16.74591 11.55542  1.000 691.66865  ? 201 DT D "O3'" 1 
ATOM 701 C "C2'" . DT D 4 2  ? -22.17009 -15.29985 9.76336   1.000 691.80914  ? 201 DT D "C2'" 1 
ATOM 702 C "C1'" . DT D 4 2  ? -23.37083 -16.20523 9.52814   1.000 698.71146  ? 201 DT D "C1'" 1 
ATOM 703 N N1    . DT D 4 2  ? -24.13043 -15.90006 8.27500   1.000 315.93216  ? 201 DT D N1    1 
ATOM 704 C C2    . DT D 4 2  ? -24.42449 -16.92735 7.41653   1.000 323.76322  ? 201 DT D C2    1 
ATOM 705 O O2    . DT D 4 2  ? -24.10501 -18.08431 7.62774   1.000 328.88150  ? 201 DT D O2    1 
ATOM 706 N N3    . DT D 4 2  ? -25.11575 -16.55774 6.29449   1.000 325.81081  ? 201 DT D N3    1 
ATOM 707 C C4    . DT D 4 2  ? -25.53189 -15.28806 5.94591   1.000 321.01246  ? 201 DT D C4    1 
ATOM 708 O O4    . DT D 4 2  ? -26.15087 -15.06146 4.90954   1.000 324.01305  ? 201 DT D O4    1 
ATOM 709 C C5    . DT D 4 2  ? -25.18651 -14.24966 6.88394   1.000 312.76256  ? 201 DT D C5    1 
ATOM 710 C C7    . DT D 4 2  ? -25.58843 -12.83075 6.61258   1.000 309.69617  ? 201 DT D C7    1 
ATOM 711 C C6    . DT D 4 2  ? -24.50752 -14.59965 7.99305   1.000 311.44140  ? 201 DT D C6    1 
ATOM 712 P P     . DC D 4 3  ? -20.48738 -16.92724 12.87748  1.000 810.94481  ? 202 DC D P     1 
ATOM 713 O OP1   . DC D 4 3  ? -21.39312 -16.66099 14.01374  1.000 815.96974  ? 202 DC D OP1   1 
ATOM 714 O OP2   . DC D 4 3  ? -19.27508 -16.09421 12.71962  1.000 804.26442  ? 202 DC D OP2   1 
ATOM 715 O "O5'" . DC D 4 3  ? -20.03736 -18.47421 12.87224  1.000 811.39330  ? 202 DC D "O5'" 1 
ATOM 716 C "C5'" . DC D 4 3  ? -20.59398 -19.38988 11.93466  1.000 818.16879  ? 202 DC D "C5'" 1 
ATOM 717 C "C4'" . DC D 4 3  ? -19.53930 -19.86613 10.94449  1.000 816.75856  ? 202 DC D "C4'" 1 
ATOM 718 O "O4'" . DC D 4 3  ? -20.13712 -19.97764 9.63089   1.000 821.09391  ? 202 DC D "O4'" 1 
ATOM 719 C "C3'" . DC D 4 3  ? -18.30941 -18.95867 10.79043  1.000 808.51363  ? 202 DC D "C3'" 1 
ATOM 720 O "O3'" . DC D 4 3  ? -17.06818 -19.72996 11.04515  1.000 806.33276  ? 202 DC D "O3'" 1 
ATOM 721 C "C2'" . DC D 4 3  ? -18.42911 -18.39681 9.34788   1.000 808.52605  ? 202 DC D "C2'" 1 
ATOM 722 C "C1'" . DC D 4 3  ? -19.25617 -19.47820 8.65197   1.000 816.80237  ? 202 DC D "C1'" 1 
ATOM 723 N N1    . DC D 4 3  ? -20.08069 -19.06721 7.47118   1.000 279.57525  ? 202 DC D N1    1 
ATOM 724 C C2    . DC D 4 3  ? -20.41038 -20.02948 6.51853   1.000 285.78907  ? 202 DC D C2    1 
ATOM 725 O O2    . DC D 4 3  ? -19.97729 -21.18316 6.64621   1.000 288.20218  ? 202 DC D O2    1 
ATOM 726 N N3    . DC D 4 3  ? -21.18995 -19.67408 5.47390   1.000 289.08780  ? 202 DC D N3    1 
ATOM 727 C C4    . DC D 4 3  ? -21.64167 -18.42567 5.36692   1.000 286.48748  ? 202 DC D C4    1 
ATOM 728 N N4    . DC D 4 3  ? -22.40674 -18.12668 4.31486   1.000 290.13082  ? 202 DC D N4    1 
ATOM 729 C C5    . DC D 4 3  ? -21.32793 -17.43254 6.32745   1.000 280.15084  ? 202 DC D C5    1 
ATOM 730 C C6    . DC D 4 3  ? -20.55959 -17.79561 7.36172   1.000 276.91087  ? 202 DC D C6    1 
ATOM 731 P P     . DT D 4 4  ? -16.25511 -20.43261 9.84633   1.000 490.15621  ? 203 DT D P     1 
ATOM 732 O OP1   . DT D 4 4  ? -15.48380 -19.36455 9.18089   1.000 455.25470  ? 203 DT D OP1   1 
ATOM 733 O OP2   . DT D 4 4  ? -17.19405 -21.34699 9.16120   1.000 510.17611  ? 203 DT D OP2   1 
ATOM 734 O "O5'" . DT D 4 4  ? -15.18773 -21.41283 10.53161  1.000 493.25233  ? 203 DT D "O5'" 1 
ATOM 735 C "C5'" . DT D 4 4  ? -13.93304 -21.70546 9.85568   1.000 468.99811  ? 203 DT D "C5'" 1 
ATOM 736 C "C4'" . DT D 4 4  ? -14.09574 -22.73266 8.73063   1.000 467.88820  ? 203 DT D "C4'" 1 
ATOM 737 O "O4'" . DT D 4 4  ? -15.29185 -22.43903 7.94484   1.000 479.00163  ? 203 DT D "O4'" 1 
ATOM 738 C "C3'" . DT D 4 4  ? -12.94372 -22.76444 7.71850   1.000 441.57376  ? 203 DT D "C3'" 1 
ATOM 739 O "O3'" . DT D 4 4  ? -12.71951 -24.11058 7.24653   1.000 447.68473  ? 203 DT D "O3'" 1 
ATOM 740 C "C2'" . DT D 4 4  ? -13.47723 -21.86418 6.61218   1.000 430.94920  ? 203 DT D "C2'" 1 
ATOM 741 C "C1'" . DT D 4 4  ? -14.93637 -22.28715 6.59067   1.000 460.15298  ? 203 DT D "C1'" 1 
ATOM 742 N N1    . DT D 4 4  ? -15.85038 -21.28915 5.90521   1.000 457.67534  ? 203 DT D N1    1 
ATOM 743 C C2    . DT D 4 4  ? -16.58525 -21.69628 4.81174   1.000 472.61197  ? 203 DT D C2    1 
ATOM 744 O O2    . DT D 4 4  ? -16.55972 -22.83486 4.38021   1.000 488.60063  ? 203 DT D O2    1 
ATOM 745 N N3    . DT D 4 4  ? -17.36945 -20.71877 4.24709   1.000 468.27302  ? 203 DT D N3    1 
ATOM 746 C C4    . DT D 4 4  ? -17.47861 -19.39974 4.65273   1.000 449.28439  ? 203 DT D C4    1 
ATOM 747 O O4    . DT D 4 4  ? -18.21003 -18.59299 4.08751   1.000 447.68739  ? 203 DT D O4    1 
ATOM 748 C C5    . DT D 4 4  ? -16.67345 -19.03644 5.79326   1.000 434.11477  ? 203 DT D C5    1 
ATOM 749 C C7    . DT D 4 4  ? -16.70901 -17.63311 6.31965   1.000 412.41569  ? 203 DT D C7    1 
ATOM 750 C C6    . DT D 4 4  ? -15.90142 -19.98377 6.35207   1.000 439.59494  ? 203 DT D C6    1 
ATOM 751 P P     . DG D 4 5  ? -11.69885 -24.40418 6.03039   1.000 496.18696  ? 204 DG D P     1 
ATOM 752 O OP1   . DG D 4 5  ? -11.49030 -25.86529 5.96542   1.000 507.37302  ? 204 DG D OP1   1 
ATOM 753 O OP2   . DG D 4 5  ? -10.52854 -23.50751 6.14753   1.000 471.40025  ? 204 DG D OP2   1 
ATOM 754 O "O5'" . DG D 4 5  ? -12.50829 -23.98465 4.71371   1.000 487.53674  ? 204 DG D "O5'" 1 
ATOM 755 C "C5'" . DG D 4 5  ? -13.18107 -24.97514 3.94475   1.000 510.35968  ? 204 DG D "C5'" 1 
ATOM 756 C "C4'" . DG D 4 5  ? -13.22925 -24.60305 2.46582   1.000 496.64385  ? 204 DG D "C4'" 1 
ATOM 757 O "O4'" . DG D 4 5  ? -14.09286 -23.45241 2.26403   1.000 495.71984  ? 204 DG D "O4'" 1 
ATOM 758 C "C3'" . DG D 4 5  ? -11.89769 -24.22574 1.81888   1.000 460.10099  ? 204 DG D "C3'" 1 
ATOM 759 O "O3'" . DG D 4 5  ? -11.94794 -24.60697 0.43805   1.000 455.46151  ? 204 DG D "O3'" 1 
ATOM 760 C "C2'" . DG D 4 5  ? -11.89698 -22.70442 1.98181   1.000 438.40822  ? 204 DG D "C2'" 1 
ATOM 761 C "C1'" . DG D 4 5  ? -13.35091 -22.40855 1.66032   1.000 461.57678  ? 204 DG D "C1'" 1 
ATOM 762 N N9    . DG D 4 5  ? -13.87347 -21.13936 2.16596   1.000 456.17931  ? 204 DG D N9    1 
ATOM 763 C C8    . DG D 4 5  ? -13.77681 -20.63135 3.43985   1.000 456.27632  ? 204 DG D C8    1 
ATOM 764 N N7    . DG D 4 5  ? -14.39280 -19.48557 3.58825   1.000 453.03553  ? 204 DG D N7    1 
ATOM 765 C C5    . DG D 4 5  ? -14.94456 -19.23305 2.33817   1.000 452.85934  ? 204 DG D C5    1 
ATOM 766 C C6    . DG D 4 5  ? -15.72993 -18.14416 1.87810   1.000 452.55288  ? 204 DG D C6    1 
ATOM 767 O O6    . DG D 4 5  ? -16.11120 -17.14125 2.50075   1.000 451.53095  ? 204 DG D O6    1 
ATOM 768 N N1    . DG D 4 5  ? -16.07324 -18.29254 0.53788   1.000 454.46442  ? 204 DG D N1    1 
ATOM 769 C C2    . DG D 4 5  ? -15.70942 -19.35619 -0.25291  1.000 456.78751  ? 204 DG D C2    1 
ATOM 770 N N2    . DG D 4 5  ? -16.12870 -19.33172 -1.51885  1.000 459.45658  ? 204 DG D N2    1 
ATOM 771 N N3    . DG D 4 5  ? -14.98191 -20.37252 0.16418   1.000 457.14871  ? 204 DG D N3    1 
ATOM 772 C C4    . DG D 4 5  ? -14.63826 -20.24857 1.46115   1.000 454.96634  ? 204 DG D C4    1 
ATOM 773 P P     . DA D 4 6  ? -10.64770 -24.57146 -0.50904  1.000 500.96088  ? 205 DA D P     1 
ATOM 774 O OP1   . DA D 4 6  ? -10.16284 -25.96595 -0.64383  1.000 510.67650  ? 205 DA D OP1   1 
ATOM 775 O OP2   . DA D 4 6  ? -9.73363  -23.49935 -0.06046  1.000 474.07834  ? 205 DA D OP2   1 
ATOM 776 O "O5'" . DA D 4 6  ? -11.23977 -24.09107 -1.91501  1.000 494.44434  ? 205 DA D "O5'" 1 
ATOM 777 C "C5'" . DA D 4 6  ? -12.44384 -23.32728 -1.94399  1.000 503.99087  ? 205 DA D "C5'" 1 
ATOM 778 C "C4'" . DA D 4 6  ? -12.23299 -21.97349 -2.60928  1.000 477.76922  ? 205 DA D "C4'" 1 
ATOM 779 O "O4'" . DA D 4 6  ? -12.77201 -20.91660 -1.75969  1.000 478.32267  ? 205 DA D "O4'" 1 
ATOM 780 C "C3'" . DA D 4 6  ? -10.76963 -21.56345 -2.87205  1.000 448.54221  ? 205 DA D "C3'" 1 
ATOM 781 O "O3'" . DA D 4 6  ? -10.71830 -20.76265 -4.05605  1.000 434.04704  ? 205 DA D "O3'" 1 
ATOM 782 C "C2'" . DA D 4 6  ? -10.48973 -20.68105 -1.66283  1.000 438.18531  ? 205 DA D "C2'" 1 
ATOM 783 C "C1'" . DA D 4 6  ? -11.78929 -19.91267 -1.68080  1.000 450.54626  ? 205 DA D "C1'" 1 
ATOM 784 N N9    . DA D 4 6  ? -12.03906 -19.02902 -0.54279  1.000 450.51398  ? 205 DA D N9    1 
ATOM 785 C C8    . DA D 4 6  ? -11.50789 -19.08862 0.71732   1.000 453.52569  ? 205 DA D C8    1 
ATOM 786 N N7    . DA D 4 6  ? -11.92916 -18.12196 1.51131   1.000 454.96051  ? 205 DA D N7    1 
ATOM 787 C C5    . DA D 4 6  ? -12.78404 -17.38176 0.70622   1.000 451.64693  ? 205 DA D C5    1 
ATOM 788 C C6    . DA D 4 6  ? -13.56061 -16.21685 0.93281   1.000 453.09143  ? 205 DA D C6    1 
ATOM 789 N N6    . DA D 4 6  ? -13.61579 -15.57187 2.10572   1.000 455.76542  ? 205 DA D N6    1 
ATOM 790 N N1    . DA D 4 6  ? -14.30530 -15.75592 -0.09769  1.000 453.83427  ? 205 DA D N1    1 
ATOM 791 C C2    . DA D 4 6  ? -14.26162 -16.40755 -1.25923  1.000 452.72956  ? 205 DA D C2    1 
ATOM 792 N N3    . DA D 4 6  ? -13.57264 -17.48776 -1.59179  1.000 451.16310  ? 205 DA D N3    1 
ATOM 793 C C4    . DA D 4 6  ? -12.85270 -17.93030 -0.55775  1.000 450.63653  ? 205 DA D C4    1 
ATOM 794 P P     . DT D 4 7  ? -10.08094 -21.29448 -5.43306  1.000 573.62465  ? 206 DT D P     1 
ATOM 795 O OP1   . DT D 4 7  ? -10.13921 -22.77088 -5.46166  1.000 593.96453  ? 206 DT D OP1   1 
ATOM 796 O OP2   . DT D 4 7  ? -8.79174  -20.59854 -5.63072  1.000 548.83067  ? 206 DT D OP2   1 
ATOM 797 O "O5'" . DT D 4 7  ? -11.07131 -20.69463 -6.53478  1.000 580.95386  ? 206 DT D "O5'" 1 
ATOM 798 C "C5'" . DT D 4 7  ? -12.31666 -20.12944 -6.12097  1.000 593.65063  ? 206 DT D "C5'" 1 
ATOM 799 C "C4'" . DT D 4 7  ? -12.42774 -18.66246 -6.51925  1.000 579.61136  ? 206 DT D "C4'" 1 
ATOM 800 O "O4'" . DT D 4 7  ? -12.62290 -17.83225 -5.33815  1.000 571.61789  ? 206 DT D "O4'" 1 
ATOM 801 C "C3'" . DT D 4 7  ? -11.21533 -18.06962 -7.24560  1.000 560.06541  ? 206 DT D "C3'" 1 
ATOM 802 O "O3'" . DT D 4 7  ? -11.67923 -17.19513 -8.26792  1.000 562.85421  ? 206 DT D "O3'" 1 
ATOM 803 C "C2'" . DT D 4 7  ? -10.51464 -17.29187 -6.13159  1.000 540.72641  ? 206 DT D "C2'" 1 
ATOM 804 C "C1'" . DT D 4 7  ? -11.72270 -16.74745 -5.39696  1.000 550.53389  ? 206 DT D "C1'" 1 
ATOM 805 N N1    . DT D 4 7  ? -11.45614 -16.26819 -4.00818  1.000 538.67558  ? 206 DT D N1    1 
ATOM 806 C C2    . DT D 4 7  ? -12.21982 -15.24189 -3.51037  1.000 539.31256  ? 206 DT D C2    1 
ATOM 807 O O2    . DT D 4 7  ? -13.10086 -14.69661 -4.15099  1.000 549.20269  ? 206 DT D O2    1 
ATOM 808 N N3    . DT D 4 7  ? -11.91695 -14.86779 -2.22931  1.000 530.03444  ? 206 DT D N3    1 
ATOM 809 C C4    . DT D 4 7  ? -10.95471 -15.41082 -1.40405  1.000 522.37007  ? 206 DT D C4    1 
ATOM 810 O O4    . DT D 4 7  ? -10.76716 -15.00197 -0.25927  1.000 516.93688  ? 206 DT D O4    1 
ATOM 811 C C5    . DT D 4 7  ? -10.18495 -16.48956 -1.98373  1.000 522.70182  ? 206 DT D C5    1 
ATOM 812 C C7    . DT D 4 7  ? -9.10504  -17.15554 -1.18561  1.000 516.64142  ? 206 DT D C7    1 
ATOM 813 C C6    . DT D 4 7  ? -10.47044 -16.86461 -3.24576  1.000 530.06433  ? 206 DT D C6    1 
ATOM 814 P P     . DG D 4 8  ? -10.71877 -16.71772 -9.46466  1.000 509.26428  ? 207 DG D P     1 
ATOM 815 O OP1   . DG D 4 8  ? -10.38553 -17.89871 -10.29025 1.000 525.85659  ? 207 DG D OP1   1 
ATOM 816 O OP2   . DG D 4 8  ? -9.64236  -15.87607 -8.90258  1.000 487.73376  ? 207 DG D OP2   1 
ATOM 817 O "O5'" . DG D 4 8  ? -11.66021 -15.75147 -10.31806 1.000 506.30925  ? 207 DG D "O5'" 1 
ATOM 818 C "C5'" . DG D 4 8  ? -12.79896 -15.14903 -9.70331  1.000 518.80216  ? 207 DG D "C5'" 1 
ATOM 819 C "C4'" . DG D 4 8  ? -12.44455 -13.81324 -9.06314  1.000 503.86416  ? 207 DG D "C4'" 1 
ATOM 820 O "O4'" . DG D 4 8  ? -11.96589 -14.01196 -7.70696  1.000 493.83205  ? 207 DG D "O4'" 1 
ATOM 821 C "C3'" . DG D 4 8  ? -11.34724 -12.99757 -9.77605  1.000 485.64882  ? 207 DG D "C3'" 1 
ATOM 822 O "O3'" . DG D 4 8  ? -11.88302 -11.76785 -10.27069 1.000 488.41763  ? 207 DG D "O3'" 1 
ATOM 823 C "C2'" . DG D 4 8  ? -10.31053 -12.74174 -8.67344  1.000 464.57044  ? 207 DG D "C2'" 1 
ATOM 824 C "C1'" . DG D 4 8  ? -11.14485 -12.92117 -7.41353  1.000 473.01481  ? 207 DG D "C1'" 1 
ATOM 825 N N9    . DG D 4 8  ? -10.33633 -13.17488 -6.21715  1.000 459.30102  ? 207 DG D N9    1 
ATOM 826 C C8    . DG D 4 8  ? -9.25050  -14.00455 -6.12536  1.000 452.18528  ? 207 DG D C8    1 
ATOM 827 N N7    . DG D 4 8  ? -8.69344  -14.00655 -4.94727  1.000 441.08479  ? 207 DG D N7    1 
ATOM 828 C C5    . DG D 4 8  ? -9.44268  -13.10263 -4.20936  1.000 440.23987  ? 207 DG D C5    1 
ATOM 829 C C6    . DG D 4 8  ? -9.30285  -12.69269 -2.86003  1.000 431.11411  ? 207 DG D C6    1 
ATOM 830 O O6    . DG D 4 8  ? -8.46294  -13.06242 -2.03090  1.000 424.81159  ? 207 DG D O6    1 
ATOM 831 N N1    . DG D 4 8  ? -10.26522 -11.75973 -2.49899  1.000 435.60157  ? 207 DG D N1    1 
ATOM 832 C C2    . DG D 4 8  ? -11.24551 -11.28274 -3.33252  1.000 447.90280  ? 207 DG D C2    1 
ATOM 833 N N2    . DG D 4 8  ? -12.07535 -10.36735 -2.80846  1.000 452.32876  ? 207 DG D N2    1 
ATOM 834 N N3    . DG D 4 8  ? -11.38850 -11.65831 -4.60533  1.000 456.50428  ? 207 DG D N3    1 
ATOM 835 C C4    . DG D 4 8  ? -10.45365 -12.57016 -4.97343  1.000 451.68894  ? 207 DG D C4    1 
ATOM 836 P P     . DT D 4 9  ? -11.16578 -10.99405 -11.48543 1.000 394.03935  ? 208 DT D P     1 
ATOM 837 O OP1   . DT D 4 9  ? -11.85726 -11.40861 -12.72564 1.000 416.11858  ? 208 DT D OP1   1 
ATOM 838 O OP2   . DT D 4 9  ? -9.70254  -11.17857 -11.34987 1.000 376.54564  ? 208 DT D OP2   1 
ATOM 839 O "O5'" . DT D 4 9  ? -11.50420 -9.44789  -11.22531 1.000 384.34265  ? 208 DT D "O5'" 1 
ATOM 840 C "C5'" . DT D 4 9  ? -10.79142 -8.70617  -10.22932 1.000 361.55229  ? 208 DT D "C5'" 1 
ATOM 841 C "C4'" . DT D 4 9  ? -11.68589 -8.37497  -9.04197  1.000 362.54624  ? 208 DT D "C4'" 1 
ATOM 842 O "O4'" . DT D 4 9  ? -11.62291 -9.45141  -8.07196  1.000 357.49005  ? 208 DT D "O4'" 1 
ATOM 843 C "C3'" . DT D 4 9  ? -11.28476 -7.12971  -8.26485  1.000 346.88005  ? 208 DT D "C3'" 1 
ATOM 844 O "O3'" . DT D 4 9  ? -11.89189 -5.98651  -8.82711  1.000 357.53229  ? 208 DT D "O3'" 1 
ATOM 845 C "C2'" . DT D 4 9  ? -11.84778 -7.41534  -6.88274  1.000 341.46812  ? 208 DT D "C2'" 1 
ATOM 846 C "C1'" . DT D 4 9  ? -11.62324 -8.91808  -6.75379  1.000 349.39287  ? 208 DT D "C1'" 1 
ATOM 847 N N1    . DT D 4 9  ? -10.33393 -9.28030  -6.10098  1.000 332.50449  ? 208 DT D N1    1 
ATOM 848 C C2    . DT D 4 9  ? -10.07007 -8.85975  -4.81268  1.000 322.47467  ? 208 DT D C2    1 
ATOM 849 O O2    . DT D 4 9  ? -10.84488 -8.19580  -4.14556  1.000 326.67037  ? 208 DT D O2    1 
ATOM 850 N N3    . DT D 4 9  ? -8.85759  -9.26625  -4.32685  1.000 308.77785  ? 208 DT D N3    1 
ATOM 851 C C4    . DT D 4 9  ? -7.90593  -10.02534 -4.98228  1.000 305.14085  ? 208 DT D C4    1 
ATOM 852 O O4    . DT D 4 9  ? -6.84810  -10.33492 -4.45911  1.000 294.38731  ? 208 DT D O4    1 
ATOM 853 C C5    . DT D 4 9  ? -8.24933  -10.42777 -6.32239  1.000 316.43205  ? 208 DT D C5    1 
ATOM 854 C C7    . DT D 4 9  ? -7.30005  -11.25732 -7.13700  1.000 315.56641  ? 208 DT D C7    1 
ATOM 855 C C6    . DT D 4 9  ? -9.42701  -10.03536 -6.80746  1.000 328.98299  ? 208 DT D C6    1 
# 
loop_
_atom_site_anisotrop.id 
_atom_site_anisotrop.type_symbol 
_atom_site_anisotrop.pdbx_label_atom_id 
_atom_site_anisotrop.pdbx_label_alt_id 
_atom_site_anisotrop.pdbx_label_comp_id 
_atom_site_anisotrop.pdbx_label_asym_id 
_atom_site_anisotrop.pdbx_label_seq_id 
_atom_site_anisotrop.pdbx_PDB_ins_code 
_atom_site_anisotrop.U[1][1] 
_atom_site_anisotrop.U[2][2] 
_atom_site_anisotrop.U[3][3] 
_atom_site_anisotrop.U[1][2] 
_atom_site_anisotrop.U[1][3] 
_atom_site_anisotrop.U[2][3] 
_atom_site_anisotrop.pdbx_auth_seq_id 
_atom_site_anisotrop.pdbx_auth_comp_id 
_atom_site_anisotrop.pdbx_auth_asym_id 
_atom_site_anisotrop.pdbx_auth_atom_id 
1   O "O5'" . DG A 1  ? 12.54324 11.15040 13.67122 -0.97891 0.78584  -0.15834 101 DG A "O5'" 
2   C "C5'" . DG A 1  ? 12.55881 11.19636 13.70004 -1.00753 0.80244  -0.13360 101 DG A "C5'" 
3   C "C4'" . DG A 1  ? 12.60546 11.28986 13.86841 -1.06067 0.81712  -0.20969 101 DG A "C4'" 
4   O "O4'" . DG A 1  ? 12.69819 11.30109 13.99337 -1.06724 0.81167  -0.28158 101 DG A "O4'" 
5   C "C3'" . DG A 1  ? 12.46358 11.35343 13.84310 -1.08302 0.81343  -0.24547 101 DG A "C3'" 
6   O "O3'" . DG A 1  ? 12.41653 11.38237 13.79879 -1.09436 0.82267  -0.19895 101 DG A "O3'" 
7   C "C2'" . DG A 1  ? 12.53657 11.44013 14.03127 -1.12714 0.81709  -0.34787 101 DG A "C2'" 
8   C "C1'" . DG A 1  ? 12.69210 11.39708 14.12194 -1.11367 0.81629  -0.36681 101 DG A "C1'" 
9   N N9    . DG A 1  ? 4.58578  3.29387  6.06595  -1.10784 0.79700  -0.44762 101 DG A N9    
10  C C8    . DG A 1  ? 4.70456  3.24769  6.12159  -1.08193 0.78697  -0.46446 101 DG A C8    
11  N N7    . DG A 1  ? 4.68263  3.26776  6.16187  -1.07695 0.76618  -0.54524 101 DG A N7    
12  C C5    . DG A 1  ? 4.53662  3.33776  6.13070  -1.10421 0.76142  -0.58605 101 DG A C5    
13  C C6    . DG A 1  ? 4.44977  3.40207  6.15158  -1.11253 0.73628  -0.68006 101 DG A C6    
14  O O6    . DG A 1  ? 4.48579  3.40503  6.20421  -1.09559 0.71283  -0.75292 101 DG A O6    
15  N N1    . DG A 1  ? 4.31045  3.48072  6.10494  -1.13973 0.73428  -0.68917 101 DG A N1    
16  C C2    . DG A 1  ? 4.26371  3.48885  6.04767  -1.15341 0.75412  -0.61718 101 DG A C2    
17  N N2    . DG A 1  ? 4.13220  3.57884  6.01028  -1.17246 0.74327  -0.63665 101 DG A N2    
18  N N3    . DG A 1  ? 4.34264  3.42498  6.02861  -1.14535 0.77773  -0.53457 101 DG A N3    
19  C C4    . DG A 1  ? 4.47596  3.35421  6.07088  -1.12216 0.78014  -0.52341 101 DG A C4    
20  P P     . DG A 2  ? 7.35708  6.54108  8.83757  -1.10944 0.81478  -0.20939 102 DG A P     
21  O OP1   . DG A 2  ? 7.41813  6.63428  8.98135  -1.15712 0.83094  -0.24654 102 DG A OP1   
22  O OP2   . DG A 2  ? 7.24375  6.48416  8.64844  -1.06924 0.80243  -0.12794 102 DG A OP2   
23  O "O5'" . DG A 2  ? 7.28653  6.57903  8.85999  -1.11500 0.79799  -0.28385 102 DG A "O5'" 
24  C "C5'" . DG A 2  ? 7.23861  6.69730  8.94735  -1.15343 0.79155  -0.35261 102 DG A "C5'" 
25  C "C4'" . DG A 2  ? 7.07658  6.73167  8.83903  -1.13700 0.76679  -0.35921 102 DG A "C4'" 
26  O "O4'" . DG A 2  ? 7.07207  6.71984  8.85726  -1.12838 0.75376  -0.41854 102 DG A "O4'" 
27  C "C3'" . DG A 2  ? 6.96181  6.66326  8.64117  -1.09232 0.75909  -0.26250 102 DG A "C3'" 
28  O "O3'" . DG A 2  ? 6.82371  6.74535  8.57735  -1.08913 0.73751  -0.26715 102 DG A "O3'" 
29  C "C2'" . DG A 2  ? 6.97301  6.56139  8.57370  -1.05712 0.75695  -0.24854 102 DG A "C2'" 
30  C "C1'" . DG A 2  ? 7.01823  6.61358  8.70833  -1.08184 0.75060  -0.35380 102 DG A "C1'" 
31  N N9    . DG A 2  ? 3.30635  2.69884  4.92963  -1.06990 0.75737  -0.36943 102 DG A N9    
32  C C8    . DG A 2  ? 3.38623  2.58472  4.90338  -1.05867 0.77290  -0.32021 102 DG A C8    
33  N N7    . DG A 2  ? 3.50706  2.55338  4.97720  -1.04358 0.77026  -0.34406 102 DG A N7    
34  C C5    . DG A 2  ? 3.50429  2.64536  5.05862  -1.04598 0.75248  -0.41995 102 DG A C5    
35  C C6    . DG A 2  ? 3.61097  2.66210  5.16262  -1.02974 0.73771  -0.48017 102 DG A C6    
36  O O6    . DG A 2  ? 3.73608  2.59354  5.20142  -1.00629 0.73765  -0.47073 102 DG A O6    
37  N N1    . DG A 2  ? 3.56139  2.78170  5.22240  -1.03902 0.71599  -0.55974 102 DG A N1    
38  C C2    . DG A 2  ? 3.42873  2.88454  5.18537  -1.06045 0.70881  -0.57223 102 DG A C2    
39  N N2    . DG A 2  ? 3.39973  3.02116  5.25286  -1.06463 0.68085  -0.65486 102 DG A N2    
40  N N3    . DG A 2  ? 3.33611  2.86908  5.08886  -1.07136 0.72233  -0.50854 102 DG A N3    
41  C C4    . DG A 2  ? 3.38019  2.74329  5.03195  -1.06409 0.74422  -0.43785 102 DG A C4    
42  P P     . DA A 3  ? 5.50785  5.52474  7.19707  -1.04081 0.72117  -0.18109 103 DA A P     
43  O OP1   . DA A 3  ? 5.42055  5.63505  7.18077  -1.04875 0.70409  -0.17388 103 DA A OP1   
44  O OP2   . DA A 3  ? 5.54008  5.40540  7.09573  -1.00947 0.73043  -0.10179 103 DA A OP2   
45  O "O5'" . DA A 3  ? 5.44309  5.52162  7.15829  -1.02180 0.70785  -0.21776 103 DA A "O5'" 
46  C "C5'" . DA A 3  ? 5.39111  5.64863  7.22708  -1.04120 0.68873  -0.29871 103 DA A "C5'" 
47  C "C4'" . DA A 3  ? 5.33758  5.63639  7.18497  -1.01900 0.67724  -0.33212 103 DA A "C4'" 
48  O "O4'" . DA A 3  ? 5.45476  5.55898  7.27975  -1.03069 0.69149  -0.38044 103 DA A "O4'" 
49  C "C3'" . DA A 3  ? 5.24093  5.55693  7.00124  -0.96749 0.67439  -0.24161 103 DA A "C3'" 
50  O "O3'" . DA A 3  ? 5.11067  5.65780  6.92520  -0.94370 0.64856  -0.24938 103 DA A "O3'" 
51  C "C2'" . DA A 3  ? 5.31387  5.43361  7.00892  -0.95529 0.68996  -0.24570 103 DA A "C2'" 
52  C "C1'" . DA A 3  ? 5.40717  5.48567  7.18684  -0.99517 0.68897  -0.35882 103 DA A "C1'" 
53  N N9    . DA A 3  ? 2.18616  2.02717  3.90045  -0.99267 0.70330  -0.37147 103 DA A N9    
54  C C8    . DA A 3  ? 2.30340  1.94027  3.91855  -0.98930 0.72235  -0.32159 103 DA A C8    
55  N N7    . DA A 3  ? 2.41386  1.86546  3.97346  -0.97731 0.72585  -0.34041 103 DA A N7    
56  C C5    . DA A 3  ? 2.36458  1.89516  3.99719  -0.97501 0.70832  -0.41285 103 DA A C5    
57  C C6    . DA A 3  ? 2.43846  1.84806  4.05858  -0.95886 0.69692  -0.46861 103 DA A C6    
58  N N6    . DA A 3  ? 2.58862  1.75956  4.10365  -0.93656 0.70285  -0.44814 103 DA A N6    
59  N N1    . DA A 3  ? 2.36450  1.93296  4.03505  -0.93210 0.65710  -0.53445 103 DA A N1    
60  C C2    . DA A 3  ? 2.22394  2.05334  3.96634  -0.93328 0.63920  -0.54242 103 DA A C2    
61  N N3    . DA A 3  ? 2.13271  2.08285  3.94686  -0.97993 0.66796  -0.50290 103 DA A N3    
62  C C4    . DA A 3  ? 2.21884  2.00186  3.95070  -0.98599 0.69432  -0.43459 103 DA A C4    
63  P P     . DC A 4  ? 4.83070  5.48152  6.71422  -0.93607 0.63277  -0.33410 104 DC A P     
64  O OP1   . DC A 4  ? 5.34136  5.98205  7.31610  -0.98098 0.62553  -0.45471 104 DC A OP1   
65  O OP2   . DC A 4  ? 4.66017  5.54822  6.55748  -0.89668 0.60611  -0.30100 104 DC A OP2   
66  O "O5'" . DC A 4  ? 4.53189  5.01381  6.33558  -0.91014 0.65129  -0.29958 104 DC A "O5'" 
67  C "C5'" . DC A 4  ? 4.63662  5.07789  6.48011  -0.91371 0.64472  -0.38556 104 DC A "C5'" 
68  C "C4'" . DC A 4  ? 4.31079  4.61339  6.03867  -0.86120 0.64581  -0.32792 104 DC A "C4'" 
69  O "O4'" . DC A 4  ? 4.42506  4.45368  6.09812  -0.88641 0.67745  -0.31347 104 DC A "O4'" 
70  C "C3'" . DC A 4  ? 3.82980  4.19660  5.51779  -0.83723 0.66537  -0.22085 104 DC A "C3'" 
71  O "O3'" . DC A 4  ? 3.60077  4.12561  5.26734  -0.77501 0.63233  -0.21610 104 DC A "O3'" 
72  C "C2'" . DC A 4  ? 3.68591  3.79464  5.24733  -0.82406 0.68591  -0.15292 104 DC A "C2'" 
73  C "C1'" . DC A 4  ? 4.07704  4.00589  5.65649  -0.85147 0.69227  -0.23094 104 DC A "C1'" 
74  N N1    . DC A 4  ? 4.16318  3.83609  5.62382  -0.84830 0.70731  -0.18519 104 DC A N1    
75  C C2    . DC A 4  ? 4.32363  3.79079  5.73156  -0.83662 0.70884  -0.21025 104 DC A C2    
76  O O2    . DC A 4  ? 4.43227  3.93663  5.84756  -0.80088 0.67417  -0.26780 104 DC A O2    
77  N N3    . DC A 4  ? 4.42463  3.69063  5.71314  -0.82301 0.71497  -0.16447 104 DC A N3    
78  C C4    . DC A 4  ? 4.32323  3.59576  5.55968  -0.82750 0.72055  -0.10520 104 DC A C4    
79  N N4    . DC A 4  ? 4.44130  3.54094  5.56863  -0.81540 0.72265  -0.06680 104 DC A N4    
80  C C5    . DC A 4  ? 4.18624  3.65022  5.47924  -0.84132 0.71875  -0.08486 104 DC A C5    
81  C C6    . DC A 4  ? 4.12541  3.77947  5.52301  -0.84870 0.71152  -0.12174 104 DC A C6    
82  P P     . DA A 5  ? 3.77266  4.42545  5.44287  -0.72599 0.57199  -0.31077 105 DA A P     
83  O OP1   . DA A 5  ? 4.16608  4.91354  5.91950  -0.75886 0.55210  -0.40121 105 DA A OP1   
84  O OP2   . DA A 5  ? 3.39853  4.23705  5.05415  -0.67515 0.55709  -0.26773 105 DA A OP2   
85  O "O5'" . DA A 5  ? 3.83237  4.26969  5.41161  -0.68995 0.55611  -0.33741 105 DA A "O5'" 
86  C "C5'" . DA A 5  ? 4.03000  4.49605  5.60092  -0.65042 0.50823  -0.43069 105 DA A "C5'" 
87  C "C4'" . DA A 5  ? 3.83649  4.18808  5.31271  -0.58760 0.48912  -0.41929 105 DA A "C4'" 
88  O "O4'" . DA A 5  ? 3.83641  3.92594  5.25012  -0.60477 0.51923  -0.37571 105 DA A "O4'" 
89  C "C3'" . DA A 5  ? 3.39750  3.87431  4.83891  -0.53941 0.48465  -0.35341 105 DA A "C3'" 
90  O "O3'" . DA A 5  ? 3.38596  3.87170  4.77930  -0.47273 0.44374  -0.39748 105 DA A "O3'" 
91  C "C2'" . DA A 5  ? 3.13985  3.45089  4.52843  -0.55791 0.52753  -0.25691 105 DA A "C2'" 
92  C "C1'" . DA A 5  ? 3.43283  3.48861  4.78250  -0.57837 0.53551  -0.28576 105 DA A "C1'" 
93  N N9    . DA A 5  ? 3.36423  3.26593  4.70013  -0.63132 0.58736  -0.21640 105 DA A N9    
94  C C8    . DA A 5  ? 3.29622  3.27348  4.69405  -0.68598 0.62574  -0.17255 105 DA A C8    
95  N N7    . DA A 5  ? 3.24626  3.04854  4.61492  -0.72616 0.67164  -0.11580 105 DA A N7    
96  C C5    . DA A 5  ? 3.29560  2.89124  4.57237  -0.69522 0.66167  -0.12057 105 DA A C5    
97  C C6    . DA A 5  ? 3.29079  2.64183  4.49172  -0.71121 0.69493  -0.07410 105 DA A C6    
98  N N6    . DA A 5  ? 3.21809  2.53493  4.35704  -0.72169 0.70628  -0.01388 105 DA A N6    
99  N N1    . DA A 5  ? 3.36770  2.55799  4.48211  -0.66504 0.67059  -0.09052 105 DA A N1    
100 C C2    . DA A 5  ? 3.43732  2.70858  4.54804  -0.60757 0.61731  -0.15270 105 DA A C2    
101 N N3    . DA A 5  ? 3.43800  2.93665  4.61657  -0.58913 0.58428  -0.20339 105 DA A N3    
102 C C4    . DA A 5  ? 3.37029  3.02296  4.62825  -0.63573 0.60891  -0.18265 105 DA A C4    
103 P P     . DG A 6  ? 6.96629  7.49875  8.30105  -0.41468 0.43751  -0.33695 106 DG A P     
104 O OP1   . DG A 6  ? 7.04715  7.70012  8.37951  -0.35595 0.39147  -0.40927 106 DG A OP1   
105 O OP2   . DG A 6  ? 6.68598  7.33935  8.04575  -0.43521 0.47040  -0.25028 106 DG A OP2   
106 O "O5'" . DG A 6  ? 6.84208  7.10756  8.09116  -0.40337 0.44737  -0.30391 106 DG A "O5'" 
107 C "C5'" . DG A 6  ? 7.07955  7.17848  8.29644  -0.38702 0.42423  -0.37151 106 DG A "C5'" 
108 C "C4'" . DG A 6  ? 6.96041  6.82596  8.08576  -0.36615 0.43247  -0.32465 106 DG A "C4'" 
109 O "O4'" . DG A 6  ? 6.97864  6.70203  8.09182  -0.42506 0.48099  -0.25867 106 DG A "O4'" 
110 C "C3'" . DG A 6  ? 6.55494  6.46371  7.62731  -0.31329 0.42256  -0.27068 106 DG A "C3'" 
111 O "O3'" . DG A 6  ? 6.57299  6.28761  7.56351  -0.27095 0.40491  -0.27290 106 DG A "O3'" 
112 C "C2'" . DG A 6  ? 6.31778  6.22489  7.39097  -0.35859 0.47005  -0.17605 106 DG A "C2'" 
113 C "C1'" . DG A 6  ? 6.60635  6.30765  7.66753  -0.41253 0.50045  -0.17092 106 DG A "C1'" 
114 N N9    . DG A 6  ? 6.52965  6.24118  7.62498  -0.47661 0.55064  -0.10742 106 DG A N9    
115 C C8    . DG A 6  ? 6.53142  6.43440  7.71270  -0.51195 0.56526  -0.10310 106 DG A C8    
116 N N7    . DG A 6  ? 6.46823  6.33097  7.66725  -0.56582 0.61264  -0.04222 106 DG A N7    
117 C C5    . DG A 6  ? 6.42241  6.04978  7.53803  -0.56863 0.63240  -0.00423 106 DG A C5    
118 C C6    . DG A 6  ? 6.34577  5.83297  7.43610  -0.61618 0.68452  0.06413  106 DG A C6    
119 O O6    . DG A 6  ? 6.30011  5.86354  7.39922  -0.64028 0.69598  0.09974  106 DG A O6    
120 N N1    . DG A 6  ? 6.33903  5.59772  7.32910  -0.59857 0.68815  0.08530  106 DG A N1    
121 C C2    . DG A 6  ? 6.39957  5.57578  7.32555  -0.53981 0.64480  0.04652  106 DG A C2    
122 N N2    . DG A 6  ? 6.39451  5.34597  7.22195  -0.52724 0.65422  0.07926  106 DG A N2    
123 N N3    . DG A 6  ? 6.46770  5.77433  7.42293  -0.49436 0.59587  -0.01985 106 DG A N3    
124 C C4    . DG A 6  ? 6.46734  5.99778  7.51641  -0.51307 0.59357  -0.04187 106 DG A C4    
125 P P     . DC A 7  ? 7.05020  6.77949  7.97960  -0.20843 0.38599  -0.23198 107 DC A P     
126 O OP1   . DC A 7  ? 7.18870  6.74580  8.05182  -0.15664 0.35350  -0.26834 107 DC A OP1   
127 O OP2   . DC A 7  ? 6.83002  6.81520  7.81278  -0.18554 0.37219  -0.24212 107 DC A OP2   
128 O "O5'" . DC A 7  ? 6.81175  6.45006  7.70078  -0.24462 0.43048  -0.13083 107 DC A "O5'" 
129 C "C5'" . DC A 7  ? 6.98795  6.39358  7.82421  -0.27807 0.45765  -0.09984 107 DC A "C5'" 
130 C "C4'" . DC A 7  ? 6.69045  6.07253  7.51304  -0.32261 0.50601  -0.00967 107 DC A "C4'" 
131 O "O4'" . DC A 7  ? 6.68105  6.21083  7.59155  -0.37833 0.53591  -0.00152 107 DC A "O4'" 
132 C "C3'" . DC A 7  ? 6.28742  5.74537  7.07769  -0.28742 0.50223  0.04428  107 DC A "C3'" 
133 O "O3'" . DC A 7  ? 6.16145  5.42858  6.86467  -0.29181 0.52334  0.10531  107 DC A "O3'" 
134 C "C2'" . DC A 7  ? 6.07737  5.73647  6.94805  -0.32684 0.53290  0.07893  107 DC A "C2'" 
135 C "C1'" . DC A 7  ? 6.32168  5.91869  7.23194  -0.39263 0.56629  0.07460  107 DC A "C1'" 
136 N N1    . DC A 7  ? 6.30622  6.09346  7.31284  -0.43666 0.59066  0.08397  107 DC A N1    
137 C C2    . DC A 7  ? 6.23233  5.98541  7.25606  -0.49323 0.64238  0.14777  107 DC A C2    
138 O O2    . DC A 7  ? 6.15296  5.73607  7.10865  -0.50266 0.66653  0.19618  107 DC A O2    
139 N N3    . DC A 7  ? 6.22731  6.14931  7.33819  -0.52891 0.66321  0.15921  107 DC A N3    
140 C C4    . DC A 7  ? 6.31143  6.42474  7.48579  -0.51178 0.63350  0.10766  107 DC A C4    
141 N N4    . DC A 7  ? 6.32123  6.59717  7.57767  -0.54531 0.65317  0.12213  107 DC A N4    
142 C C5    . DC A 7  ? 6.39642  6.54539  7.55158  -0.45705 0.58221  0.03877  107 DC A C5    
143 C C6    . DC A 7  ? 6.38531  6.36707  7.45946  -0.42124 0.56287  0.02859  107 DC A C6    
144 P P     . DC A 8  ? 6.98246  6.05883  7.58373  -0.23363 0.48838  0.09260  108 DC A P     
145 O OP1   . DC A 8  ? 7.35676  6.36808  7.96696  -0.21531 0.45914  0.01740  108 DC A OP1   
146 O OP2   . DC A 8  ? 6.65984  5.83081  7.23811  -0.17881 0.46037  0.10664  108 DC A OP2   
147 O "O5'" . DC A 8  ? 7.02269  5.87445  7.54275  -0.27015 0.53030  0.15982  108 DC A "O5'" 
148 C "C5'" . DC A 8  ? 6.72713  5.53782  7.18080  -0.25815 0.54169  0.22535  108 DC A "C5'" 
149 C "C4'" . DC A 8  ? 6.75909  5.39637  7.16006  -0.31212 0.59497  0.28710  108 DC A "C4'" 
150 O "O4'" . DC A 8  ? 6.98402  5.66649  7.43976  -0.36529 0.61031  0.26499  108 DC A "O4'" 
151 C "C3'" . DC A 8  ? 6.37497  5.13633  6.74244  -0.31872 0.59257  0.33750  108 DC A "C3'" 
152 O "O3'" . DC A 8  ? 6.21836  4.89019  6.48087  -0.27695 0.56683  0.36297  108 DC A "O3'" 
153 C "C2'" . DC A 8  ? 6.46046  5.24819  6.80626  -0.36064 0.58977  0.34311  108 DC A "C2'" 
154 C "C1'" . DC A 8  ? 6.78724  5.59168  7.23058  -0.39319 0.61194  0.30083  108 DC A "C1'" 
155 N N1    . DC A 8  ? 6.66469  5.66578  7.22760  -0.41826 0.63415  0.29527  108 DC A N1    
156 C C2    . DC A 8  ? 6.50816  5.64426  7.07335  -0.43887 0.62920  0.31792  108 DC A C2    
157 O O2    . DC A 8  ? 6.45699  5.54587  6.93862  -0.44088 0.61058  0.33846  108 DC A O2    
158 N N3    . DC A 8  ? 6.42660  5.74569  7.08702  -0.45294 0.63980  0.31386  108 DC A N3    
159 C C4    . DC A 8  ? 6.46058  5.85336  7.22588  -0.45385 0.65997  0.28994  108 DC A C4    
160 N N4    . DC A 8  ? 6.38037  5.97992  7.23385  -0.46437 0.66393  0.28721  108 DC A N4    
161 C C5    . DC A 8  ? 6.60536  5.89770  7.35754  -0.42119 0.64202  0.24975  108 DC A C5    
162 C C6    . DC A 8  ? 6.71146  5.78365  7.37072  -0.40989 0.64060  0.25934  108 DC A C6    
163 P P     . DT A 9  ? 5.02068  3.80837  5.27638  -0.26138 0.56471  0.39803  109 DT A P     
164 O OP1   . DT A 9  ? 4.93730  3.59855  5.09553  -0.21122 0.53822  0.41106  109 DT A OP1   
165 O OP2   . DT A 9  ? 4.90932  3.85435  5.29079  -0.26939 0.59323  0.39459  109 DT A OP2   
166 O "O5'" . DT A 9  ? 4.89990  3.77231  5.12359  -0.29797 0.55476  0.41529  109 DT A "O5'" 
167 C "C5'" . DT A 9  ? 4.98957  3.76009  5.13407  -0.30956 0.53541  0.41977  109 DT A "C5'" 
168 C "C4'" . DT A 9  ? 4.93899  3.81262  5.10000  -0.34710 0.53328  0.42531  109 DT A "C4'" 
169 O "O4'" . DT A 9  ? 5.07319  4.04138  5.32648  -0.37261 0.55492  0.40639  109 DT A "O4'" 
170 C "C3'" . DT A 9  ? 4.59181  3.57740  4.74280  -0.34382 0.52038  0.44165  109 DT A "C3'" 
171 O "O3'" . DT A 9  ? 4.48615  3.41611  4.56232  -0.34535 0.49816  0.45710  109 DT A "O3'" 
172 C "C2'" . DT A 9  ? 4.57370  3.70619  4.79408  -0.37070 0.52668  0.43313  109 DT A "C2'" 
173 C "C1'" . DT A 9  ? 4.90802  4.02477  5.19149  -0.38765 0.54961  0.41335  109 DT A "C1'" 
174 N N1    . DT A 9  ? 4.90305  4.14688  5.28227  -0.38918 0.56849  0.40211  109 DT A N1    
175 C C2    . DT A 9  ? 4.79795  4.18613  5.21567  -0.40391 0.56182  0.40236  109 DT A C2    
176 O O2    . DT A 9  ? 4.69072  4.10107  5.06837  -0.41520 0.54193  0.40956  109 DT A O2    
177 N N3    . DT A 9  ? 4.81850  4.32672  5.32399  -0.40365 0.57661  0.39312  109 DT A N3    
178 C C4    . DT A 9  ? 4.90694  4.41700  5.48118  -0.39368 0.60129  0.38256  109 DT A C4    
179 O O4    . DT A 9  ? 4.90096  4.55086  5.56286  -0.39554 0.61172  0.37435  109 DT A O4    
180 C C5    . DT A 9  ? 4.99881  4.33836  5.53194  -0.37869 0.60911  0.37990  109 DT A C5    
181 C C7    . DT A 9  ? 5.08094  4.39004  5.68619  -0.36553 0.63289  0.36358  109 DT A C7    
182 C C6    . DT A 9  ? 5.00344  4.21577  5.43327  -0.37516 0.58979  0.39019  109 DT A C6    
183 P P     . DG A 10 ? 4.53230  3.36645  4.53064  -0.31212 0.48191  0.47331  110 DG A P     
184 O OP1   . DG A 10 ? 4.34916  3.19431  4.30356  -0.32200 0.46505  0.48773  110 DG A OP1   
185 O OP2   . DG A 10 ? 4.79453  3.47776  4.75652  -0.29272 0.48138  0.46953  110 DG A OP2   
186 O "O5'" . DG A 10 ? 4.29707  3.21381  4.33025  -0.28900 0.49010  0.47308  110 DG A "O5'" 
187 C "C5'" . DG A 10 ? 3.96412  2.98055  3.99684  -0.29015 0.48072  0.47992  110 DG A "C5'" 
188 C "C4'" . DG A 10 ? 3.85119  2.98832  3.92557  -0.32142 0.47747  0.47128  110 DG A "C4'" 
189 O "O4'" . DG A 10 ? 4.02823  3.22353  4.17289  -0.33332 0.49509  0.45803  110 DG A "O4'" 
190 C "C3'" . DG A 10 ? 3.59000  2.83455  3.69556  -0.31267 0.49053  0.46975  110 DG A "C3'" 
191 O "O3'" . DG A 10 ? 3.48084  2.75345  3.61018  -0.32017 0.51950  0.46659  110 DG A "O3'" 
192 C "C2'" . DG A 10 ? 3.63042  2.98435  3.79971  -0.31541 0.48621  0.45916  110 DG A "C2'" 
193 C "C1'" . DG A 10 ? 3.87790  3.21575  4.07637  -0.33513 0.49603  0.45147  110 DG A "C1'" 
194 N N9    . DG A 10 ? 4.04955  3.43660  4.32496  -0.33120 0.52000  0.44351  110 DG A N9    
195 C C8    . DG A 10 ? 4.23604  3.54241  4.53161  -0.31706 0.54091  0.44287  110 DG A C8    
196 N N7    . DG A 10 ? 4.36061  3.74798  4.74492  -0.32076 0.56191  0.43333  110 DG A N7    
197 C C5    . DG A 10 ? 4.26397  3.79308  4.67704  -0.33604 0.55044  0.42902  110 DG A C5    
198 C C6    . DG A 10 ? 4.33422  4.00384  4.82863  -0.34448 0.55779  0.41934  110 DG A C6    
199 O O6    . DG A 10 ? 4.48502  4.20286  5.06106  -0.34374 0.58035  0.41164  110 DG A O6    
200 N N1    . DG A 10 ? 4.20359  3.96413  4.67755  -0.35499 0.53358  0.41616  110 DG A N1    
201 C C2    . DG A 10 ? 4.01350  3.73567  4.42243  -0.35587 0.51614  0.42112  110 DG A C2    
202 N N2    . DG A 10 ? 3.92408  3.71773  4.37031  -0.34839 0.52732  0.42230  110 DG A N2    
203 N N3    . DG A 10 ? 3.93314  3.54278  4.28201  -0.34992 0.51321  0.43003  110 DG A N3    
204 C C4    . DG A 10 ? 4.07094  3.59054  4.41439  -0.34179 0.52429  0.43380  110 DG A C4    
205 P P     . DT A 11 ? 3.11496  2.40750  3.23341  -0.30850 0.53442  0.46976  111 DT A P     
206 O OP1   . DT A 11 ? 3.15922  2.41808  3.27618  -0.31862 0.56143  0.46920  111 DT A OP1   
207 O OP2   . DT A 11 ? 3.11146  2.34647  3.16853  -0.29565 0.51507  0.48004  111 DT A OP2   
208 O "O5'" . DT A 11 ? 2.89084  2.31489  3.08121  -0.30028 0.53836  0.46073  111 DT A "O5'" 
209 C "C5'" . DT A 11 ? 2.90931  2.40721  3.16363  -0.30799 0.54606  0.45288  111 DT A "C5'" 
210 C "C4'" . DT A 11 ? 2.80946  2.41653  3.12121  -0.29384 0.54858  0.44893  111 DT A "C4'" 
211 O "O4'" . DT A 11 ? 2.95476  2.64076  3.31170  -0.29681 0.53812  0.44367  111 DT A "O4'" 
212 C "C3'" . DT A 11 ? 2.66380  2.28919  2.96246  -0.27714 0.54132  0.45090  111 DT A "C3'" 
213 O "O3'" . DT A 11 ? 2.57202  2.27251  2.92127  -0.26405 0.55030  0.44900  111 DT A "O3'" 
214 C "C2'" . DT A 11 ? 2.76035  2.42114  3.06460  -0.27643 0.52193  0.44896  111 DT A "C2'" 
215 C "C1'" . DT A 11 ? 2.92190  2.65609  3.28320  -0.28362 0.52498  0.44294  111 DT A "C1'" 
216 N N1    . DT A 11 ? 3.10202  2.85844  3.47021  -0.29317 0.51196  0.43794  111 DT A N1    
217 C C2    . DT A 11 ? 3.20157  3.05697  3.62578  -0.29659 0.51256  0.43051  111 DT A C2    
218 O O2    . DT A 11 ? 3.15002  3.06702  3.61392  -0.29009 0.51978  0.43117  111 DT A O2    
219 N N3    . DT A 11 ? 3.36063  3.23907  3.79141  -0.30773 0.50379  0.42279  111 DT A N3    
220 C C4    . DT A 11 ? 3.44389  3.23246  3.87863  -0.29523 0.52310  0.43540  111 DT A C4    
221 O O4    . DT A 11 ? 3.59670  3.40116  4.09574  -0.28734 0.54652  0.43797  111 DT A O4    
222 C C5    . DT A 11 ? 3.33897  3.01074  3.69850  -0.29100 0.51497  0.44453  111 DT A C5    
223 C C7    . DT A 11 ? 3.43360  2.97723  3.77271  -0.27288 0.53169  0.45845  111 DT A C7    
224 C C6    . DT A 11 ? 3.16701  2.84106  3.48349  -0.29798 0.49864  0.44150  111 DT A C6    
225 P P     . DA A 12 ? 3.85219  3.53100  4.18973  -0.25393 0.56399  0.45051  112 DA A P     
226 O OP1   . DA A 12 ? 3.80900  3.43038  4.13094  -0.26272 0.58364  0.45146  112 DA A OP1   
227 O OP2   . DA A 12 ? 3.77485  3.42546  4.06937  -0.25034 0.55298  0.45185  112 DA A OP2   
228 O "O5'" . DA A 12 ? 3.90530  3.67577  4.30977  -0.23783 0.56661  0.45041  112 DA A "O5'" 
229 C "C5'" . DA A 12 ? 3.97096  3.79225  4.42481  -0.23764 0.56972  0.45262  112 DA A "C5'" 
230 C "C4'" . DA A 12 ? 3.95568  3.86741  4.45777  -0.22350 0.55836  0.45571  112 DA A "C4'" 
231 O "O4'" . DA A 12 ? 4.06348  4.00845  4.56545  -0.23150 0.54335  0.45170  112 DA A "O4'" 
232 C "C3'" . DA A 12 ? 3.82561  3.75396  4.32940  -0.20892 0.55566  0.45608  112 DA A "C3'" 
233 O "O3'" . DA A 12 ? 3.76227  3.72956  4.31127  -0.19267 0.56367  0.46412  112 DA A "O3'" 
234 C "C2'" . DA A 12 ? 3.89305  3.86901  4.39884  -0.20821 0.53818  0.45267  112 DA A "C2'" 
235 C "C1'" . DA A 12 ? 4.04797  4.04321  4.55993  -0.22045 0.53204  0.45046  112 DA A "C1'" 
236 N N9    . DA A 12 ? 4.12835  4.10365  4.60744  -0.23128 0.52162  0.44358  112 DA A N9    
237 C C8    . DA A 12 ? 4.03984  3.93755  4.46484  -0.23762 0.51957  0.44293  112 DA A C8    
238 N N7    . DA A 12 ? 4.13830  4.02614  4.54272  -0.24557 0.50869  0.43997  112 DA A N7    
239 C C5    . DA A 12 ? 4.29664  4.27012  4.74797  -0.24616 0.50592  0.43440  112 DA A C5    
240 C C6    . DA A 12 ? 4.43919  4.45399  4.90061  -0.25400 0.49857  0.42615  112 DA A C6    
241 N N6    . DA A 12 ? 4.45278  4.41131  4.89525  -0.25353 0.50141  0.43209  112 DA A N6    
242 N N1    . DA A 12 ? 4.57745  4.68854  5.08799  -0.25356 0.49908  0.41898  112 DA A N1    
243 C C2    . DA A 12 ? 4.58674  4.73663  5.12847  -0.24457 0.50360  0.42541  112 DA A C2    
244 N N3    . DA A 12 ? 4.45581  4.56668  4.99414  -0.23564 0.51029  0.43618  112 DA A N3    
245 C C4    . DA A 12 ? 4.30609  4.33295  4.80031  -0.23749 0.51244  0.43769  112 DA A C4    
246 P P     . DC A 13 ? 3.58537  3.62160  4.18878  -0.18406 0.56119  0.47604  113 DC A P     
247 O OP1   . DC A 13 ? 3.67506  3.69092  4.28185  -0.19530 0.56968  0.47732  113 DC A OP1   
248 O OP2   . DC A 13 ? 3.53181  3.59271  4.16862  -0.16498 0.56717  0.48629  113 DC A OP2   
249 O "O5'" . DC A 13 ? 3.69028  3.79001  4.30154  -0.18591 0.54265  0.47422  113 DC A "O5'" 
250 C "C5'" . DC A 13 ? 3.83985  3.99740  4.47982  -0.18855 0.53684  0.48006  113 DC A "C5'" 
251 C "C4'" . DC A 13 ? 3.97195  4.20955  4.64035  -0.17538 0.52611  0.48744  113 DC A "C4'" 
252 O "O4'" . DC A 13 ? 4.08595  4.34789  4.73656  -0.18376 0.51542  0.47319  113 DC A "O4'" 
253 C "C3'" . DC A 13 ? 3.89502  4.13762  4.57814  -0.15714 0.52910  0.49646  113 DC A "C3'" 
254 O "O3'" . DC A 13 ? 4.03714  4.34771  4.75843  -0.14286 0.52535  0.51453  113 DC A "O3'" 
255 C "C2'" . DC A 13 ? 3.86572  4.10389  4.52275  -0.16150 0.52197  0.48182  113 DC A "C2'" 
256 C "C1'" . DC A 13 ? 4.03702  4.31357  4.68676  -0.17316 0.51168  0.47165  113 DC A "C1'" 
257 N N1    . DC A 13 ? 3.98351  4.22496  4.59638  -0.18456 0.50780  0.45535  113 DC A N1    
258 C C2    . DC A 13 ? 4.11599  4.40368  4.72758  -0.19145 0.49957  0.44279  113 DC A C2    
259 O O2    . DC A 13 ? 4.27938  4.64204  4.91907  -0.18883 0.49589  0.44217  113 DC A O2    
260 N N3    . DC A 13 ? 4.05663  4.30699  4.63576  -0.20032 0.49699  0.43154  113 DC A N3    
261 C C4    . DC A 13 ? 3.89051  4.05879  4.43334  -0.20335 0.50070  0.43443  113 DC A C4    
262 N N4    . DC A 13 ? 3.85155  3.97846  4.35734  -0.21164 0.49665  0.42851  113 DC A N4    
263 C C5    . DC A 13 ? 3.75530  3.88140  4.29707  -0.19773 0.50966  0.44362  113 DC A C5    
264 C C6    . DC A 13 ? 3.79842  3.96378  4.37837  -0.18807 0.51365  0.45293  113 DC A C6    
265 P P     . DG A 14 ? 3.79671  4.10776  4.54783  -0.12308 0.53439  0.53307  114 DG A P     
266 O OP1   . DG A 14 ? 3.66831  3.93022  4.42725  -0.12044 0.54882  0.53864  114 DG A OP1   
267 O OP2   . DG A 14 ? 3.76449  4.06677  4.50323  -0.12226 0.53370  0.52277  114 DG A OP2   
268 O "O5'" . DG A 14 ? 3.98571  4.37611  4.77245  -0.11030 0.52801  0.55685  114 DG A "O5'" 
269 C "C5'" . DG A 14 ? 4.06071  4.50471  4.85337  -0.10494 0.52071  0.55941  114 DG A "C5'" 
270 C "C4'" . DG A 14 ? 4.30304  4.81456  5.09261  -0.11140 0.50896  0.55595  114 DG A "C4'" 
271 O "O4'" . DG A 14 ? 4.31798  4.81101  5.07557  -0.12946 0.50383  0.52655  114 DG A "O4'" 
272 C "C3'" . DG A 14 ? 4.48239  5.06402  5.28462  -0.10277 0.50415  0.56332  114 DG A "C3'" 
273 O "O3'" . DG A 14 ? 4.68790  5.34061  5.49699  -0.10312 0.49721  0.56907  114 DG A "O3'" 
274 C "C2'" . DG A 14 ? 4.47325  5.04367  5.25127  -0.11351 0.50087  0.53409  114 DG A "C2'" 
275 C "C1'" . DG A 14 ? 4.39044  4.91657  5.14073  -0.13001 0.49859  0.51261  114 DG A "C1'" 
276 N N9    . DG A 14 ? 4.23924  4.70172  4.96328  -0.13787 0.50094  0.49509  114 DG A N9    
277 C C8    . DG A 14 ? 4.08100  4.47899  4.80006  -0.13489 0.50966  0.49963  114 DG A C8    
278 N N7    . DG A 14 ? 3.98774  4.33997  4.67775  -0.14403 0.51011  0.48270  114 DG A N7    
279 C C5    . DG A 14 ? 4.06964  4.45543  4.74703  -0.15262 0.50107  0.46703  114 DG A C5    
280 C C6    . DG A 14 ? 4.01310  4.37372  4.66101  -0.16293 0.49783  0.44879  114 DG A C6    
281 O O6    . DG A 14 ? 3.89392  4.19510  4.51579  -0.16762 0.50122  0.44468  114 DG A O6    
282 N N1    . DG A 14 ? 4.10352  4.51883  4.75435  -0.16735 0.49106  0.43459  114 DG A N1    
283 C C2    . DG A 14 ? 4.24315  4.73128  4.91928  -0.16381 0.48809  0.43475  114 DG A C2    
284 N N2    . DG A 14 ? 4.29528  4.83678  4.97473  -0.16826 0.48426  0.41270  114 DG A N2    
285 N N3    . DG A 14 ? 4.31918  4.83066  5.01780  -0.15522 0.48987  0.45453  114 DG A N3    
286 C C4    . DG A 14 ? 4.22143  4.67728  4.92049  -0.14938 0.49620  0.47131  114 DG A C4    
287 P P     . DG A 15 ? 5.41987  6.15601  6.23037  -0.10072 0.49139  0.56179  115 DG A P     
288 O OP1   . DG A 15 ? 5.53063  6.33596  6.35405  -0.09569 0.48758  0.57840  115 DG A OP1   
289 O OP2   . DG A 15 ? 5.44285  6.18223  6.26393  -0.09110 0.49635  0.57028  115 DG A OP2   
290 O "O5'" . DG A 15 ? 5.37808  6.10670  6.16302  -0.11831 0.48711  0.52067  115 DG A "O5'" 
291 C "C5'" . DG A 15 ? 5.48925  6.29043  6.27520  -0.11927 0.48326  0.49958  115 DG A "C5'" 
292 C "C4'" . DG A 15 ? 5.44510  6.23326  6.22154  -0.12290 0.48356  0.47413  115 DG A "C4'" 
293 O "O4'" . DG A 15 ? 5.24866  5.94730  6.00719  -0.12997 0.48594  0.47311  115 DG A "O4'" 
294 C "C3'" . DG A 15 ? 5.60533  6.42926  6.39751  -0.11198 0.48678  0.48311  115 DG A "C3'" 
295 O "O3'" . DG A 15 ? 5.76565  6.68171  6.57117  -0.10583 0.48543  0.46968  115 DG A "O3'" 
296 C "C2'" . DG A 15 ? 5.46226  6.23632  6.24280  -0.11925 0.48853  0.46404  115 DG A "C2'" 
297 C "C1'" . DG A 15 ? 5.25307  5.95252  6.00850  -0.13049 0.48651  0.45647  115 DG A "C1'" 
298 N N9    . DG A 15 ? 5.08756  5.70794  5.83090  -0.13280 0.49091  0.46378  115 DG A N9    
299 C C8    . DG A 15 ? 5.05658  5.63808  5.80990  -0.12559 0.49744  0.48824  115 DG A C8    
300 N N7    . DG A 15 ? 4.88077  5.39827  5.62092  -0.12955 0.50238  0.48380  115 DG A N7    
301 C C5    . DG A 15 ? 4.80786  5.32126  5.52574  -0.14006 0.49741  0.45892  115 DG A C5    
302 C C6    . DG A 15 ? 4.63548  5.09488  5.32906  -0.14848 0.49917  0.44622  115 DG A C6    
303 O O6    . DG A 15 ? 4.50582  4.90932  5.19117  -0.14955 0.50633  0.45138  115 DG A O6    
304 N N1    . DG A 15 ? 4.61724  5.09579  5.29628  -0.15566 0.49298  0.42491  115 DG A N1    
305 C C2    . DG A 15 ? 4.73535  5.28056  5.42645  -0.15420 0.48748  0.41190  115 DG A C2    
306 N N2    . DG A 15 ? 4.68413  5.24538  5.36678  -0.15859 0.48417  0.38873  115 DG A N2    
307 N N3    . DG A 15 ? 4.89265  5.49057  5.60507  -0.14763 0.48645  0.41975  115 DG A N3    
308 C C4    . DG A 15 ? 4.92696  5.50393  5.64954  -0.14122 0.49083  0.44573  115 DG A C4    
309 P P     . DA A 16 ? 7.65952  8.62526  8.46472  -0.11034 0.48134  0.42633  116 DA A P     
310 O OP1   . DA A 16 ? 7.62447  8.59116  8.42492  -0.11657 0.47892  0.42604  116 DA A OP1   
311 O OP2   . DA A 16 ? 7.87066  8.92396  8.69652  -0.09823 0.48286  0.41437  116 DA A OP2   
312 O "O5'" . DA A 16 ? 7.46815  8.38148  8.26094  -0.12003 0.48086  0.39754  116 DA A "O5'" 
313 C "C5'" . DA A 16 ? 7.38978  8.30781  8.17969  -0.12679 0.47860  0.36252  116 DA A "C5'" 
314 C "C4'" . DA A 16 ? 7.32662  8.27088  8.12921  -0.12182 0.47758  0.32590  116 DA A "C4'" 
315 O "O4'" . DA A 16 ? 7.14708  8.01689  7.92828  -0.12945 0.47812  0.33629  116 DA A "O4'" 
316 C "C3'" . DA A 16 ? 7.52027  8.54753  8.35439  -0.10621 0.47844  0.31114  116 DA A "C3'" 
317 O "O3'" . DA A 16 ? 7.51973  8.60091  8.38359  -0.09440 0.47513  0.26143  116 DA A "O3'" 
318 C "C2'" . DA A 16 ? 7.49598  8.48145  8.32204  -0.11062 0.48184  0.33178  116 DA A "C2'" 
319 C "C1'" . DA A 16 ? 7.24443  8.14799  8.04367  -0.12221 0.47970  0.32985  116 DA A "C1'" 
320 N N9    . DA A 16 ? 7.18392  8.01254  7.96363  -0.12997 0.48307  0.36011  116 DA A N9    
321 C C8    . DA A 16 ? 7.23493  8.02746  8.00919  -0.12988 0.48637  0.39616  116 DA A C8    
322 N N7    . DA A 16 ? 7.15710  7.88577  7.92140  -0.13411 0.49033  0.41101  116 DA A N7    
323 C C5    . DA A 16 ? 7.04891  7.76897  7.80556  -0.14013 0.48888  0.38613  116 DA A C5    
324 C C6    . DA A 16 ? 6.92958  7.59613  7.67283  -0.14762 0.49190  0.38534  116 DA A C6    
325 N N6    . DA A 16 ? 6.88919  7.49803  7.62677  -0.14970 0.49834  0.40715  116 DA A N6    
326 N N1    . DA A 16 ? 6.85100  7.53195  7.59123  -0.15113 0.48898  0.35890  116 DA A N1    
327 C C2    . DA A 16 ? 6.88428  7.63095  7.64083  -0.14382 0.48373  0.33154  116 DA A C2    
328 N N3    . DA A 16 ? 6.98621  7.78727  7.75908  -0.13561 0.48130  0.32471  116 DA A N3    
329 C C4    . DA A 16 ? 7.06647  7.84877  7.83447  -0.13628 0.48407  0.35526  116 DA A C4    
330 P P     . DC A 17 ? 7.52625  8.69795  8.43456  -0.07344 0.47486  0.23272  117 DC A P     
331 O OP1   . DC A 17 ? 7.50162  8.72815  8.45138  -0.05266 0.46806  0.18143  117 DC A OP1   
332 O OP2   . DC A 17 ? 7.55316  8.75750  8.45787  -0.07229 0.48031  0.26666  117 DC A OP2   
333 O "O5'" . DC A 17 ? 7.52052  8.66814  8.43213  -0.07688 0.47565  0.22663  117 DC A "O5'" 
334 C "C5'" . DC A 17 ? 7.50039  8.60877  8.40613  -0.07863 0.47025  0.20685  117 DC A "C5'" 
335 C "C4'" . DC A 17 ? 7.49859  8.59474  8.40902  -0.08208 0.47125  0.20383  117 DC A "C4'" 
336 O "O4'" . DC A 17 ? 7.43980  8.45504  8.30695  -0.10423 0.47819  0.25153  117 DC A "O4'" 
337 C "C3'" . DC A 17 ? 7.49845  8.67149  8.45713  -0.06969 0.47383  0.18054  117 DC A "C3'" 
338 O "O3'" . DC A 17 ? 7.48292  8.68232  8.47799  -0.05598 0.46815  0.15435  117 DC A "O3'" 
339 C "C2'" . DC A 17 ? 7.53064  8.66748  8.46246  -0.08997 0.48575  0.22684  117 DC A "C2'" 
340 C "C1'" . DC A 17 ? 7.53465  8.57713  8.42263  -0.10638 0.48430  0.25094  117 DC A "C1'" 
341 N N1    . DC A 17 ? 7.56693  8.54260  8.42631  -0.12121 0.49203  0.29799  117 DC A N1    
342 C C2    . DC A 17 ? 7.50315  8.41734  8.34604  -0.13357 0.49480  0.30767  117 DC A C2    
343 O O2    . DC A 17 ? 7.42905  8.35081  8.27730  -0.13409 0.49081  0.28011  117 DC A O2    
344 N N3    . DC A 17 ? 7.48126  8.33501  8.30859  -0.14122 0.50170  0.34425  117 DC A N3    
345 C C4    . DC A 17 ? 7.57087  8.42762  8.40043  -0.13530 0.50484  0.37273  117 DC A C4    
346 N N4    . DC A 17 ? 7.54489  8.34687  8.36966  -0.13730 0.51182  0.40473  117 DC A N4    
347 C C5    . DC A 17 ? 7.61524  8.53622  8.45621  -0.12476 0.50141  0.36779  117 DC A C5    
348 C C6    . DC A 17 ? 7.58756  8.56432  8.44192  -0.11896 0.49558  0.32920  117 DC A C6    
349 P P     . DA A 18 ? 3.56666  4.84769  4.62857  -0.00287 0.45377  0.14816  118 DA A P     
350 O OP1   . DA A 18 ? 3.32663  4.57225  4.36892  0.00592  0.45398  0.18315  118 DA A OP1   
351 O OP2   . DA A 18 ? 3.85165  5.21705  4.96829  0.02277  0.44595  0.10748  118 DA A OP2   
352 O "O5'" . DA A 18 ? 3.57044  4.86422  4.66283  0.01153  0.44989  0.15109  118 DA A "O5'" 
353 C "C5'" . DA A 18 ? 3.32849  4.54556  4.39024  0.00288  0.45836  0.19771  118 DA A "C5'" 
354 C "C4'" . DA A 18 ? 3.26708  4.46436  4.32839  -0.01595 0.46425  0.19687  118 DA A "C4'" 
355 O "O4'" . DA A 18 ? 3.26647  4.38481  4.25791  -0.06898 0.47523  0.19917  118 DA A "O4'" 
356 C "C3'" . DA A 18 ? 3.50307  4.80286  4.63441  0.00591  0.45256  0.14753  118 DA A "C3'" 
357 O "O3'" . DA A 18 ? 3.34503  4.65047  4.50500  0.02001  0.45100  0.16022  118 DA A "O3'" 
358 C "C2'" . DA A 18 ? 3.69750  4.97387  4.79801  -0.04179 0.46626  0.12072  118 DA A "C2'" 
359 C "C1'" . DA A 18 ? 3.44882  4.61148  4.46356  -0.08274 0.47742  0.16079  118 DA A "C1'" 
360 N N9    . DA A 18 ? 3.58111  4.70430  4.55258  -0.11253 0.48777  0.17321  118 DA A N9    
361 C C8    . DA A 18 ? 3.73397  4.87878  4.70780  -0.10545 0.49088  0.18544  118 DA A C8    
362 N N7    . DA A 18 ? 3.83739  4.94893  4.78878  -0.11972 0.50242  0.22759  118 DA A N7    
363 C C5    . DA A 18 ? 3.74040  4.79860  4.67515  -0.13731 0.50758  0.24218  118 DA A C5    
364 C C6    . DA A 18 ? 3.77410  4.77858  4.69270  -0.15200 0.51904  0.27989  118 DA A C6    
365 N N6    . DA A 18 ? 3.92218  4.92115  4.83946  -0.14940 0.52688  0.31342  118 DA A N6    
366 N N1    . DA A 18 ? 3.64816  4.60838  4.55708  -0.16631 0.52209  0.28057  118 DA A N1    
367 C C2    . DA A 18 ? 3.50274  4.47652  4.41457  -0.16701 0.51376  0.24895  118 DA A C2    
368 N N3    . DA A 18 ? 3.45422  4.47921  4.38322  -0.15078 0.50166  0.21384  118 DA A N3    
369 C C4    . DA A 18 ? 3.58059  4.64459  4.52254  -0.13585 0.49930  0.21065  118 DA A C4    
370 P P     . DT A 19 ? 3.15887  4.55099  4.38773  0.03090  0.44052  0.11235  119 DT A P     
371 O OP1   . DT A 19 ? 2.98003  4.39657  4.24780  0.07218  0.42787  0.13269  119 DT A OP1   
372 O OP2   . DT A 19 ? 3.55612  5.02692  4.84011  0.05471  0.42608  0.06288  119 DT A OP2   
373 O "O5'" . DT A 19 ? 3.05120  4.37816  4.22859  -0.03570 0.46513  0.10866  119 DT A "O5'" 
374 C "C5'" . DT A 19 ? 2.97909  4.25127  4.13273  -0.05696 0.47579  0.13701  119 DT A "C5'" 
375 C "C4'" . DT A 19 ? 3.25041  4.52192  4.38785  -0.10266 0.48734  0.10647  119 DT A "C4'" 
376 O "O4'" . DT A 19 ? 3.35551  4.55450  4.41064  -0.14117 0.49573  0.11263  119 DT A "O4'" 
377 C "C3'" . DT A 19 ? 3.60980  4.98890  4.82942  -0.09276 0.48332  0.04223  119 DT A "C3'" 
378 O "O3'" . DT A 19 ? 3.61783  5.06091  4.90775  -0.07760 0.47593  0.02253  119 DT A "O3'" 
379 C "C2'" . DT A 19 ? 3.91745  5.25414  5.07626  -0.13827 0.49562  0.02809  119 DT A "C2'" 
380 C "C1'" . DT A 19 ? 3.69672  4.93791  4.77674  -0.16073 0.50850  0.09526  119 DT A "C1'" 
381 N N1    . DT A 19 ? 3.89596  5.12011  4.96297  -0.16104 0.52020  0.12851  119 DT A N1    
382 C C2    . DT A 19 ? 3.94093  5.09988  4.97206  -0.17982 0.53443  0.17917  119 DT A C2    
383 O O2    . DT A 19 ? 3.83487  4.93952  4.84399  -0.19726 0.53938  0.19837  119 DT A O2    
384 N N3    . DT A 19 ? 4.11894  5.27914  5.14723  -0.17289 0.54196  0.20556  119 DT A N3    
385 C C4    . DT A 19 ? 4.25291  5.47071  5.30430  -0.15358 0.53839  0.18865  119 DT A C4    
386 O O4    . DT A 19 ? 4.41286  5.63276  5.45724  -0.14878 0.54556  0.21774  119 DT A O4    
387 C C5    . DT A 19 ? 4.20241  5.47888  5.29381  -0.13470 0.52468  0.13402  119 DT A C5    
388 C C7    . DT A 19 ? 4.34977  5.68416  5.47854  -0.10767 0.51953  0.11087  119 DT A C7    
389 C C6    . DT A 19 ? 4.02612  5.30338  5.12704  -0.13715 0.51555  0.10582  119 DT A C6    
390 P P     . DC A 20 ? 3.32934  4.74837  4.58303  -0.12096 0.48730  0.03038  120 DC A P     
391 O OP1   . DC A 20 ? 3.14475  4.44187  4.29597  -0.15912 0.50281  0.08153  120 DC A OP1   
392 O OP2   . DC A 20 ? 3.19764  4.69181  4.54152  -0.08503 0.47406  0.02050  120 DC A OP2   
393 O "O5'" . DC A 20 ? 3.81383  5.25988  5.05770  -0.14524 0.48380  -0.01648 120 DC A "O5'" 
394 C "C5'" . DC A 20 ? 3.99735  5.45651  5.20541  -0.18030 0.48513  -0.00933 120 DC A "C5'" 
395 C "C4'" . DC A 20 ? 3.88552  5.25017  5.03028  -0.21855 0.51181  0.04735  120 DC A "C4'" 
396 O "O4'" . DC A 20 ? 3.83852  5.16583  4.97325  -0.21453 0.52753  0.06877  120 DC A "O4'" 
397 C "C3'" . DC A 20 ? 4.23662  5.61636  5.39639  -0.24869 0.53242  0.07051  120 DC A "C3'" 
398 O "O3'" . DC A 20 ? 4.03861  5.32737  5.16293  -0.27446 0.55000  0.11350  120 DC A "O3'" 
399 C "C2'" . DC A 20 ? 4.49749  5.88030  5.67265  -0.25107 0.55463  0.08113  120 DC A "C2'" 
400 C "C1'" . DC A 20 ? 4.12311  5.43212  5.25775  -0.23724 0.55353  0.10353  120 DC A "C1'" 
401 N N1    . DC A 20 ? 4.24761  5.56132  5.38966  -0.22316 0.56172  0.11292  120 DC A N1    
402 C C2    . DC A 20 ? 4.30307  5.55641  5.42104  -0.23040 0.57853  0.16474  120 DC A C2    
403 O O2    . DC A 20 ? 4.23832  5.43170  5.33842  -0.24644 0.58770  0.19476  120 DC A O2    
404 N N3    . DC A 20 ? 4.43243  5.69770  5.55416  -0.21614 0.58411  0.17904  120 DC A N3    
405 C C4    . DC A 20 ? 4.50036  5.82579  5.64887  -0.19639 0.57513  0.14320  120 DC A C4    
406 N N4    . DC A 20 ? 4.63151  5.96886  5.78099  -0.18267 0.58095  0.16235  120 DC A N4    
407 C C5    . DC A 20 ? 4.43623  5.81161  5.61913  -0.18504 0.55902  0.08618  120 DC A C5    
408 C C6    . DC A 20 ? 4.30867  5.67743  5.48440  -0.19755 0.55069  0.07311  120 DC A C6    
409 P P     . DA A 21 ? 8.52802  9.82476  9.67336  -0.29875 0.55864  0.12446  121 DA A P     
410 O OP1   . DA A 21 ? 8.54685  9.71973  9.63929  -0.30887 0.56234  0.15191  121 DA A OP1   
411 O OP2   . DA A 21 ? 8.50914  9.92385  9.69981  -0.28105 0.53127  0.09410  121 DA A OP2   
412 O "O5'" . DA A 21 ? 8.57571  9.85303  9.74290  -0.31267 0.58656  0.14750  121 DA A "O5'" 
413 C "C5'" . DA A 21 ? 8.60565  9.77974  9.73683  -0.30715 0.60152  0.18475  121 DA A "C5'" 
414 C "C4'" . DA A 21 ? 8.65899  9.78117  9.80698  -0.32135 0.62829  0.21408  121 DA A "C4'" 
415 O "O4'" . DA A 21 ? 8.68228  9.77341  9.82578  -0.30863 0.64162  0.24390  121 DA A "O4'" 
416 C "C3'" . DA A 21 ? 8.67460  9.88568  9.88611  -0.33994 0.64089  0.19558  121 DA A "C3'" 
417 O "O3'" . DA A 21 ? 8.72182  9.85976  9.94425  -0.35488 0.66324  0.21601  121 DA A "O3'" 
418 C "C2'" . DA A 21 ? 8.68389  9.95936  9.92421  -0.33439 0.65287  0.19521  121 DA A "C2'" 
419 C "C1'" . DA A 21 ? 8.69311  9.87708  9.88697  -0.31493 0.65515  0.23078  121 DA A "C1'" 
420 N N9    . DA A 21 ? 8.66408  9.90172  9.85321  -0.29766 0.64404  0.21615  121 DA A N9    
421 C C8    . DA A 21 ? 8.61767  9.93276  9.81452  -0.29028 0.62342  0.17109  121 DA A C8    
422 N N7    . DA A 21 ? 8.60376  9.94558  9.80141  -0.27225 0.62027  0.16235  121 DA A N7    
423 C C5    . DA A 21 ? 8.64155  9.92623  9.82526  -0.26805 0.63722  0.21090  121 DA A C5    
424 C C6    . DA A 21 ? 8.64882  9.93538  9.82626  -0.24982 0.64103  0.23164  121 DA A C6    
425 N N6    . DA A 21 ? 8.61909  9.95821  9.80471  -0.23316 0.62976  0.20236  121 DA A N6    
426 N N1    . DA A 21 ? 8.68891  9.92409  9.85697  -0.24596 0.65654  0.28345  121 DA A N1    
427 C C2    . DA A 21 ? 8.72093  9.89868  9.89144  -0.25821 0.66983  0.30821  121 DA A C2    
428 N N3    . DA A 21 ? 8.72039  9.88239  9.89759  -0.27666 0.66996  0.29040  121 DA A N3    
429 C C4    . DA A 21 ? 8.67861  9.89998  9.85946  -0.28178 0.65199  0.24323  121 DA A C4    
430 P P     . DC B 1  ? 4.51607  3.77737  4.29428  0.47682  0.44192  0.79846  119 DC B P     
431 O OP1   . DC B 1  ? 4.39990  3.79853  4.32810  0.50098  0.38883  0.82712  119 DC B OP1   
432 O OP2   . DC B 1  ? 4.52685  3.77013  4.28975  0.48137  0.50071  0.79096  119 DC B OP2   
433 O "O5'" . DC B 1  ? 4.61695  3.77657  4.37819  0.44873  0.51997  0.81585  119 DC B "O5'" 
434 C "C5'" . DC B 1  ? 4.58189  3.79570  4.48012  0.45229  0.54556  0.85749  119 DC B "C5'" 
435 C "C4'" . DC B 1  ? 4.68214  3.79333  4.56834  0.42719  0.65002  0.87443  119 DC B "C4'" 
436 O "O4'" . DC B 1  ? 4.76202  3.78518  4.55043  0.40285  0.62956  0.86142  119 DC B "O4'" 
437 C "C3'" . DC B 1  ? 4.76169  3.77790  4.56148  0.41416  0.72837  0.85777  119 DC B "C3'" 
438 O "O3'" . DC B 1  ? 4.79965  3.78518  4.67465  0.40526  0.83542  0.89017  119 DC B "O3'" 
439 C "C2'" . DC B 1  ? 4.86852  3.75672  4.48387  0.38750  0.70702  0.81867  119 DC B "C2'" 
440 C "C1'" . DC B 1  ? 4.86756  3.76309  4.48948  0.38028  0.65088  0.82555  119 DC B "C1'" 
441 N N1    . DC B 1  ? 4.87057  3.75103  4.37141  0.37814  0.54780  0.78690  119 DC B N1    
442 C C2    . DC B 1  ? 4.97212  3.72911  4.29986  0.35553  0.55119  0.74874  119 DC B C2    
443 O O2    . DC B 1  ? 5.05709  3.72019  4.33530  0.33771  0.63855  0.74767  119 DC B O2    
444 N N3    . DC B 1  ? 4.97520  3.71829  4.19430  0.35358  0.45922  0.71411  119 DC B N3    
445 C C4    . DC B 1  ? 4.88137  3.72852  4.15903  0.37329  0.36636  0.71641  119 DC B C4    
446 N N4    . DC B 1  ? 4.88952  3.71710  4.05444  0.37023  0.27803  0.68128  119 DC B N4    
447 C C5    . DC B 1  ? 4.77642  3.75094  4.23025  0.39655  0.36068  0.75494  119 DC B C5    
448 C C6    . DC B 1  ? 4.77475  3.76151  4.33495  0.39816  0.45246  0.78921  119 DC B C6    
449 P P     . DC B 2  ? 5.41045  4.36629  5.28992  0.40647  0.92527  0.89184  120 DC B P     
450 O OP1   . DC B 2  ? 5.40015  4.33104  5.36849  0.39679  1.02703  0.92903  120 DC B OP1   
451 O OP2   . DC B 2  ? 5.24615  4.31015  5.18534  0.43566  0.88121  0.88812  120 DC B OP2   
452 O "O5'" . DC B 2  ? 5.72528  4.54068  5.41026  0.38162  0.93769  0.84849  120 DC B "O5'" 
453 C "C5'" . DC B 2  ? 5.94214  4.63178  5.55962  0.35263  1.02223  0.84991  120 DC B "C5'" 
454 C "C4'" . DC B 2  ? 6.21992  4.78963  5.65263  0.33273  1.02199  0.80573  120 DC B "C4'" 
455 O "O4'" . DC B 2  ? 6.28351  4.84284  5.61590  0.32933  0.92158  0.77497  120 DC B "O4'" 
456 C "C3'" . DC B 2  ? 6.26580  4.84370  5.66445  0.34434  1.03453  0.78612  120 DC B "C3'" 
457 O "O3'" . DC B 2  ? 6.56331  5.01251  5.84946  0.32045  1.11114  0.76902  120 DC B "O3'" 
458 C "C2'" . DC B 2  ? 6.25870  4.87042  5.57557  0.35499  0.92244  0.75047  120 DC B "C2'" 
459 C "C1'" . DC B 2  ? 6.42605  4.96466  5.64862  0.33316  0.88264  0.73636  120 DC B "C1'" 
460 N N1    . DC B 2  ? 6.35956  4.95781  5.55000  0.34528  0.76356  0.71535  120 DC B N1    
461 C C2    . DC B 2  ? 6.51744  5.03095  5.55554  0.32636  0.70998  0.68027  120 DC B C2    
462 O O2    . DC B 2  ? 6.71020  5.09761  5.63785  0.29919  0.76165  0.66622  120 DC B O2    
463 N N3    . DC B 2  ? 6.45070  5.02438  5.46695  0.33867  0.60142  0.66244  120 DC B N3    
464 C C4    . DC B 2  ? 6.24531  4.95497  5.38240  0.36785  0.54795  0.67812  120 DC B C4    
465 N N4    . DC B 2  ? 6.18795  4.95268  5.29888  0.37900  0.44167  0.65967  120 DC B N4    
466 C C5    . DC B 2  ? 6.08662  4.88253  5.37726  0.38700  0.60085  0.71342  120 DC B C5    
467 C C6    . DC B 2  ? 6.14743  4.88406  5.45887  0.37499  0.70709  0.73072  120 DC B C6    
468 P P     . DG B 3  ? 5.55995  4.00298  4.87290  0.32664  1.19391  0.77381  121 DG B P     
469 O OP1   . DG B 3  ? 5.55287  3.99318  4.97825  0.32170  1.29065  0.81461  121 DG B OP1   
470 O OP2   . DG B 3  ? 5.40977  3.96498  4.77613  0.35648  1.13456  0.76768  121 DG B OP2   
471 O "O5'" . DG B 3  ? 5.80236  4.10037  4.92877  0.30073  1.22364  0.73391  121 DG B "O5'" 
472 C "C5'" . DG B 3  ? 5.98145  4.15556  5.04130  0.27056  1.29942  0.73609  121 DG B "C5'" 
473 C "C4'" . DG B 3  ? 6.15404  4.21176  5.02707  0.24644  1.26431  0.69407  121 DG B "C4'" 
474 O "O4'" . DG B 3  ? 6.13072  4.23783  4.96897  0.25554  1.15008  0.67496  121 DG B "O4'" 
475 C "C3'" . DG B 3  ? 6.35484  4.33764  5.09836  0.23910  1.28239  0.65828  121 DG B "C3'" 
476 O "O3'" . DG B 3  ? 6.64345  4.49645  5.23083  0.20968  1.28422  0.63042  121 DG B "O3'" 
477 C "C2'" . DG B 3  ? 6.27639  4.35082  5.01453  0.26363  1.18103  0.63709  121 DG B "C2'" 
478 C "C1'" . DG B 3  ? 6.25955  4.36355  4.99839  0.26286  1.09718  0.63705  121 DG B "C1'" 
479 N N9    . DG B 3  ? 6.07778  4.31481  4.89931  0.29175  1.00607  0.64070  121 DG B N9    
480 C C8    . DG B 3  ? 5.82469  4.18386  4.80016  0.31894  1.01080  0.66945  121 DG B C8    
481 N N7    . DG B 3  ? 5.70929  4.17322  4.73385  0.34094  0.91837  0.66739  121 DG B N7    
482 C C5    . DG B 3  ? 5.89611  4.30554  4.79414  0.32767  0.84696  0.63608  121 DG B C5    
483 C C6    . DG B 3  ? 5.88483  4.36121  4.76964  0.34092  0.73512  0.62036  121 DG B C6    
484 O O6    . DG B 3  ? 5.70401  4.30455  4.69101  0.36763  0.67742  0.63197  121 DG B O6    
485 N N1    . DG B 3  ? 6.10482  4.49030  4.84167  0.32008  0.69117  0.58830  121 DG B N1    
486 C C2    . DG B 3  ? 6.31881  4.56467  4.93415  0.28977  0.74848  0.57318  121 DG B C2    
487 N N2    . DG B 3  ? 6.49864  4.67398  4.97920  0.27326  0.69094  0.54190  121 DG B N2    
488 N N3    . DG B 3  ? 6.34233  4.52265  4.96785  0.27668  0.85511  0.58765  121 DG B N3    
489 C C4    . DG B 3  ? 6.12183  4.39106  4.89271  0.29719  0.89873  0.61914  121 DG B C4    
490 P P     . DT B 4  ? 5.87798  3.61647  4.30053  0.19260  1.31233  0.59073  122 DT B P     
491 O OP1   . DT B 4  ? 6.10315  3.70832  4.41439  0.15945  1.34964  0.58030  122 DT B OP1   
492 O OP2   . DT B 4  ? 5.82740  3.58582  4.30681  0.20312  1.38454  0.60165  122 DT B OP2   
493 O "O5'" . DT B 4  ? 5.96128  3.73528  4.29676  0.20496  1.19906  0.55258  122 DT B "O5'" 
494 C "C5'" . DT B 4  ? 6.01053  3.77022  4.27686  0.19725  1.11549  0.53548  122 DT B "C5'" 
495 C "C4'" . DT B 4  ? 6.10923  3.89703  4.28711  0.20904  1.01721  0.49735  122 DT B "C4'" 
496 O "O4'" . DT B 4  ? 5.93070  3.86235  4.22843  0.23922  0.94320  0.51211  122 DT B "O4'" 
497 C "C3'" . DT B 4  ? 6.17939  3.93820  4.28230  0.21253  1.03784  0.47095  122 DT B "C3'" 
498 O "O3'" . DT B 4  ? 6.29686  4.02380  4.26149  0.20944  0.95657  0.42825  122 DT B "O3'" 
499 C "C2'" . DT B 4  ? 5.98196  3.87976  4.23132  0.24548  1.02296  0.49275  122 DT B "C2'" 
500 C "C1'" . DT B 4  ? 5.90247  3.88834  4.20196  0.25924  0.92318  0.49731  122 DT B "C1'" 
501 N N1    . DT B 4  ? 5.66209  3.79549  4.13038  0.29026  0.89811  0.52753  122 DT B N1    
502 C C2    . DT B 4  ? 5.60136  3.82482  4.11225  0.30633  0.80038  0.52781  122 DT B C2    
503 O O2    . DT B 4  ? 5.74248  3.93061  4.15990  0.29636  0.73309  0.50466  122 DT B O2    
504 N N3    . DT B 4  ? 5.35605  3.71343  4.02340  0.33464  0.78334  0.55614  122 DT B N3    
505 C C4    . DT B 4  ? 5.22181  3.63109  4.00585  0.34827  0.85349  0.58401  122 DT B C4    
506 O O4    . DT B 4  ? 5.11605  3.64789  4.03844  0.37380  0.83087  0.60860  122 DT B O4    
507 C C5    . DT B 4  ? 5.31173  3.62091  4.04312  0.33030  0.95485  0.58203  122 DT B C5    
508 C C7    . DT B 4  ? 5.27758  3.63077  4.12475  0.34274  1.03738  0.61063  122 DT B C7    
509 C C6    . DT B 4  ? 5.49524  3.67268  4.07258  0.30244  0.97204  0.55404  122 DT B C6    
510 P P     . DA B 5  ? 7.41219  4.99219  5.19448  0.17672  0.95648  0.39467  123 DA B P     
511 O OP1   . DA B 5  ? 7.40435  4.97623  5.19569  0.16609  0.92112  0.40521  123 DA B OP1   
512 O OP2   . DA B 5  ? 7.54280  5.01737  5.26445  0.15729  1.05871  0.39091  123 DA B OP2   
513 O "O5'" . DA B 5  ? 7.47723  5.06319  5.14285  0.18456  0.86360  0.35055  123 DA B "O5'" 
514 C "C5'" . DA B 5  ? 7.54136  5.12103  5.13248  0.17998  0.77080  0.32922  123 DA B "C5'" 
515 C "C4'" . DA B 5  ? 7.44758  5.16139  5.11247  0.21010  0.67239  0.32888  123 DA B "C4'" 
516 O "O4'" . DA B 5  ? 7.28182  5.10819  5.11882  0.23434  0.70320  0.36585  123 DA B "O4'" 
517 C "C3'" . DA B 5  ? 7.48512  5.20873  5.05556  0.22070  0.61069  0.28998  123 DA B "C3'" 
518 O "O3'" . DA B 5  ? 7.44429  5.23856  5.01079  0.23440  0.49871  0.27694  123 DA B "O3'" 
519 C "C2'" . DA B 5  ? 7.35990  5.16693  5.03999  0.24413  0.64940  0.30769  123 DA B "C2'" 
520 C "C1'" . DA B 5  ? 7.21240  5.11973  5.06482  0.25888  0.65371  0.35157  123 DA B "C1'" 
521 N N9    . DA B 5  ? 7.05764  5.03844  5.04712  0.27698  0.71541  0.38238  123 DA B N9    
522 C C8    . DA B 5  ? 7.05310  4.98094  5.04827  0.26901  0.81614  0.39144  123 DA B C8    
523 N N7    . DA B 5  ? 6.87505  4.89526  5.01339  0.29015  0.85152  0.42159  123 DA B N7    
524 C C5    . DA B 5  ? 6.75632  4.89775  4.98865  0.31330  0.76824  0.43306  123 DA B C5    
525 C C6    . DA B 5  ? 6.54008  4.81778  4.93627  0.34203  0.75498  0.46345  123 DA B C6    
526 N N6    . DA B 5  ? 6.39549  4.71118  4.89390  0.35280  0.82929  0.48890  123 DA B N6    
527 N N1    . DA B 5  ? 6.46127  4.83511  4.91207  0.35930  0.66171  0.46652  123 DA B N1    
528 C C2    . DA B 5  ? 6.60071  4.93592  4.94889  0.34847  0.58782  0.44098  123 DA B C2    
529 N N3    . DA B 5  ? 6.80454  5.01575  4.99751  0.32207  0.59108  0.41153  123 DA B N3    
530 C C4    . DA B 5  ? 6.87143  4.98979  5.01361  0.30542  0.68418  0.40919  123 DA B C4    
531 P P     . DC B 6  ? 5.69715  3.47074  3.12114  0.23650  0.41466  0.22880  124 DC B P     
532 O OP1   . DC B 6  ? 5.59368  3.48059  3.07415  0.25915  0.30802  0.22814  124 DC B OP1   
533 O OP2   . DC B 6  ? 5.82233  3.45178  3.08118  0.20497  0.43158  0.20031  124 DC B OP2   
534 O "O5'" . DC B 6  ? 5.67375  3.46593  3.10139  0.24978  0.45309  0.22039  124 DC B "O5'" 
535 C "C5'" . DC B 6  ? 5.57196  3.46938  3.03663  0.27783  0.38303  0.20993  124 DC B "C5'" 
536 C "C4'" . DC B 6  ? 5.45574  3.49228  3.10941  0.30499  0.37869  0.24946  124 DC B "C4'" 
537 O "O4'" . DC B 6  ? 5.46998  3.50011  3.21474  0.30342  0.48490  0.28119  124 DC B "O4'" 
538 C "C3'" . DC B 6  ? 5.34676  3.49682  3.05115  0.33540  0.31702  0.24155  124 DC B "C3'" 
539 O "O3'" . DC B 6  ? 5.27824  3.50167  2.99021  0.34843  0.20719  0.23235  124 DC B "O3'" 
540 C "C2'" . DC B 6  ? 5.27311  3.51567  3.15312  0.35462  0.37631  0.28378  124 DC B "C2'" 
541 C "C1'" . DC B 6  ? 5.35349  3.51877  3.25912  0.33241  0.47324  0.31028  124 DC B "C1'" 
542 N N1    . DC B 6  ? 5.35630  3.52407  3.34261  0.33590  0.57576  0.33481  124 DC B N1    
543 C C2    . DC B 6  ? 5.25527  3.54399  3.41328  0.36059  0.58743  0.37100  124 DC B C2    
544 O O2    . DC B 6  ? 5.16567  3.55654  3.40393  0.37917  0.51347  0.38141  124 DC B O2    
545 N N3    . DC B 6  ? 5.25571  3.54896  3.48775  0.36426  0.67784  0.39308  124 DC B N3    
546 C C4    . DC B 6  ? 5.35278  3.53514  3.49559  0.34409  0.75639  0.38096  124 DC B C4    
547 N N4    . DC B 6  ? 5.34784  3.54113  3.57213  0.34891  0.84449  0.40446  124 DC B N4    
548 C C5    . DC B 6  ? 5.45847  3.51466  3.42507  0.31824  0.74761  0.34420  124 DC B C5    
549 C C6    . DC B 6  ? 5.45636  3.50984  3.35028  0.31505  0.65641  0.32225  124 DC B C6    
550 P P     . DA B 7  ? 5.28491  3.48497  2.85033  0.34853  0.11359  0.18408  125 DA B P     
551 O OP1   . DA B 7  ? 5.26475  3.48838  2.81666  0.34748  0.02666  0.17918  125 DA B OP1   
552 O OP2   . DA B 7  ? 5.39595  3.46419  2.81020  0.32532  0.16339  0.15444  125 DA B OP2   
553 O "O5'" . DA B 7  ? 5.17154  3.49107  2.80632  0.38065  0.06796  0.18085  125 DA B "O5'" 
554 C "C5'" . DA B 7  ? 5.09130  3.50826  2.88668  0.40171  0.11028  0.21660  125 DA B "C5'" 
555 C "C4'" . DA B 7  ? 5.08055  3.50145  2.85984  0.41154  0.14605  0.20453  125 DA B "C4'" 
556 O "O4'" . DA B 7  ? 5.10484  3.50779  2.96333  0.40759  0.25508  0.23459  125 DA B "O4'" 
557 C "C3'" . DA B 7  ? 5.16928  3.47781  2.76619  0.39387  0.14383  0.15992  125 DA B "C3'" 
558 O "O3'" . DA B 7  ? 5.10484  3.47301  2.66771  0.41299  0.06748  0.13315  125 DA B "O3'" 
559 C "C2'" . DA B 7  ? 5.23532  3.47239  2.82481  0.38231  0.25790  0.16823  125 DA B "C2'" 
560 C "C1'" . DA B 7  ? 5.15430  3.49355  2.92982  0.40178  0.30326  0.21335  125 DA B "C1'" 
561 N N9    . DA B 7  ? 5.21848  3.49513  3.02887  0.38723  0.41856  0.23736  125 DA B N9    
562 C C8    . DA B 7  ? 5.33786  3.48377  3.05419  0.35707  0.48197  0.23127  125 DA B C8    
563 N N7    . DA B 7  ? 5.37017  3.48882  3.15051  0.35056  0.58380  0.25807  125 DA B N7    
564 C C5    . DA B 7  ? 5.26436  3.50459  3.19095  0.37848  0.58677  0.28354  125 DA B C5    
565 C C6    . DA B 7  ? 5.23713  3.51669  3.28981  0.38733  0.67097  0.31822  125 DA B C6    
566 N N6    . DA B 7  ? 5.31869  3.51462  3.36980  0.36791  0.77353  0.33386  125 DA B N6    
567 N N1    . DA B 7  ? 5.12198  3.53117  3.30362  0.41707  0.64546  0.33639  125 DA B N1    
568 C C2    . DA B 7  ? 5.04084  3.53327  3.22380  0.43627  0.54321  0.32066  125 DA B C2    
569 N N3    . DA B 7  ? 5.05545  3.52291  3.12820  0.43073  0.45788  0.28843  125 DA B N3    
570 C C4    . DA B 7  ? 5.17015  3.50867  3.11676  0.40120  0.48531  0.27113  125 DA B C4    
571 P P     . DG C 1  ? 5.01819  8.63554  4.11789  1.63317  -1.74201 0.84593  209 DG C P     
572 O OP1   . DG C 1  ? 5.00591  8.49544  4.05058  1.57606  -1.78214 0.77290  209 DG C OP1   
573 O OP2   . DG C 1  ? 5.09949  8.61916  4.03181  1.59755  -1.75399 0.82250  209 DG C OP2   
574 O "O5'" . DG C 1  ? 5.04299  8.76864  4.17543  1.74234  -1.70786 0.83749  209 DG C "O5'" 
575 C "C5'" . DG C 1  ? 5.15476  8.81729  4.10056  1.77867  -1.70783 0.77527  209 DG C "C5'" 
576 C "C4'" . DG C 1  ? 5.24546  8.73895  3.97923  1.77212  -1.74440 0.62851  209 DG C "C4'" 
577 O "O4'" . DG C 1  ? 5.17669  8.68140  4.00885  1.76371  -1.75694 0.61351  209 DG C "O4'" 
578 C "C3'" . DG C 1  ? 5.33036  8.58655  3.82339  1.67129  -1.78817 0.52691  209 DG C "C3'" 
579 O "O3'" . DG C 1  ? 5.43382  8.62158  3.76130  1.67731  -1.78176 0.49537  209 DG C "O3'" 
580 C "C2'" . DG C 1  ? 5.37241  8.50975  3.75755  1.66847  -1.81147 0.41177  209 DG C "C2'" 
581 C "C1'" . DG C 1  ? 5.25484  8.55337  3.87433  1.71126  -1.79814 0.47984  209 DG C "C1'" 
582 N N9    . DG C 1  ? 5.18883  8.41699  3.85188  1.62684  -1.82502 0.48091  209 DG C N9    
583 C C8    . DG C 1  ? 5.07673  8.41337  3.94298  1.61011  -1.81654 0.57735  209 DG C C8    
584 N N7    . DG C 1  ? 5.04895  8.27149  3.89023  1.53173  -1.84715 0.54881  209 DG C N7    
585 C C5    . DG C 1  ? 5.13961  8.17585  3.76438  1.49184  -1.87288 0.43447  209 DG C C5    
586 C C6    . DG C 1  ? 5.14963  8.00997  3.67186  1.40530  -1.90338 0.36974  209 DG C C6    
587 O O6    . DG C 1  ? 5.08306  7.91299  3.67582  1.34887  -1.91865 0.39778  209 DG C O6    
588 N N1    . DG C 1  ? 5.25000  7.95605  3.57061  1.38557  -1.91188 0.26511  209 DG C N1    
589 C C2    . DG C 1  ? 5.34002  8.04823  3.55475  1.44407  -1.89729 0.21903  209 DG C C2    
590 N N2    . DG C 1  ? 5.43643  7.97064  3.45743  1.41070  -1.90467 0.11343  209 DG C N2    
591 N N3    . DG C 1  ? 5.33654  8.20370  3.63340  1.52864  -1.87284 0.27572  209 DG C N3    
592 C C4    . DG C 1  ? 5.22914  8.26123  3.73904  1.54750  -1.85992 0.38746  209 DG C C4    
593 P P     . DG C 2  ? 5.46029  8.52993  3.69119  1.58184  -1.79958 0.50253  210 DG C P     
594 O OP1   . DG C 2  ? 5.54062  8.62885  3.68063  1.62200  -1.77519 0.51446  210 DG C OP1   
595 O OP2   . DG C 2  ? 5.34364  8.48918  3.75730  1.53596  -1.80522 0.59595  210 DG C OP2   
596 O "O5'" . DG C 2  ? 5.53293  8.35158  3.55790  1.49202  -1.83743 0.37447  210 DG C "O5'" 
597 C "C5'" . DG C 2  ? 5.64245  8.33911  3.48630  1.51342  -1.83739 0.25895  210 DG C "C5'" 
598 C "C4'" . DG C 2  ? 5.65914  8.16019  3.39909  1.42131  -1.86564 0.17147  210 DG C "C4'" 
599 O "O4'" . DG C 2  ? 5.57005  8.13607  3.44321  1.43075  -1.87504 0.18722  210 DG C "O4'" 
600 C "C3'" . DG C 2  ? 5.63774  8.02268  3.34799  1.30861  -1.88633 0.19216  210 DG C "C3'" 
601 O "O3'" . DG C 2  ? 5.74360  7.96052  3.26243  1.26046  -1.88486 0.11954  210 DG C "O3'" 
602 C "C2'" . DG C 2  ? 5.57199  7.88845  3.32782  1.24600  -1.90805 0.17503  210 DG C "C2'" 
603 C "C1'" . DG C 2  ? 5.50936  7.98692  3.41079  1.33137  -1.89911 0.20304  210 DG C "C1'" 
604 N N9    . DG C 2  ? 5.39571  8.02437  3.50046  1.34063  -1.89916 0.31248  210 DG C N9    
605 C C8    . DG C 2  ? 5.35231  8.16630  3.59676  1.40691  -1.87588 0.40602  210 DG C C8    
606 N N7    . DG C 2  ? 5.24953  8.15914  3.67023  1.39437  -1.87680 0.48993  210 DG C N7    
607 C C5    . DG C 2  ? 5.22741  8.00448  3.61342  1.31901  -1.90577 0.44681  210 DG C C5    
608 C C6    . DG C 2  ? 5.13751  7.92350  3.64708  1.27515  -1.92020 0.49415  210 DG C C6    
609 O O6    . DG C 2  ? 5.05967  7.97112  3.73766  1.29310  -1.90976 0.58080  210 DG C O6    
610 N N1    . DG C 2  ? 5.14501  7.76984  3.56614  1.20236  -1.94571 0.43136  210 DG C N1    
611 C C2    . DG C 2  ? 5.22333  7.70376  3.47156  1.17264  -1.95179 0.33856  210 DG C C2    
612 N N2    . DG C 2  ? 5.20934  7.55650  3.40949  1.09761  -1.96971 0.30083  210 DG C N2    
613 N N3    . DG C 2  ? 5.31105  7.77332  3.44088  1.21071  -1.93810 0.28773  210 DG C N3    
614 C C4    . DG C 2  ? 5.31082  7.92295  3.51212  1.28496  -1.91755 0.34384  210 DG C C4    
615 P P     . DC C 3  ? 5.88803  8.09241  3.35804  1.23487  -1.87976 0.16221  211 DC C P     
616 O OP1   . DC C 3  ? 5.96947  8.24376  3.37793  1.32693  -1.85082 0.15116  211 DC C OP1   
617 O OP2   . DC C 3  ? 5.78434  8.07787  3.40945  1.20424  -1.89351 0.26508  211 DC C OP2   
618 O "O5'" . DC C 3  ? 5.97292  7.95163  3.27685  1.12682  -1.89016 0.08787  211 DC C "O5'" 
619 C "C5'" . DC C 3  ? 5.93845  7.83680  3.27483  1.02247  -1.91372 0.12061  211 DC C "C5'" 
620 C "C4'" . DC C 3  ? 5.84780  7.69059  3.21926  0.97897  -1.92619 0.09277  211 DC C "C4'" 
621 O "O4'" . DC C 3  ? 5.75085  7.74225  3.28233  1.03702  -1.93176 0.14680  211 DC C "O4'" 
622 C "C3'" . DC C 3  ? 6.10887  7.83437  3.47930  0.86058  -1.94572 0.11202  211 DC C "C3'" 
623 O "O3'" . DC C 3  ? 6.10915  7.68138  3.34006  0.79558  -1.93435 0.03798  211 DC C "O3'" 
624 C "C2'" . DC C 3  ? 6.17239  7.94430  3.66795  0.85553  -1.96008 0.14028  211 DC C "C2'" 
625 C "C1'" . DC C 3  ? 5.90194  7.84082  3.49080  0.97206  -1.94974 0.15455  211 DC C "C1'" 
626 N N1    . DC C 3  ? 5.90252  7.98401  3.67325  1.00179  -1.96005 0.24498  211 DC C N1    
627 C C2    . DC C 3  ? 6.04864  8.13024  3.91439  0.97215  -1.97449 0.26376  211 DC C C2    
628 O O2    . DC C 3  ? 6.20490  8.17236  4.00791  0.91706  -1.97931 0.21243  211 DC C O2    
629 N N3    . DC C 3  ? 5.98794  8.19653  4.01762  1.00250  -1.97953 0.34212  211 DC C N3    
630 C C4    . DC C 3  ? 5.80480  8.14624  3.91298  1.05960  -1.96736 0.40390  211 DC C C4    
631 N N4    . DC C 3  ? 5.72868  8.19386  4.00742  1.08466  -1.96677 0.48158  211 DC C N4    
632 C C5    . DC C 3  ? 5.67268  8.02702  3.69128  1.09234  -1.95123 0.39129  211 DC C C5    
633 C C6    . DC C 3  ? 5.72161  7.94041  3.56904  1.06317  -1.94982 0.30915  211 DC C C6    
634 P P     . DT C 4  ? 5.72894  7.20381  2.92844  0.70717  -1.94381 0.02439  212 DT C P     
635 O OP1   . DT C 4  ? 5.70839  7.18914  2.93454  0.72678  -1.94353 -0.01944 212 DT C OP1   
636 O OP2   . DT C 4  ? 5.82082  7.20030  2.88286  0.67546  -1.92917 -0.02567 212 DT C OP2   
637 O "O5'" . DT C 4  ? 5.85576  7.40929  3.15090  0.70811  -1.96918 0.09988  212 DT C "O5'" 
638 C "C5'" . DT C 4  ? 6.23521  7.77805  3.50877  0.69340  -1.98186 0.08165  212 DT C "C5'" 
639 C "C4'" . DT C 4  ? 6.37849  7.93890  3.68833  0.71060  -1.98604 0.04686  212 DT C "C4'" 
640 O "O4'" . DT C 4  ? 6.16258  7.78905  3.57332  0.74064  -1.98570 0.07728  212 DT C "O4'" 
641 C "C3'" . DT C 4  ? 6.58228  8.18271  3.93830  0.70836  -2.00531 0.06525  212 DT C "C3'" 
642 O "O3'" . DT C 4  ? 6.71941  8.26121  4.00506  0.70197  -2.00244 -0.00446 212 DT C "O3'" 
643 C "C2'" . DT C 4  ? 6.44299  8.14179  3.93669  0.73767  -2.01511 0.11604  212 DT C "C2'" 
644 C "C1'" . DT C 4  ? 6.22826  7.94116  3.75477  0.75721  -2.00275 0.12492  212 DT C "C1'" 
645 N N1    . DT C 4  ? 6.00904  7.80432  3.64963  0.77434  -2.00930 0.20960  212 DT C N1    
646 C C2    . DT C 4  ? 5.87300  7.76175  3.64875  0.80127  -2.01846 0.25702  212 DT C C2    
647 O O2    . DT C 4  ? 5.89943  7.80662  3.70086  0.80931  -2.02213 0.23410  212 DT C O2    
648 N N3    . DT C 4  ? 5.66528  7.62634  3.54963  0.82048  -2.02154 0.33302  212 DT C N3    
649 C C4    . DT C 4  ? 5.57373  7.52201  3.44411  0.81658  -2.01742 0.36690  212 DT C C4    
650 O O4    . DT C 4  ? 5.38840  7.43606  3.37010  0.85650  -2.01584 0.43126  212 DT C O4    
651 C C5    . DT C 4  ? 5.69908  7.54485  3.41596  0.78494  -2.00850 0.31401  212 DT C C5    
652 C C7    . DT C 4  ? 5.59439  7.46023  3.27138  0.80883  -1.99769 0.33226  212 DT C C7    
653 C C6    . DT C 4  ? 5.90762  7.68375  3.51969  0.76523  -2.00432 0.23829  212 DT C C6    
654 P P     . DG C 5  ? 5.77423  7.28327  3.00514  0.67792  -2.01318 -0.01732 213 DG C P     
655 O OP1   . DG C 5  ? 5.77196  7.28327  3.01654  0.68882  -2.01935 -0.05172 213 DG C OP1   
656 O OP2   . DG C 5  ? 5.84964  7.27350  2.96580  0.65394  -2.00048 -0.05499 213 DG C OP2   
657 O "O5'" . DG C 5  ? 5.73177  7.31585  3.04313  0.67332  -2.03113 0.06511  213 DG C "O5'" 
658 C "C5'" . DG C 5  ? 5.71589  7.34151  3.07394  0.67233  -2.04846 0.08616  213 DG C "C5'" 
659 C "C4'" . DG C 5  ? 5.64657  7.34651  3.10964  0.70014  -2.05335 0.10614  213 DG C "C4'" 
660 O "O4'" . DG C 5  ? 5.59193  7.33784  3.12447  0.72039  -2.04667 0.14177  213 DG C "O4'" 
661 C "C3'" . DG C 5  ? 5.60908  7.38090  3.15479  0.70312  -2.07070 0.15763  213 DG C "C3'" 
662 O "O3'" . DG C 5  ? 5.56895  7.38364  3.17615  0.72331  -2.07264 0.14949  213 DG C "O3'" 
663 C "C2'" . DG C 5  ? 5.55986  7.39406  3.18743  0.71348  -2.07286 0.22841  213 DG C "C2'" 
664 C "C1'" . DG C 5  ? 5.53437  7.36588  3.17491  0.73138  -2.05807 0.21671  213 DG C "C1'" 
665 N N9    . DG C 5  ? 5.52251  7.36243  3.17835  0.73338  -2.05305 0.25782  213 DG C N9    
666 C C8    . DG C 5  ? 5.57785  7.34815  3.13778  0.71277  -2.04502 0.23937  213 DG C C8    
667 N N7    . DG C 5  ? 5.55095  7.34814  3.15271  0.72203  -2.04155 0.28780  213 DG C N7    
668 C C5    . DG C 5  ? 5.47067  7.36454  3.21184  0.75248  -2.04743 0.34261  213 DG C C5    
669 C C6    . DG C 5  ? 5.40788  7.37376  3.26047  0.77880  -2.04561 0.41119  213 DG C C6    
670 O O6    . DG C 5  ? 5.41116  7.36702  3.25806  0.78060  -2.03942 0.43899  213 DG C O6    
671 N N1    . DG C 5  ? 5.33522  7.39448  3.32060  0.80697  -2.04977 0.44937  213 DG C N1    
672 C C2    . DG C 5  ? 5.32712  7.40379  3.32687  0.80745  -2.05573 0.42415  213 DG C C2    
673 N N2    . DG C 5  ? 5.25593  7.42700  3.38821  0.83502  -2.05677 0.46756  213 DG C N2    
674 N N3    . DG C 5  ? 5.38511  7.39332  3.28008  0.78386  -2.05869 0.36158  213 DG C N3    
675 C C4    . DG C 5  ? 5.45362  7.37423  3.22662  0.75825  -2.05403 0.32399  213 DG C C4    
692 P P     . DT D 2  ? 7.10583  7.26639  12.39429 -0.01580 -0.02186 0.76098  201 DT D P     
693 O OP1   . DT D 2  ? 7.09258  7.30619  12.31995 -0.01703 0.06458  0.76618  201 DT D OP1   
694 O OP2   . DT D 2  ? 7.10225  7.22073  12.39053 -0.01454 -0.07779 0.73836  201 DT D OP2   
695 O "O5'" . DT D 2  ? 7.07722  7.25991  12.27318 -0.02075 -0.03372 0.76713  201 DT D "O5'" 
696 C "C5'" . DT D 2  ? 7.07783  7.29791  12.25978 -0.02343 0.00812  0.78854  201 DT D "C5'" 
697 C "C4'" . DT D 2  ? 7.07132  7.28183  12.23544 -0.02647 -0.03889 0.79389  201 DT D "C4'" 
698 O "O4'" . DT D 2  ? 7.10401  7.24498  12.37153 -0.02507 -0.12751 0.78548  201 DT D "O4'" 
699 C "C3'" . DT D 2  ? 7.01858  7.26717  12.02498 -0.02864 -0.03216 0.78145  201 DT D "C3'" 
700 O "O3'" . DT D 2  ? 7.01216  7.27465  11.99345 -0.03155 -0.04395 0.79361  201 DT D "O3'" 
701 C "C2'" . DT D 2  ? 7.02074  7.22331  12.04155 -0.02951 -0.10384 0.75692  201 DT D "C2'" 
702 C "C1'" . DT D 2  ? 7.07795  7.20938  12.26053 -0.02951 -0.17144 0.76684  201 DT D "C1'" 
703 N N1    . DT D 2  ? 2.22201  2.30759  7.47438  -0.03310 -0.24358 0.74363  201 DT D N1    
704 C C2    . DT D 2  ? 2.30377  2.36096  7.63679  -0.04215 -0.33077 0.73596  201 DT D C2    
705 O O2    . DT D 2  ? 2.35773  2.41236  7.72591  -0.04558 -0.35314 0.75183  201 DT D O2    
706 N N3    . DT D 2  ? 2.32709  2.35627  7.69596  -0.04736 -0.39452 0.70815  201 DT D N3    
707 C C4    . DT D 2  ? 2.27681  2.30588  7.61432  -0.04440 -0.37891 0.68897  201 DT D C4    
708 O O4    . DT D 2  ? 2.31162  2.31305  7.68634  -0.04925 -0.44264 0.66486  201 DT D O4    
709 C C5    . DT D 2  ? 2.18946  2.25039  7.44370  -0.03541 -0.28561 0.69844  201 DT D C5    
710 C C7    . DT D 2  ? 2.15182  2.21153  7.40369  -0.03199 -0.26510 0.68443  201 DT D C7    
711 C C6    . DT D 2  ? 2.17366  2.25876  7.40093  -0.03014 -0.22444 0.72644  201 DT D C6    
712 P P     . DC D 3  ? 8.53150  8.86007  13.42063 -0.03209 0.03176  0.81126  202 DC D P     
713 O OP1   . DC D 3  ? 8.56682  8.89645  13.53986 -0.03374 0.07479  0.82858  202 DC D OP1   
714 O OP2   . DC D 3  ? 8.48079  8.86296  13.21463 -0.02781 0.07392  0.79595  202 DC D OP2   
715 O "O5'" . DC D 3  ? 8.53514  8.85766  13.43645 -0.03478 -0.00725 0.82372  202 DC D "O5'" 
716 C "C5'" . DC D 3  ? 8.59107  8.82952  13.66610 -0.03310 -0.09573 0.83765  202 DC D "C5'" 
717 C "C4'" . DC D 3  ? 8.58427  8.81222  13.63662 -0.03331 -0.14044 0.83328  202 DC D "C4'" 
718 O "O4'" . DC D 3  ? 8.62791  8.77714  13.79278 -0.03843 -0.22785 0.82190  202 DC D "O4'" 
719 C "C3'" . DC D 3  ? 8.51673  8.82379  13.37932 -0.02773 -0.08864 0.80750  202 DC D "C3'" 
720 O "O3'" . DC D 3  ? 8.49594  8.84709  13.29395 -0.02247 -0.07566 0.81706  202 DC D "O3'" 
721 C "C2'" . DC D 3  ? 8.52209  8.79711  13.40110 -0.02836 -0.14484 0.77937  202 DC D "C2'" 
722 C "C1'" . DC D 3  ? 8.59618  8.77328  13.66531 -0.03897 -0.24131 0.79287  202 DC D "C1'" 
723 N N1    . DC D 3  ? 1.78714  1.89589  6.93956  -0.04644 -0.31082 0.77213  202 DC D N1    
724 C C2    . DC D 3  ? 1.84958  1.91719  7.09191  -0.05937 -0.40990 0.75879  202 DC D C2    
725 O O2    . DC D 3  ? 1.87000  1.93532  7.14505  -0.06457 -0.43931 0.77172  202 DC D O2    
726 N N3    . DC D 3  ? 1.88873  1.92690  7.16839  -0.06601 -0.47404 0.72830  202 DC D N3    
727 C C4    . DC D 3  ? 1.86595  1.90788  7.11140  -0.06033 -0.44140 0.71562  202 DC D C4    
728 N N4    . DC D 3  ? 1.90916  1.92055  7.19394  -0.06681 -0.50879 0.68632  202 DC D N4    
729 C C5    . DC D 3  ? 1.80105  1.87611  6.96729  -0.04813 -0.34209 0.73115  202 DC D C5    
730 C C6    . DC D 3  ? 1.76497  1.88468  6.87170  -0.04184 -0.27987 0.75444  202 DC D C6    
731 P P     . DT D 4  ? 4.48826  4.83255  9.30290  -0.01787 -0.14413 0.80457  203 DT D P     
732 O OP1   . DT D 4  ? 4.07432  4.47911  8.74416  -0.00315 -0.12110 0.76746  203 DT D OP1   
733 O OP2   . DT D 4  ? 4.71256  4.96146  9.71035  -0.03305 -0.23792 0.81501  203 DT D OP2   
734 O "O5'" . DT D 4  ? 4.52686  4.91723  9.29725  -0.00964 -0.12183 0.82364  203 DT D "O5'" 
735 C "C5'" . DT D 4  ? 4.23068  4.67475  8.91436  0.01153  -0.14042 0.80149  203 DT D "C5'" 
736 C "C4'" . DT D 4  ? 4.19684  4.59005  8.99073  0.01139  -0.24721 0.79142  203 DT D "C4'" 
737 O "O4'" . DT D 4  ? 4.32608  4.64204  9.23175  -0.00945 -0.30670 0.78184  203 DT D "O4'" 
738 C "C3'" . DT D 4  ? 3.88395  4.33337  8.56048  0.05220  -0.27941 0.74991  203 DT D "C3'" 
739 O "O3'" . DT D 4  ? 3.95234  4.37495  8.68270  0.06671  -0.36206 0.74680  203 DT D "O3'" 
740 C "C2'" . DT D 4  ? 3.75779  4.18235  8.43395  0.05143  -0.31600 0.71676  203 DT D "C2'" 
741 C "C1'" . DT D 4  ? 4.09846  4.42349  8.96177  0.00899  -0.37045 0.73898  203 DT D "C1'" 
742 N N1    . DT D 4  ? 4.06928  4.35115  8.96915  -0.00573 -0.38942 0.72101  203 DT D N1    
743 C C2    . DT D 4  ? 4.24711  4.45827  9.25171  -0.01898 -0.49178 0.70192  203 DT D C2    
744 O O2    . DT D 4  ? 4.44013  4.62289  9.50158  -0.01878 -0.56999 0.69675  203 DT D O2    
745 N N3    . DT D 4  ? 4.19537  4.36976  9.22712  -0.03123 -0.50298 0.68642  203 DT D N3    
746 C C4    . DT D 4  ? 3.96915  4.17246  8.92915  -0.02784 -0.42393 0.68725  203 DT D C4    
747 O O4    . DT D 4  ? 3.95127  4.11673  8.94208  -0.03666 -0.44289 0.67253  203 DT D O4    
748 C C5    . DT D 4  ? 3.79137  4.07378  8.62923  -0.01291 -0.32146 0.70349  203 DT D C5    
749 C C7    . DT D 4  ? 3.53763  3.86314  8.26916  -0.00836 -0.23725 0.69847  203 DT D C7    
750 C C6    . DT D 4  ? 3.85705  4.17349  8.67206  -0.00382 -0.30923 0.71940  203 DT D C6    
751 P P     . DG D 5  ? 4.60105  5.04798  9.20382  0.12948  -0.42376 0.69791  204 DG D P     
752 O OP1   . DG D 5  ? 4.74305  5.15429  9.38053  0.14744  -0.49278 0.70353  204 DG D OP1   
753 O OP2   . DG D 5  ? 4.31719  4.85184  8.74203  0.16816  -0.34737 0.67755  204 DG D OP2   
754 O "O5'" . DG D 5  ? 4.49741  4.88523  9.14153  0.12492  -0.50234 0.66478  204 DG D "O5'" 
755 C "C5'" . DG D 5  ? 4.78287  5.08860  9.51987  0.11983  -0.61354 0.65487  204 DG D "C5'" 
756 C "C4'" . DG D 5  ? 4.64402  4.91461  9.31158  0.15221  -0.68778 0.60591  204 DG D "C4'" 
757 O "O4'" . DG D 5  ? 4.61365  4.87513  9.34632  0.11299  -0.66852 0.60393  204 DG D "O4'" 
758 C "C3'" . DG D 5  ? 4.23586  4.55178  8.69410  0.22641  -0.67311 0.56771  204 DG D "C3'" 
759 O "O3'" . DG D 5  ? 4.22209  4.46385  8.61952  0.26555  -0.77561 0.52726  204 DG D "O3'" 
760 C "C2'" . DG D 5  ? 3.95217  4.32868  8.37667  0.21029  -0.59144 0.56481  204 DG D "C2'" 
761 C "C1'" . DG D 5  ? 4.21512  4.52512  8.79757  0.15355  -0.63679 0.57109  204 DG D "C1'" 
762 N N9    . DG D 5  ? 4.12647  4.46268  8.74360  0.11423  -0.56080 0.58579  204 DG D N9    
763 C C8    . DG D 5  ? 4.11371  4.49786  8.72485  0.09100  -0.45705 0.61920  204 DG D C8    
764 N N7    . DG D 5  ? 4.06973  4.44998  8.69358  0.06573  -0.41333 0.62242  204 DG D N7    
765 C C5    . DG D 5  ? 4.07178  4.40240  8.73242  0.06654  -0.49291 0.59161  204 DG D C5    
766 C C6    . DG D 5  ? 4.06776  4.36916  8.75804  0.04673  -0.49480 0.58012  204 DG D C6    
767 O O6    . DG D 5  ? 4.05451  4.36688  8.73473  0.02872  -0.42398 0.59417  204 DG D O6    
768 N N1    . DG D 5  ? 4.09932  4.34984  8.81841  0.05518  -0.59519 0.54604  204 DG D N1    
769 C C2    . DG D 5  ? 4.14363  4.36866  8.84356  0.08527  -0.68329 0.52389  204 DG D C2    
770 N N2    . DG D 5  ? 4.19393  4.36180  8.90153  0.09430  -0.77654 0.48947  204 DG D N2    
771 N N3    . DG D 5  ? 4.15412  4.40067  8.81479  0.10955  -0.68203 0.53360  204 DG D N3    
772 C C4    . DG D 5  ? 4.11019  4.41270  8.76376  0.09573  -0.58479 0.56842  204 DG D C4    
773 P P     . DA D 6  ? 4.87232  5.11541  9.04650  0.35340  -0.79202 0.48330  205 DA D P     
774 O OP1   . DA D 6  ? 5.03353  5.22047  9.14939  0.39409  -0.85043 0.47939  205 DA D OP1   
775 O OP2   . DA D 6  ? 4.53238  4.87664  8.60379  0.37287  -0.68916 0.48067  205 DA D OP2   
776 O "O5'" . DA D 6  ? 4.81943  4.99218  8.97502  0.36076  -0.86998 0.44621  205 DA D "O5'" 
777 C "C5'" . DA D 6  ? 4.89472  5.05953  9.19510  0.29752  -0.87392 0.45516  205 DA D "C5'" 
778 C "C4'" . DA D 6  ? 4.58065  4.77547  8.79692  0.31416  -0.84577 0.42815  205 DA D "C4'" 
779 O "O4'" . DA D 6  ? 4.53426  4.79082  8.84901  0.25719  -0.76252 0.45452  205 DA D "O4'" 
780 C "C3'" . DA D 6  ? 4.26082  4.51024  8.27150  0.38645  -0.79681 0.40333  205 DA D "C3'" 
781 O "O3'" . DA D 6  ? 4.11564  4.33695  8.03922  0.41481  -0.82948 0.36634  205 DA D "O3'" 
782 C "C2'" . DA D 6  ? 4.08680  4.44568  8.11656  0.35668  -0.67655 0.43050  205 DA D "C2'" 
783 C "C1'" . DA D 6  ? 4.20239  4.53974  8.37658  0.29135  -0.68236 0.44155  205 DA D "C1'" 
784 N N9    . DA D 6  ? 4.16099  4.56600  8.39049  0.24290  -0.58065 0.47258  205 DA D N9    
785 C C8    . DA D 6  ? 4.18331  4.65575  8.39286  0.23328  -0.49192 0.50193  205 DA D C8    
786 N N7    . DA D 6  ? 4.18016  4.68598  8.42029  0.19069  -0.41358 0.52313  205 DA D N7    
787 C C5    . DA D 6  ? 4.13589  4.59644  8.42819  0.17191  -0.45323 0.50700  205 DA D C5    
788 C C6    . DA D 6  ? 4.14259  4.59870  8.47411  0.13362  -0.41137 0.51479  205 DA D C6    
789 N N6    . DA D 6  ? 4.17122  4.66607  8.47972  0.10926  -0.31691 0.54077  205 DA D N6    
790 N N1    . DA D 6  ? 4.15298  4.55409  8.53657  0.12511  -0.47549 0.49290  205 DA D N1    
791 C C2    . DA D 6  ? 4.15461  4.50807  8.53898  0.15278  -0.57462 0.46410  205 DA D C2    
792 N N3    . DA D 6  ? 4.15556  4.50075  8.48583  0.19394  -0.62235 0.45259  205 DA D N3    
793 C C4    . DA D 6  ? 4.14304  4.54501  8.43407  0.20157  -0.55637 0.47592  205 DA D C4    
794 P P     . DT D 7  ? 5.96682  6.10211  9.72619  0.48835  -0.91221 0.32382  206 DT D P     
795 O OP1   . DT D 7  ? 6.24595  6.30688  10.01511 0.49989  -0.98022 0.32880  206 DT D OP1   
796 O OP2   . DT D 7  ? 5.69088  5.88679  9.27540  0.54836  -0.84914 0.30251  206 DT D OP2   
797 O "O5'" . DT D 7  ? 6.06810  6.13233  9.87318  0.46590  -0.98496 0.30124  206 DT D "O5'" 
798 C "C5'" . DT D 7  ? 6.16401  6.24090  10.15111 0.39066  -0.97940 0.32213  206 DT D "C5'" 
799 C "C4'" . DT D 7  ? 5.98194  6.09446  9.94619  0.38379  -0.94426 0.30722  206 DT D "C4'" 
800 O "O4'" . DT D 7  ? 5.82082  6.02714  9.87091  0.33580  -0.84202 0.33879  206 DT D "O4'" 
801 C "C3'" . DT D 7  ? 5.79490  5.92861  9.55643  0.45535  -0.92024 0.27452  206 DT D "C3'" 
802 O "O3'" . DT D 7  ? 5.84913  5.94096  9.59579  0.45358  -0.96223 0.24845  206 DT D "O3'" 
803 C "C2'" . DT D 7  ? 5.51624  5.77660  9.25231  0.45033  -0.79519 0.29457  206 DT D "C2'" 
804 C "C1'" . DT D 7  ? 5.57311  5.85364  9.49104  0.36948  -0.76828 0.32428  206 DT D "C1'" 
805 N N1    . DT D 7  ? 5.38112  5.76222  9.32387  0.33907  -0.65329 0.35682  206 DT D N1    
806 C C2    . DT D 7  ? 5.35170  5.75918  9.38053  0.28404  -0.60273 0.37384  206 DT D C2    
807 O O2    . DT D 7  ? 5.47062  5.82877  9.56781  0.25894  -0.64756 0.36356  206 DT D O2    
808 N N3    . DT D 7  ? 5.21114  5.69659  9.23116  0.26088  -0.49866 0.40242  206 DT D N3    
809 C C4    . DT D 7  ? 5.11882  5.66345  9.06541  0.28311  -0.44328 0.41522  206 DT D C4    
810 O O4    . DT D 7  ? 5.03480  5.64044  8.96600  0.25812  -0.35346 0.43935  206 DT D O4    
811 C C5    . DT D 7  ? 5.15554  5.67519  9.02956  0.34034  -0.50093 0.39658  206 DT D C5    
812 C C7    . DT D 7  ? 5.08712  5.66318  8.87973  0.37042  -0.45073 0.40708  206 DT D C7    
813 C C6    . DT D 7  ? 5.27808  5.71410  9.14786  0.36682  -0.60141 0.36872  206 DT D C6    
814 P P     . DG D 8  ? 5.24703  5.30985  8.79285  0.52638  -0.97918 0.20720  207 DG D P     
815 O OP1   . DG D 8  ? 5.52407  5.48274  8.97335  0.57309  -1.06412 0.18651  207 DG D OP1   
816 O OP2   . DG D 8  ? 4.96967  5.14427  8.41772  0.55438  -0.87011 0.20929  207 DG D OP2   
817 O "O5'" . DG D 8  ? 5.20692  5.22460  8.80593  0.49648  -1.02759 0.18968  207 DG D "O5'" 
818 C "C5'" . DG D 8  ? 5.29481  5.34411  9.07319  0.42232  -1.00819 0.21298  207 DG D "C5'" 
819 C "C4'" . DG D 8  ? 5.07472  5.23266  8.83716  0.41112  -0.89921 0.22295  207 DG D "C4'" 
820 O "O4'" . DG D 8  ? 4.91022  5.16060  8.69254  0.39817  -0.80427 0.25503  207 DG D "O4'" 
821 C "C3'" . DG D 8  ? 4.89687  5.08170  8.47387  0.47388  -0.86933 0.19256  207 DG D "C3'" 
822 O "O3'" . DG D 8  ? 4.92448  5.10848  8.52469  0.45226  -0.87101 0.18039  207 DG D "O3'" 
823 C "C2'" . DG D 8  ? 4.61165  4.91741  8.12250  0.48879  -0.75135 0.21021  207 DG D "C2'" 
824 C "C1'" . DG D 8  ? 4.65008  4.99334  8.32898  0.41771  -0.71101 0.25074  207 DG D "C1'" 
825 N N9    . DG D 8  ? 4.45907  4.89249  8.09979  0.42246  -0.61961 0.27365  207 DG D N9    
826 C C8    . DG D 8  ? 4.40036  4.84885  7.93177  0.47614  -0.61154 0.26761  207 DG D C8    
827 N N7    . DG D 8  ? 4.23581  4.77200  7.75140  0.46634  -0.52315 0.28996  207 DG D N7    
828 C C5    . DG D 8  ? 4.18107  4.75795  7.78809  0.40315  -0.46639 0.31249  207 DG D C5    
829 C C6    . DG D 8  ? 4.03676  4.69401  7.64960  0.36649  -0.36650 0.34073  207 DG D C6    
830 O O6    . DG D 8  ? 3.95961  4.67616  7.50513  0.38063  -0.30923 0.35093  207 DG D O6    
831 N N1    . DG D 8  ? 4.06686  4.72222  7.76180  0.30979  -0.33724 0.35611  207 DG D N1    
832 C C2    . DG D 8  ? 4.21661  4.80768  7.99398  0.28920  -0.39681 0.34580  207 DG D C2    
833 N N2    . DG D 8  ? 4.25078  4.84405  8.09160  0.23846  -0.35485 0.36282  207 DG D N2    
834 N N3    . DG D 8  ? 4.34758  4.86869  8.12881  0.31953  -0.49327 0.31847  207 DG D N3    
835 C C4    . DG D 8  ? 4.31987  4.83527  8.00697  0.37669  -0.52277 0.30316  207 DG D C4    
836 P P     . DT D 9  ? 3.79348  3.95155  7.22667  0.51099  -0.88911 0.14129  208 DT D P     
837 O OP1   . DT D 9  ? 4.11493  4.14104  7.55464  0.51472  -1.01259 0.11625  208 DT D OP1   
838 O OP2   . DT D 9  ? 3.60957  3.82001  6.87744  0.57587  -0.82974 0.13307  208 DT D OP2   
839 O "O5'" . DT D 9  ? 3.63382  3.86262  7.10683  0.47569  -0.82404 0.14569  208 DT D "O5'" 
840 C "C5'" . DT D 9  ? 3.31883  3.67201  6.74651  0.47397  -0.70286 0.16168  208 DT D "C5'" 
841 C "C4'" . DT D 9  ? 3.26470  3.66599  6.84442  0.39918  -0.64755 0.19771  208 DT D "C4'" 
842 O "O4'" . DT D 9  ? 3.17654  3.59530  6.81116  0.38463  -0.62690 0.22520  208 DT D "O4'" 
843 C "C3'" . DT D 9  ? 3.04901  3.55600  6.57485  0.38435  -0.53405 0.20755  208 DT D "C3'" 
844 O "O3'" . DT D 9  ? 3.18237  3.67096  6.73127  0.36473  -0.54664 0.19544  208 DT D "O3'" 
845 C "C2'" . DT D 9  ? 2.93338  3.47139  6.56946  0.32674  -0.47873 0.24744  208 DT D "C2'" 
846 C "C1'" . DT D 9  ? 3.03596  3.54102  6.69836  0.34458  -0.52257 0.25515  208 DT D "C1'" 
847 N N1    . DT D 9  ? 2.83724  3.42153  6.37489  0.38319  -0.45321 0.25817  208 DT D N1    
848 C C2    . DT D 9  ? 2.68917  3.35730  6.20610  0.35447  -0.35163 0.28231  208 DT D C2    
849 O O2    . DT D 9  ? 2.71658  3.39204  6.30336  0.30143  -0.31188 0.30295  208 DT D O2    
850 N N3    . DT D 9  ? 2.53366  3.26689  5.93159  0.39270  -0.30115 0.27976  208 DT D N3    
851 C C4    . DT D 9  ? 2.52327  3.24483  5.82587  0.45846  -0.33745 0.25723  208 DT D C4    
852 O O4    . DT D 9  ? 2.40096  3.18268  5.60174  0.48949  -0.28690 0.25559  208 DT D O4    
853 C C5    . DT D 9  ? 2.69352  3.31683  6.01263  0.48874  -0.44170 0.23403  208 DT D C5    
854 C C7    . DT D 9  ? 2.73667  3.31833  5.93509  0.56358  -0.48960 0.20818  208 DT D C7    
855 C C6    . DT D 9  ? 2.83540  3.39705  6.26740  0.44868  -0.49502 0.23491  208 DT D C6    
# 
loop_
_pdbx_poly_seq_scheme.asym_id 
_pdbx_poly_seq_scheme.entity_id 
_pdbx_poly_seq_scheme.seq_id 
_pdbx_poly_seq_scheme.mon_id 
_pdbx_poly_seq_scheme.ndb_seq_num 
_pdbx_poly_seq_scheme.pdb_seq_num 
_pdbx_poly_seq_scheme.auth_seq_num 
_pdbx_poly_seq_scheme.pdb_mon_id 
_pdbx_poly_seq_scheme.auth_mon_id 
_pdbx_poly_seq_scheme.pdb_strand_id 
_pdbx_poly_seq_scheme.pdb_ins_code 
_pdbx_poly_seq_scheme.hetero 
A 1 1  DG 1  101 101 DG DG A . n 
A 1 2  DG 2  102 102 DG DG A . n 
A 1 3  DA 3  103 103 DA DA A . n 
A 1 4  DC 4  104 104 DC DC A . n 
A 1 5  DA 5  105 105 DA DA A . n 
A 1 6  DG 6  106 106 DG DG A . n 
A 1 7  DC 7  107 107 DC DC A . n 
A 1 8  DC 8  108 108 DC DC A . n 
A 1 9  DT 9  109 109 DT DT A . n 
A 1 10 DG 10 110 110 DG DG A . n 
A 1 11 DT 11 111 111 DT DT A . n 
A 1 12 DA 12 112 112 DA DA A . n 
A 1 13 DC 13 113 113 DC DC A . n 
A 1 14 DG 14 114 114 DG DG A . n 
A 1 15 DG 15 115 115 DG DG A . n 
A 1 16 DA 16 116 116 DA DA A . n 
A 1 17 DC 17 117 117 DC DC A . n 
A 1 18 DA 18 118 118 DA DA A . n 
A 1 19 DT 19 119 119 DT DT A . n 
A 1 20 DC 20 120 120 DC DC A . n 
A 1 21 DA 21 121 121 DA DA A . n 
B 2 1  DC 1  119 119 DC DC B . n 
B 2 2  DC 2  120 120 DC DC B . n 
B 2 3  DG 3  121 121 DG DG B . n 
B 2 4  DT 4  122 122 DT DT B . n 
B 2 5  DA 5  123 123 DA DA B . n 
B 2 6  DC 6  124 124 DC DC B . n 
B 2 7  DA 7  125 125 DA DA B . n 
C 3 1  DG 1  209 209 DG DG C . n 
C 3 2  DG 2  210 210 DG DG C . n 
C 3 3  DC 3  211 211 DC DC C . n 
C 3 4  DT 4  212 212 DT DT C . n 
C 3 5  DG 5  213 213 DG DG C . n 
D 4 1  DC 1  200 200 DC DC D . n 
D 4 2  DT 2  201 201 DT DT D . n 
D 4 3  DC 3  202 202 DC DC D . n 
D 4 4  DT 4  203 203 DT DT D . n 
D 4 5  DG 5  204 204 DG DG D . n 
D 4 6  DA 6  205 205 DA DA D . n 
D 4 7  DT 7  206 206 DT DT D . n 
D 4 8  DG 8  207 207 DG DG D . n 
D 4 9  DT 9  208 208 DT DT D . n 
# 
_pdbx_contact_author.id                 2 
_pdbx_contact_author.email              ruojie.sha@nyu.edu 
_pdbx_contact_author.name_first         Ruojie 
_pdbx_contact_author.name_last          Sha 
_pdbx_contact_author.name_mi            ? 
_pdbx_contact_author.role               'principal investigator/group leader' 
_pdbx_contact_author.identifier_ORCID   0000-0002-0807-734X 
# 
_pdbx_struct_assembly.id                   1 
_pdbx_struct_assembly.details              author_defined_assembly 
_pdbx_struct_assembly.method_details       ? 
_pdbx_struct_assembly.oligomeric_details   dodecameric 
_pdbx_struct_assembly.oligomeric_count     12 
# 
_pdbx_struct_assembly_gen.assembly_id       1 
_pdbx_struct_assembly_gen.oper_expression   1,2,3 
_pdbx_struct_assembly_gen.asym_id_list      A,B,C,D 
# 
loop_
_pdbx_struct_oper_list.id 
_pdbx_struct_oper_list.type 
_pdbx_struct_oper_list.name 
_pdbx_struct_oper_list.symmetry_operation 
_pdbx_struct_oper_list.matrix[1][1] 
_pdbx_struct_oper_list.matrix[1][2] 
_pdbx_struct_oper_list.matrix[1][3] 
_pdbx_struct_oper_list.vector[1] 
_pdbx_struct_oper_list.matrix[2][1] 
_pdbx_struct_oper_list.matrix[2][2] 
_pdbx_struct_oper_list.matrix[2][3] 
_pdbx_struct_oper_list.vector[2] 
_pdbx_struct_oper_list.matrix[3][1] 
_pdbx_struct_oper_list.matrix[3][2] 
_pdbx_struct_oper_list.matrix[3][3] 
_pdbx_struct_oper_list.vector[3] 
1 'identity operation'         1_555 x,y,z       1.0000000000  0.0000000000  0.0000000000  0.0000000000  0.0000000000  1.0000000000 0.0000000000  0.0000000000   0.0000000000  0.0000000000  1.0000000000 0.0000000000   
2 'crystal symmetry operation' 2_545 -y,x-y-1,z  -0.4705072074 -0.6705229572 -0.5736043338 1.8197107375  0.3327238807  0.4672550986 -0.8191260538 -15.5694465445 0.8172623734  -0.5762565720 0.0032521088 -22.0254639432 
3 'crystal symmetry operation' 3_655 -x+y+1,-x,z -0.4705072074 0.3327238807  0.8172623734  24.0370966288 -0.6705229572 0.4672550986 -0.5762565720 -4.1972572438  -0.5736043338 -0.8191260538 0.0032521088 -11.6379161393 
# 
loop_
_pdbx_audit_revision_history.ordinal 
_pdbx_audit_revision_history.data_content_type 
_pdbx_audit_revision_history.major_revision 
_pdbx_audit_revision_history.minor_revision 
_pdbx_audit_revision_history.revision_date 
1 'Structure model' 1 0 2023-01-11 
2 'Structure model' 1 1 2023-01-18 
3 'Structure model' 1 2 2023-02-08 
4 'Structure model' 1 3 2023-08-16 
5 'Structure model' 1 4 2023-10-25 
# 
_pdbx_audit_revision_details.ordinal             1 
_pdbx_audit_revision_details.revision_ordinal    1 
_pdbx_audit_revision_details.data_content_type   'Structure model' 
_pdbx_audit_revision_details.provider            repository 
_pdbx_audit_revision_details.type                'Initial release' 
_pdbx_audit_revision_details.description         ? 
_pdbx_audit_revision_details.details             ? 
# 
loop_
_pdbx_audit_revision_group.ordinal 
_pdbx_audit_revision_group.revision_ordinal 
_pdbx_audit_revision_group.data_content_type 
_pdbx_audit_revision_group.group 
1 2 'Structure model' 'Database references'    
2 3 'Structure model' 'Database references'    
3 4 'Structure model' 'Data collection'        
4 4 'Structure model' Other                    
5 5 'Structure model' 'Refinement description' 
# 
loop_
_pdbx_audit_revision_category.ordinal 
_pdbx_audit_revision_category.revision_ordinal 
_pdbx_audit_revision_category.data_content_type 
_pdbx_audit_revision_category.category 
1 2 'Structure model' citation                      
2 2 'Structure model' citation_author               
3 3 'Structure model' citation                      
4 4 'Structure model' chem_comp_atom                
5 4 'Structure model' chem_comp_bond                
6 4 'Structure model' pdbx_database_status          
7 5 'Structure model' pdbx_initial_refinement_model 
# 
loop_
_pdbx_audit_revision_item.ordinal 
_pdbx_audit_revision_item.revision_ordinal 
_pdbx_audit_revision_item.data_content_type 
_pdbx_audit_revision_item.item 
1 2 'Structure model' '_citation.page_first'                        
2 2 'Structure model' '_citation.page_last'                         
3 2 'Structure model' '_citation_author.identifier_ORCID'           
4 3 'Structure model' '_citation.journal_volume'                    
5 3 'Structure model' '_citation.year'                              
6 4 'Structure model' '_pdbx_database_status.pdb_format_compatible' 
# 
loop_
_space_group_symop.id 
_space_group_symop.operation_xyz 
1 x,y,z        
2 x-y,x,z+1/2  
3 y,-x+y,z+1/2 
4 -y,x-y,z     
5 -x+y,-x,z    
6 -x,-y,z+1/2  
# 
loop_
_pdbx_refine_tls.pdbx_refine_id 
_pdbx_refine_tls.id 
_pdbx_refine_tls.details 
_pdbx_refine_tls.method 
_pdbx_refine_tls.origin_x 
_pdbx_refine_tls.origin_y 
_pdbx_refine_tls.origin_z 
_pdbx_refine_tls.T[1][1] 
_pdbx_refine_tls.T[2][2] 
_pdbx_refine_tls.T[3][3] 
_pdbx_refine_tls.T[1][2] 
_pdbx_refine_tls.T[1][3] 
_pdbx_refine_tls.T[2][3] 
_pdbx_refine_tls.L[1][1] 
_pdbx_refine_tls.L[2][2] 
_pdbx_refine_tls.L[3][3] 
_pdbx_refine_tls.L[1][2] 
_pdbx_refine_tls.L[1][3] 
_pdbx_refine_tls.L[2][3] 
_pdbx_refine_tls.S[1][1] 
_pdbx_refine_tls.S[2][2] 
_pdbx_refine_tls.S[3][3] 
_pdbx_refine_tls.S[1][2] 
_pdbx_refine_tls.S[1][3] 
_pdbx_refine_tls.S[2][3] 
_pdbx_refine_tls.S[2][1] 
_pdbx_refine_tls.S[3][1] 
_pdbx_refine_tls.S[3][2] 
'X-RAY DIFFRACTION' 1 ? refined 2.8298   3.1507   0.1189  0.988457992462 1.29027203405 1.94891705234 -0.348102410704 0.737838262190  0.546221764223 5.43484034222  3.88476409602   3.74140924723  -0.880561954266 -1.470917995364 1.410662207381  -0.75244219654 -2.26138358759 -0.17422125398  -1.818698958113 0.87212074265   0.94291123785   -1.1618440700   -2.333557848908 0.797426779529 
'X-RAY DIFFRACTION' 2 ? refined 1.4774   -0.3960  -0.7554 5.29605809260  3.60430900537 3.84363219900 0.324056712289  0.721287002690  0.525083265720 0.051533748952 -0.003714213166 0.027397694985 0.082601980330  -0.004814982288 0.006158709771  1.423201142265 1.20309184460  -0.985517739285 0.14243087113   0.810070050280  1.641392948063  2.40235873647   0.277302668065  -1.07262369038 
'X-RAY DIFFRACTION' 3 ? refined 13.6304  16.6452  -2.3640 5.30490875570  8.71312659174 2.24123646330 1.703901246811  -2.712816606833 0.29051305030  0.741081041795 0.663447231356  0.079986871079 0.062128339517  -0.111728033361 -0.171817834118 -1.76978412242 -1.6153424439  2.296730242297  -1.13129653062  -4.37645007360  -1.869880696198 -2.8519670006   -0.631096699205 1.31773382809  
'X-RAY DIFFRACTION' 4 ? refined -14.6288 -17.2488 0.9215  0.76728648605  1.94110817792 7.22405800428 0.4318805386    -0.73098496707  0.71542964435  0.077307727458 3.38214424575   0.58161976323  0.852495005630  0.209659329261  1.1603253006    1.90973930894  3.71457348301  0.96675564071   -1.15986267300  -1.140160854817 1.63501924017   -3.028612844404 2.88261482263   -2.42402348483 
# 
loop_
_pdbx_refine_tls_group.pdbx_refine_id 
_pdbx_refine_tls_group.id 
_pdbx_refine_tls_group.refine_tls_id 
_pdbx_refine_tls_group.beg_auth_asym_id 
_pdbx_refine_tls_group.beg_auth_seq_id 
_pdbx_refine_tls_group.end_auth_asym_id 
_pdbx_refine_tls_group.end_auth_seq_id 
_pdbx_refine_tls_group.selection_details 
_pdbx_refine_tls_group.beg_label_asym_id 
_pdbx_refine_tls_group.beg_label_seq_id 
_pdbx_refine_tls_group.end_label_asym_id 
_pdbx_refine_tls_group.end_label_seq_id 
_pdbx_refine_tls_group.selection 
'X-RAY DIFFRACTION' 1 1 A 101 A 121 '( CHAIN A AND RESID 101:121 )' ? ? ? ? ? 
'X-RAY DIFFRACTION' 2 2 B 119 B 125 '( CHAIN B AND RESID 119:125 )' ? ? ? ? ? 
'X-RAY DIFFRACTION' 3 3 C 209 C 213 '( CHAIN C AND RESID 209:213 )' ? ? ? ? ? 
'X-RAY DIFFRACTION' 4 4 D 201 D 208 '( CHAIN D AND RESID 201:208 )' ? ? ? ? ? 
# 
loop_
_software.citation_id 
_software.classification 
_software.compiler_name 
_software.compiler_version 
_software.contact_author 
_software.contact_author_email 
_software.date 
_software.description 
_software.dependencies 
_software.hardware 
_software.language 
_software.location 
_software.mods 
_software.name 
_software.os 
_software.os_version 
_software.type 
_software.version 
_software.pdbx_ordinal 
? refinement       ? ? ? ? ? ? ? ? ? ? ? PHENIX    ? ? ? 1.19.2_4158 1 
? 'data reduction' ? ? ? ? ? ? ? ? ? ? ? autoPROC  ? ? ? .           2 
? 'data scaling'   ? ? ? ? ? ? ? ? ? ? ? STARANISO ? ? ? .           3 
? phasing          ? ? ? ? ? ? ? ? ? ? ? PHASER    ? ? ? .           4 
# 
loop_
_pdbx_validate_rmsd_angle.id 
_pdbx_validate_rmsd_angle.PDB_model_num 
_pdbx_validate_rmsd_angle.auth_atom_id_1 
_pdbx_validate_rmsd_angle.auth_asym_id_1 
_pdbx_validate_rmsd_angle.auth_comp_id_1 
_pdbx_validate_rmsd_angle.auth_seq_id_1 
_pdbx_validate_rmsd_angle.PDB_ins_code_1 
_pdbx_validate_rmsd_angle.label_alt_id_1 
_pdbx_validate_rmsd_angle.auth_atom_id_2 
_pdbx_validate_rmsd_angle.auth_asym_id_2 
_pdbx_validate_rmsd_angle.auth_comp_id_2 
_pdbx_validate_rmsd_angle.auth_seq_id_2 
_pdbx_validate_rmsd_angle.PDB_ins_code_2 
_pdbx_validate_rmsd_angle.label_alt_id_2 
_pdbx_validate_rmsd_angle.auth_atom_id_3 
_pdbx_validate_rmsd_angle.auth_asym_id_3 
_pdbx_validate_rmsd_angle.auth_comp_id_3 
_pdbx_validate_rmsd_angle.auth_seq_id_3 
_pdbx_validate_rmsd_angle.PDB_ins_code_3 
_pdbx_validate_rmsd_angle.label_alt_id_3 
_pdbx_validate_rmsd_angle.angle_value 
_pdbx_validate_rmsd_angle.angle_target_value 
_pdbx_validate_rmsd_angle.angle_deviation 
_pdbx_validate_rmsd_angle.angle_standard_deviation 
_pdbx_validate_rmsd_angle.linker_flag 
1 1 "O4'" A DA 103 ? ? "C1'" A DA 103 ? ? N9    A DA 103 ? ? 110.19 108.30 1.89  0.30 N 
2 1 "O4'" A DG 115 ? ? "C1'" A DG 115 ? ? N9    A DG 115 ? ? 110.17 108.30 1.87  0.30 N 
3 1 "O4'" B DC 124 ? ? "C1'" B DC 124 ? ? N1    B DC 124 ? ? 110.36 108.30 2.06  0.30 N 
4 1 "O4'" D DT 203 ? ? "C1'" D DT 203 ? ? N1    D DT 203 ? ? 110.69 108.30 2.39  0.30 N 
5 1 "C3'" D DA 205 ? ? "C2'" D DA 205 ? ? "C1'" D DA 205 ? ? 97.31  102.40 -5.09 0.80 N 
6 1 "O4'" D DA 205 ? ? "C1'" D DA 205 ? ? N9    D DA 205 ? ? 110.82 108.30 2.52  0.30 N 
7 1 "O4'" D DG 207 ? ? "C1'" D DG 207 ? ? N9    D DG 207 ? ? 111.13 108.30 2.83  0.30 N 
# 
loop_
_chem_comp_atom.comp_id 
_chem_comp_atom.atom_id 
_chem_comp_atom.type_symbol 
_chem_comp_atom.pdbx_aromatic_flag 
_chem_comp_atom.pdbx_stereo_config 
_chem_comp_atom.pdbx_ordinal 
DA OP3    O N N 1   
DA P      P N N 2   
DA OP1    O N N 3   
DA OP2    O N N 4   
DA "O5'"  O N N 5   
DA "C5'"  C N N 6   
DA "C4'"  C N R 7   
DA "O4'"  O N N 8   
DA "C3'"  C N S 9   
DA "O3'"  O N N 10  
DA "C2'"  C N N 11  
DA "C1'"  C N R 12  
DA N9     N Y N 13  
DA C8     C Y N 14  
DA N7     N Y N 15  
DA C5     C Y N 16  
DA C6     C Y N 17  
DA N6     N N N 18  
DA N1     N Y N 19  
DA C2     C Y N 20  
DA N3     N Y N 21  
DA C4     C Y N 22  
DA HOP3   H N N 23  
DA HOP2   H N N 24  
DA "H5'"  H N N 25  
DA "H5''" H N N 26  
DA "H4'"  H N N 27  
DA "H3'"  H N N 28  
DA "HO3'" H N N 29  
DA "H2'"  H N N 30  
DA "H2''" H N N 31  
DA "H1'"  H N N 32  
DA H8     H N N 33  
DA H61    H N N 34  
DA H62    H N N 35  
DA H2     H N N 36  
DC OP3    O N N 37  
DC P      P N N 38  
DC OP1    O N N 39  
DC OP2    O N N 40  
DC "O5'"  O N N 41  
DC "C5'"  C N N 42  
DC "C4'"  C N R 43  
DC "O4'"  O N N 44  
DC "C3'"  C N S 45  
DC "O3'"  O N N 46  
DC "C2'"  C N N 47  
DC "C1'"  C N R 48  
DC N1     N N N 49  
DC C2     C N N 50  
DC O2     O N N 51  
DC N3     N N N 52  
DC C4     C N N 53  
DC N4     N N N 54  
DC C5     C N N 55  
DC C6     C N N 56  
DC HOP3   H N N 57  
DC HOP2   H N N 58  
DC "H5'"  H N N 59  
DC "H5''" H N N 60  
DC "H4'"  H N N 61  
DC "H3'"  H N N 62  
DC "HO3'" H N N 63  
DC "H2'"  H N N 64  
DC "H2''" H N N 65  
DC "H1'"  H N N 66  
DC H41    H N N 67  
DC H42    H N N 68  
DC H5     H N N 69  
DC H6     H N N 70  
DG OP3    O N N 71  
DG P      P N N 72  
DG OP1    O N N 73  
DG OP2    O N N 74  
DG "O5'"  O N N 75  
DG "C5'"  C N N 76  
DG "C4'"  C N R 77  
DG "O4'"  O N N 78  
DG "C3'"  C N S 79  
DG "O3'"  O N N 80  
DG "C2'"  C N N 81  
DG "C1'"  C N R 82  
DG N9     N Y N 83  
DG C8     C Y N 84  
DG N7     N Y N 85  
DG C5     C Y N 86  
DG C6     C N N 87  
DG O6     O N N 88  
DG N1     N N N 89  
DG C2     C N N 90  
DG N2     N N N 91  
DG N3     N N N 92  
DG C4     C Y N 93  
DG HOP3   H N N 94  
DG HOP2   H N N 95  
DG "H5'"  H N N 96  
DG "H5''" H N N 97  
DG "H4'"  H N N 98  
DG "H3'"  H N N 99  
DG "HO3'" H N N 100 
DG "H2'"  H N N 101 
DG "H2''" H N N 102 
DG "H1'"  H N N 103 
DG H8     H N N 104 
DG H1     H N N 105 
DG H21    H N N 106 
DG H22    H N N 107 
DT OP3    O N N 108 
DT P      P N N 109 
DT OP1    O N N 110 
DT OP2    O N N 111 
DT "O5'"  O N N 112 
DT "C5'"  C N N 113 
DT "C4'"  C N R 114 
DT "O4'"  O N N 115 
DT "C3'"  C N S 116 
DT "O3'"  O N N 117 
DT "C2'"  C N N 118 
DT "C1'"  C N R 119 
DT N1     N N N 120 
DT C2     C N N 121 
DT O2     O N N 122 
DT N3     N N N 123 
DT C4     C N N 124 
DT O4     O N N 125 
DT C5     C N N 126 
DT C7     C N N 127 
DT C6     C N N 128 
DT HOP3   H N N 129 
DT HOP2   H N N 130 
DT "H5'"  H N N 131 
DT "H5''" H N N 132 
DT "H4'"  H N N 133 
DT "H3'"  H N N 134 
DT "HO3'" H N N 135 
DT "H2'"  H N N 136 
DT "H2''" H N N 137 
DT "H1'"  H N N 138 
DT H3     H N N 139 
DT H71    H N N 140 
DT H72    H N N 141 
DT H73    H N N 142 
DT H6     H N N 143 
# 
loop_
_chem_comp_bond.comp_id 
_chem_comp_bond.atom_id_1 
_chem_comp_bond.atom_id_2 
_chem_comp_bond.value_order 
_chem_comp_bond.pdbx_aromatic_flag 
_chem_comp_bond.pdbx_stereo_config 
_chem_comp_bond.pdbx_ordinal 
DA OP3   P      sing N N 1   
DA OP3   HOP3   sing N N 2   
DA P     OP1    doub N N 3   
DA P     OP2    sing N N 4   
DA P     "O5'"  sing N N 5   
DA OP2   HOP2   sing N N 6   
DA "O5'" "C5'"  sing N N 7   
DA "C5'" "C4'"  sing N N 8   
DA "C5'" "H5'"  sing N N 9   
DA "C5'" "H5''" sing N N 10  
DA "C4'" "O4'"  sing N N 11  
DA "C4'" "C3'"  sing N N 12  
DA "C4'" "H4'"  sing N N 13  
DA "O4'" "C1'"  sing N N 14  
DA "C3'" "O3'"  sing N N 15  
DA "C3'" "C2'"  sing N N 16  
DA "C3'" "H3'"  sing N N 17  
DA "O3'" "HO3'" sing N N 18  
DA "C2'" "C1'"  sing N N 19  
DA "C2'" "H2'"  sing N N 20  
DA "C2'" "H2''" sing N N 21  
DA "C1'" N9     sing N N 22  
DA "C1'" "H1'"  sing N N 23  
DA N9    C8     sing Y N 24  
DA N9    C4     sing Y N 25  
DA C8    N7     doub Y N 26  
DA C8    H8     sing N N 27  
DA N7    C5     sing Y N 28  
DA C5    C6     sing Y N 29  
DA C5    C4     doub Y N 30  
DA C6    N6     sing N N 31  
DA C6    N1     doub Y N 32  
DA N6    H61    sing N N 33  
DA N6    H62    sing N N 34  
DA N1    C2     sing Y N 35  
DA C2    N3     doub Y N 36  
DA C2    H2     sing N N 37  
DA N3    C4     sing Y N 38  
DC OP3   P      sing N N 39  
DC OP3   HOP3   sing N N 40  
DC P     OP1    doub N N 41  
DC P     OP2    sing N N 42  
DC P     "O5'"  sing N N 43  
DC OP2   HOP2   sing N N 44  
DC "O5'" "C5'"  sing N N 45  
DC "C5'" "C4'"  sing N N 46  
DC "C5'" "H5'"  sing N N 47  
DC "C5'" "H5''" sing N N 48  
DC "C4'" "O4'"  sing N N 49  
DC "C4'" "C3'"  sing N N 50  
DC "C4'" "H4'"  sing N N 51  
DC "O4'" "C1'"  sing N N 52  
DC "C3'" "O3'"  sing N N 53  
DC "C3'" "C2'"  sing N N 54  
DC "C3'" "H3'"  sing N N 55  
DC "O3'" "HO3'" sing N N 56  
DC "C2'" "C1'"  sing N N 57  
DC "C2'" "H2'"  sing N N 58  
DC "C2'" "H2''" sing N N 59  
DC "C1'" N1     sing N N 60  
DC "C1'" "H1'"  sing N N 61  
DC N1    C2     sing N N 62  
DC N1    C6     sing N N 63  
DC C2    O2     doub N N 64  
DC C2    N3     sing N N 65  
DC N3    C4     doub N N 66  
DC C4    N4     sing N N 67  
DC C4    C5     sing N N 68  
DC N4    H41    sing N N 69  
DC N4    H42    sing N N 70  
DC C5    C6     doub N N 71  
DC C5    H5     sing N N 72  
DC C6    H6     sing N N 73  
DG OP3   P      sing N N 74  
DG OP3   HOP3   sing N N 75  
DG P     OP1    doub N N 76  
DG P     OP2    sing N N 77  
DG P     "O5'"  sing N N 78  
DG OP2   HOP2   sing N N 79  
DG "O5'" "C5'"  sing N N 80  
DG "C5'" "C4'"  sing N N 81  
DG "C5'" "H5'"  sing N N 82  
DG "C5'" "H5''" sing N N 83  
DG "C4'" "O4'"  sing N N 84  
DG "C4'" "C3'"  sing N N 85  
DG "C4'" "H4'"  sing N N 86  
DG "O4'" "C1'"  sing N N 87  
DG "C3'" "O3'"  sing N N 88  
DG "C3'" "C2'"  sing N N 89  
DG "C3'" "H3'"  sing N N 90  
DG "O3'" "HO3'" sing N N 91  
DG "C2'" "C1'"  sing N N 92  
DG "C2'" "H2'"  sing N N 93  
DG "C2'" "H2''" sing N N 94  
DG "C1'" N9     sing N N 95  
DG "C1'" "H1'"  sing N N 96  
DG N9    C8     sing Y N 97  
DG N9    C4     sing Y N 98  
DG C8    N7     doub Y N 99  
DG C8    H8     sing N N 100 
DG N7    C5     sing Y N 101 
DG C5    C6     sing N N 102 
DG C5    C4     doub Y N 103 
DG C6    O6     doub N N 104 
DG C6    N1     sing N N 105 
DG N1    C2     sing N N 106 
DG N1    H1     sing N N 107 
DG C2    N2     sing N N 108 
DG C2    N3     doub N N 109 
DG N2    H21    sing N N 110 
DG N2    H22    sing N N 111 
DG N3    C4     sing N N 112 
DT OP3   P      sing N N 113 
DT OP3   HOP3   sing N N 114 
DT P     OP1    doub N N 115 
DT P     OP2    sing N N 116 
DT P     "O5'"  sing N N 117 
DT OP2   HOP2   sing N N 118 
DT "O5'" "C5'"  sing N N 119 
DT "C5'" "C4'"  sing N N 120 
DT "C5'" "H5'"  sing N N 121 
DT "C5'" "H5''" sing N N 122 
DT "C4'" "O4'"  sing N N 123 
DT "C4'" "C3'"  sing N N 124 
DT "C4'" "H4'"  sing N N 125 
DT "O4'" "C1'"  sing N N 126 
DT "C3'" "O3'"  sing N N 127 
DT "C3'" "C2'"  sing N N 128 
DT "C3'" "H3'"  sing N N 129 
DT "O3'" "HO3'" sing N N 130 
DT "C2'" "C1'"  sing N N 131 
DT "C2'" "H2'"  sing N N 132 
DT "C2'" "H2''" sing N N 133 
DT "C1'" N1     sing N N 134 
DT "C1'" "H1'"  sing N N 135 
DT N1    C2     sing N N 136 
DT N1    C6     sing N N 137 
DT C2    O2     doub N N 138 
DT C2    N3     sing N N 139 
DT N3    C4     sing N N 140 
DT N3    H3     sing N N 141 
DT C4    O4     doub N N 142 
DT C4    C5     sing N N 143 
DT C5    C7     sing N N 144 
DT C5    C6     doub N N 145 
DT C7    H71    sing N N 146 
DT C7    H72    sing N N 147 
DT C7    H73    sing N N 148 
DT C6    H6     sing N N 149 
# 
loop_
_ndb_struct_conf_na.entry_id 
_ndb_struct_conf_na.feature 
8CS5 'double helix'        
8CS5 'b-form double helix' 
# 
loop_
_ndb_struct_na_base_pair.model_number 
_ndb_struct_na_base_pair.i_label_asym_id 
_ndb_struct_na_base_pair.i_label_comp_id 
_ndb_struct_na_base_pair.i_label_seq_id 
_ndb_struct_na_base_pair.i_symmetry 
_ndb_struct_na_base_pair.j_label_asym_id 
_ndb_struct_na_base_pair.j_label_comp_id 
_ndb_struct_na_base_pair.j_label_seq_id 
_ndb_struct_na_base_pair.j_symmetry 
_ndb_struct_na_base_pair.shear 
_ndb_struct_na_base_pair.stretch 
_ndb_struct_na_base_pair.stagger 
_ndb_struct_na_base_pair.buckle 
_ndb_struct_na_base_pair.propeller 
_ndb_struct_na_base_pair.opening 
_ndb_struct_na_base_pair.pair_number 
_ndb_struct_na_base_pair.pair_name 
_ndb_struct_na_base_pair.i_auth_asym_id 
_ndb_struct_na_base_pair.i_auth_seq_id 
_ndb_struct_na_base_pair.i_PDB_ins_code 
_ndb_struct_na_base_pair.j_auth_asym_id 
_ndb_struct_na_base_pair.j_auth_seq_id 
_ndb_struct_na_base_pair.j_PDB_ins_code 
_ndb_struct_na_base_pair.hbond_type_28 
_ndb_struct_na_base_pair.hbond_type_12 
1 A DC 4  1_555 C DG 5 1_555 0.233  -0.103 -0.244 -3.324  -5.575  3.216  1  A_DC104:DG213_C A 104 ? C 213 ? 19 1 
1 A DA 5  1_555 C DT 4 1_555 0.045  -0.202 -0.233 -13.778 -14.741 -4.504 2  A_DA105:DT212_C A 105 ? C 212 ? 20 1 
1 A DG 6  1_555 C DC 3 1_555 -0.156 -0.070 0.179  -18.727 -12.551 -5.060 3  A_DG106:DC211_C A 106 ? C 211 ? 19 1 
1 A DC 7  1_555 C DG 2 1_555 1.328  1.169  1.669  -9.207  -2.417  40.557 4  A_DC107:DG210_C A 107 ? C 210 ? ?  1 
1 A DC 8  1_555 C DG 1 1_555 0.007  -0.099 0.494  -11.915 -12.669 2.257  5  A_DC108:DG209_C A 108 ? C 209 ? 19 1 
1 A DT 9  1_555 B DA 7 1_555 -0.112 -0.338 0.704  0.366   -2.664  9.015  6  A_DT109:DA125_B A 109 ? B 125 ? 20 1 
1 A DG 10 1_555 B DC 6 1_555 -0.377 -0.221 -0.715 -10.244 -17.183 7.919  7  A_DG110:DC124_B A 110 ? B 124 ? 19 1 
1 A DT 11 1_555 B DA 5 1_555 -0.108 -0.310 -0.641 -5.301  -12.525 7.364  8  A_DT111:DA123_B A 111 ? B 123 ? 20 1 
1 A DA 12 1_555 B DT 4 1_555 0.045  -0.250 -1.114 -12.473 -6.999  1.265  9  A_DA112:DT122_B A 112 ? B 122 ? 20 1 
1 A DC 13 1_555 B DG 3 1_555 0.184  -0.162 0.112  -4.292  -6.060  -5.645 10 A_DC113:DG121_B A 113 ? B 121 ? 19 1 
1 A DG 14 1_555 B DC 2 1_555 -0.182 -0.104 0.024  -3.079  -11.576 -6.630 11 A_DG114:DC120_B A 114 ? B 120 ? 19 1 
1 A DG 15 1_555 B DC 1 1_555 -0.148 -0.379 1.153  15.974  -5.675  -0.223 12 A_DG115:DC119_B A 115 ? B 119 ? 19 1 
1 A DA 16 1_555 D DT 9 1_555 0.177  -0.184 0.421  2.873   -21.954 -9.433 13 A_DA116:DT208_D A 116 ? D 208 ? 20 1 
1 A DC 17 1_555 D DG 8 1_555 0.263  -0.127 0.308  -4.746  -11.616 0.023  14 A_DC117:DG207_D A 117 ? D 207 ? 19 1 
1 A DA 18 1_555 D DT 7 1_555 0.071  -0.182 0.348  -14.473 -12.546 1.454  15 A_DA118:DT206_D A 118 ? D 206 ? 20 1 
1 A DT 19 1_555 D DA 6 1_555 -0.192 -0.183 0.640  -0.471  -6.057  9.607  16 A_DT119:DA205_D A 119 ? D 205 ? 20 1 
1 A DC 20 1_555 D DG 5 1_555 0.261  -0.288 0.881  2.913   -4.039  4.303  17 A_DC120:DG204_D A 120 ? D 204 ? 19 1 
1 A DA 21 1_555 D DT 4 1_555 0.150  -0.177 -1.102 -14.073 -13.017 -3.759 18 A_DA121:DT203_D A 121 ? D 203 ? 20 1 
# 
loop_
_ndb_struct_na_base_pair_step.model_number 
_ndb_struct_na_base_pair_step.i_label_asym_id_1 
_ndb_struct_na_base_pair_step.i_label_comp_id_1 
_ndb_struct_na_base_pair_step.i_label_seq_id_1 
_ndb_struct_na_base_pair_step.i_symmetry_1 
_ndb_struct_na_base_pair_step.j_label_asym_id_1 
_ndb_struct_na_base_pair_step.j_label_comp_id_1 
_ndb_struct_na_base_pair_step.j_label_seq_id_1 
_ndb_struct_na_base_pair_step.j_symmetry_1 
_ndb_struct_na_base_pair_step.i_label_asym_id_2 
_ndb_struct_na_base_pair_step.i_label_comp_id_2 
_ndb_struct_na_base_pair_step.i_label_seq_id_2 
_ndb_struct_na_base_pair_step.i_symmetry_2 
_ndb_struct_na_base_pair_step.j_label_asym_id_2 
_ndb_struct_na_base_pair_step.j_label_comp_id_2 
_ndb_struct_na_base_pair_step.j_label_seq_id_2 
_ndb_struct_na_base_pair_step.j_symmetry_2 
_ndb_struct_na_base_pair_step.shift 
_ndb_struct_na_base_pair_step.slide 
_ndb_struct_na_base_pair_step.rise 
_ndb_struct_na_base_pair_step.tilt 
_ndb_struct_na_base_pair_step.roll 
_ndb_struct_na_base_pair_step.twist 
_ndb_struct_na_base_pair_step.x_displacement 
_ndb_struct_na_base_pair_step.y_displacement 
_ndb_struct_na_base_pair_step.helical_rise 
_ndb_struct_na_base_pair_step.inclination 
_ndb_struct_na_base_pair_step.tip 
_ndb_struct_na_base_pair_step.helical_twist 
_ndb_struct_na_base_pair_step.step_number 
_ndb_struct_na_base_pair_step.step_name 
_ndb_struct_na_base_pair_step.i_auth_asym_id_1 
_ndb_struct_na_base_pair_step.i_auth_seq_id_1 
_ndb_struct_na_base_pair_step.i_PDB_ins_code_1 
_ndb_struct_na_base_pair_step.j_auth_asym_id_1 
_ndb_struct_na_base_pair_step.j_auth_seq_id_1 
_ndb_struct_na_base_pair_step.j_PDB_ins_code_1 
_ndb_struct_na_base_pair_step.i_auth_asym_id_2 
_ndb_struct_na_base_pair_step.i_auth_seq_id_2 
_ndb_struct_na_base_pair_step.i_PDB_ins_code_2 
_ndb_struct_na_base_pair_step.j_auth_asym_id_2 
_ndb_struct_na_base_pair_step.j_auth_seq_id_2 
_ndb_struct_na_base_pair_step.j_PDB_ins_code_2 
1 A DC 4  1_555 C DG 5 1_555 A DA 5  1_555 C DT 4 1_555 -1.564 0.920  3.466 -9.301  5.132   39.186 0.678  1.081  3.811 7.486   
13.568  40.545 1  AA_DC104DA105:DT212DG213_CC A 104 ? C 213 ? A 105 ? C 212 ? 
1 A DA 5  1_555 C DT 4 1_555 A DG 6  1_555 C DC 3 1_555 0.256  -0.018 3.185 -7.253  3.729   38.285 -0.460 -1.225 3.072 5.608   
10.908  39.112 2  AA_DA105DG106:DC211DT212_CC A 105 ? C 212 ? A 106 ? C 211 ? 
1 A DG 6  1_555 C DC 3 1_555 A DC 7  1_555 C DG 2 1_555 2.648  -0.022 3.066 -12.601 1.655   26.965 -0.306 -7.170 1.682 3.324   
25.315  29.760 3  AA_DG106DC107:DG210DC211_CC A 106 ? C 211 ? A 107 ? C 210 ? 
1 A DC 7  1_555 C DG 2 1_555 A DC 8  1_555 C DG 1 1_555 -3.250 -0.136 2.807 -6.957  -10.685 45.118 0.661  3.550  3.199 -13.607 
8.860   46.794 4  AA_DC107DC108:DG209DG210_CC A 107 ? C 210 ? A 108 ? C 209 ? 
1 A DC 8  1_555 C DG 1 1_555 A DT 9  1_555 B DA 7 1_555 -0.486 -1.608 2.993 -6.785  -2.123  23.231 -3.181 -0.896 3.138 -5.121  
16.365  24.281 5  AA_DC108DT109:DA125DG209_BC A 108 ? C 209 ? A 109 ? B 125 ? 
1 A DT 9  1_555 B DA 7 1_555 A DG 10 1_555 B DC 6 1_555 -0.087 0.526  3.720 6.685   28.902  25.905 -3.474 1.114  2.853 48.475  
-11.213 39.191 6  AA_DT109DG110:DC124DA125_BB A 109 ? B 125 ? A 110 ? B 124 ? 
1 A DG 10 1_555 B DC 6 1_555 A DT 11 1_555 B DA 5 1_555 -1.433 -0.695 3.020 -2.717  0.840   29.860 -1.506 2.244  3.115 1.626   
5.257   29.992 7  AA_DG110DT111:DA123DC124_BB A 110 ? B 124 ? A 111 ? B 123 ? 
1 A DT 11 1_555 B DA 5 1_555 A DA 12 1_555 B DT 4 1_555 -0.597 2.022  3.617 -1.008  -0.282  44.575 2.694  0.684  3.617 -0.371  
1.329   44.587 8  AA_DT111DA112:DT122DA123_BB A 111 ? B 123 ? A 112 ? B 122 ? 
1 A DA 12 1_555 B DT 4 1_555 A DC 13 1_555 B DG 3 1_555 -1.109 0.305  2.952 -10.791 2.267   32.024 0.172  0.230  3.164 3.965   
18.874  33.822 9  AA_DA112DC113:DG121DT122_BB A 112 ? B 122 ? A 113 ? B 121 ? 
1 A DC 13 1_555 B DG 3 1_555 A DG 14 1_555 B DC 2 1_555 0.260  2.545  3.190 -0.999  -4.320  39.843 4.175  -0.486 2.903 -6.315  
1.460   40.079 10 AA_DC113DG114:DC120DG121_BB A 113 ? B 121 ? A 114 ? B 120 ? 
1 A DG 14 1_555 B DC 2 1_555 A DG 15 1_555 B DC 1 1_555 1.188  -0.296 2.573 -11.820 -7.779  37.009 0.243  -2.791 2.128 -11.742 
17.842  39.534 11 AA_DG114DG115:DC119DC120_BB A 114 ? B 120 ? A 115 ? B 119 ? 
1 A DG 15 1_555 B DC 1 1_555 A DA 16 1_555 D DT 9 1_555 -2.653 -1.234 3.314 -7.986  6.870   28.823 -3.797 3.320  3.527 13.255  
15.409  30.650 12 AA_DG115DA116:DT208DC119_DB A 115 ? B 119 ? A 116 ? D 208 ? 
1 A DA 16 1_555 D DT 9 1_555 A DC 17 1_555 D DG 8 1_555 0.573  -0.724 3.415 4.037   -7.320  30.198 0.155  -0.236 3.534 -13.723 
-7.567  31.308 13 AA_DA116DC117:DG207DT208_DD A 116 ? D 208 ? A 117 ? D 207 ? 
1 A DC 17 1_555 D DG 8 1_555 A DA 18 1_555 D DT 7 1_555 -0.910 0.601  3.389 -6.855  -5.638  38.654 1.578  0.502  3.379 -8.383  
10.193  39.622 14 AA_DC117DA118:DT206DG207_DD A 117 ? D 207 ? A 118 ? D 206 ? 
1 A DA 18 1_555 D DT 7 1_555 A DT 19 1_555 D DA 6 1_555 0.685  -0.668 2.893 2.503   -3.770  33.350 -0.598 -0.815 2.990 -6.532  
-4.337  33.647 15 AA_DA118DT119:DA205DT206_DD A 118 ? D 206 ? A 119 ? D 205 ? 
1 A DT 19 1_555 D DA 6 1_555 A DC 20 1_555 D DG 5 1_555 -0.449 -0.504 3.035 -3.319  2.209   27.586 -1.537 0.195  3.019 4.602   
6.915   27.867 16 AA_DT119DC120:DG204DA205_DD A 119 ? D 205 ? A 120 ? D 204 ? 
1 A DC 20 1_555 D DG 5 1_555 A DA 21 1_555 D DT 4 1_555 -1.501 -0.826 3.034 9.574   13.665  45.030 -1.943 2.497  2.355 17.161  
-12.024 47.871 17 AA_DC120DA121:DT203DG204_DD A 120 ? D 204 ? A 121 ? D 203 ? 
# 
loop_
_pdbx_audit_support.funding_organization 
_pdbx_audit_support.country 
_pdbx_audit_support.grant_number 
_pdbx_audit_support.ordinal 
'National Science Foundation (NSF, United States)' 'United States' CTS1120890    1 
'National Science Foundation (NSF, United States)' 'United States' CCF-1117210   2 
'National Science Foundation (NSF, United States)' 'United States' EFRI-1332411  3 
'National Science Foundation (NSF, United States)' 'United States' CHE-1708776   4 
'Office of Naval Research (ONR)'                   'United States' N000141110729 5 
'Office of Naval Research (ONR)'                   'United States' N000140911118 6 
'Department of Energy (DOE, United States)'        'United States' DESC0007991   7 
# 
_pdbx_initial_refinement_model.id               1 
_pdbx_initial_refinement_model.entity_id_list   ? 
_pdbx_initial_refinement_model.type             'experimental model' 
_pdbx_initial_refinement_model.source_name      PDB 
_pdbx_initial_refinement_model.accession_code   7R96 
_pdbx_initial_refinement_model.details          ? 
# 
_pdbx_struct_assembly_auth_evidence.id                     1 
_pdbx_struct_assembly_auth_evidence.assembly_id            1 
_pdbx_struct_assembly_auth_evidence.experimental_support   'native gel electrophoresis' 
_pdbx_struct_assembly_auth_evidence.details                ? 
# 
_space_group.name_H-M_alt     'P 63' 
_space_group.name_Hall        'P 6c' 
_space_group.IT_number        173 
_space_group.crystal_system   hexagonal 
_space_group.id               1 
# 
